data_7DRB
#
_entry.id   7DRB
#
_cell.length_a   103.888
_cell.length_b   92.844
_cell.length_c   154.526
_cell.angle_alpha   90.000
_cell.angle_beta   107.910
_cell.angle_gamma   90.000
#
_symmetry.space_group_name_H-M   'P 1 21 1'
#
loop_
_entity.id
_entity.type
_entity.pdbx_description
1 polymer 'Cell 12A endoglucanase'
2 polymer 'Membrane-localized LRR receptor-like protein'
3 branched alpha-D-mannopyranose-(1-2)-alpha-D-mannopyranose-(1-3)-[alpha-D-mannopyranose-(1-2)-alpha-D-mannopyranose-(1-6)]alpha-D-mannopyranose-(1-6)-[alpha-D-mannopyranose-(1-2)-alpha-D-mannopyranose-(1-3)]beta-D-mannopyranose-(1-4)-2-acetamido-2-deoxy-beta-D-glucopyranose-(1-4)-2-acetamido-2-deoxy-beta-D-glucopyranose
4 branched 2-acetamido-2-deoxy-beta-D-glucopyranose-(1-4)-2-acetamido-2-deoxy-beta-D-glucopyranose
5 branched beta-D-mannopyranose-(1-4)-2-acetamido-2-deoxy-beta-D-glucopyranose-(1-4)-2-acetamido-2-deoxy-beta-D-glucopyranose
6 branched alpha-D-mannopyranose-(1-2)-alpha-D-mannopyranose-(1-3)-[alpha-D-mannopyranose-(1-6)-alpha-D-mannopyranose-(1-6)]beta-D-mannopyranose-(1-4)-2-acetamido-2-deoxy-beta-D-glucopyranose-(1-4)-2-acetamido-2-deoxy-beta-D-glucopyranose
7 non-polymer 2-acetamido-2-deoxy-beta-D-glucopyranose
#
loop_
_entity_poly.entity_id
_entity_poly.type
_entity_poly.pdbx_seq_one_letter_code
_entity_poly.pdbx_strand_id
1 'polypeptide(L)'
;MKGFFAGVVAAATLAVASAGDYCGQWDWAKSTNYIVYNNLWNKNAAASGSQCTGVDKISGSTIAWHTSYTWTGGAATEVK
SYSNAALVFSKKQIKNIKSIPTKMKYSYSHSSGTFVADVSYDLFTSSTASGSNEYEIMIWLAAYGGAGPISSTGKAIATV
TIGSNSFKLYKGPNGSTTVFSFVATKTITNFSADLQKFLSYLTKNQGLPSSQYLITLEAGTEPFVGTNAKMTVSSFSAAV
N
;
A,B
2 'polypeptide(L)'
;MGKREYPSSAHFLVTLSLLLLQAAFGLTLCIEKERDALLEFKRGLSDNFGQLSTWGDEEDKKECCKWKGIECNKTTGHVI
VLDLHNAFTCSASACFAPRLTGKLSPSLLELEYLNFLDLSVNEFERSEIPRFICSFKRLEYLNLSSSFFSGLIPTQFKNL
TSLRILDLGYNNLIVKDLTWLSHLSSLELLSLGGSDFQVKNWFQEITKLPLLKELDLSLCGLSKLVPSPAEIANSSLISL
SVLHLCCNEFSSSAKYSWLFNFSTSLTSIDLSNNQLDGQIDDRFGNLMYLEHLNLANELNLKGGIPSSFGNLTRLRYLDM
SNTRTYQWLPELFVRLSGSRKTLEVLGLNDNSMFGSLVDVTRFSALKRLYLQKNVLNGFFMERFGQVSSLEYLDLSDNQM
RGPLPDLALFPSLRELHLGSNHFNGRIPQGIGKLSQLKILDVSSNRLEGLPESMGQLSNLESFDASYNVLKGTITESHLS
NLSSLVDLDLSFNSLALKTSIDWLPPFQLQVINLPSCNLGPSFPKWLQSQNNYTVLDISLANISDALPSWFSGLPPDIKI
LNLSNNQISGRVSDLIENAYDYMVIDLSSNNFSGPLPLVPTNVQIFYLHKNQFFGSISSICKSTTGATSLDLSHNQFSGE
LPDCWMNATNLAVLNLAYNNFSGKLPQSLGSLTNLEALYMRQNSFSGMLPSLSQCQSLQILDLGGNKLTGRIPAWIGTDL
LNLRILSLRFNKFYGSISPIICQLQFLQILDLSANGLAGKIPQCFNNFTLLHQENGLGEPMEFLVQGFYGKYPRHYSYLG
NLLVQWKNQEAEYKNPLTYLKTIDLSSNKLVGGIPKEMAEMRGLKSLNLSRNDLNGSIIKGIGQMKMLESLDLSRNQLSG
MIPKDLANLTFIGVLDLSNNHLSGRIPSSTQLQTFERSSYSGNAQLCGPPLQEC
;
C,D
#
# COMPACT_ATOMS: atom_id res chain seq x y z
N GLY A 20 31.20 -8.20 7.27
CA GLY A 20 31.23 -8.29 5.82
C GLY A 20 30.22 -9.27 5.29
N ASP A 21 29.53 -8.91 4.20
CA ASP A 21 28.46 -9.74 3.68
C ASP A 21 28.99 -10.88 2.82
N TYR A 22 28.33 -12.05 2.92
CA TYR A 22 28.81 -13.31 2.35
C TYR A 22 27.69 -14.16 1.79
N CYS A 23 27.92 -14.73 0.60
CA CYS A 23 26.85 -15.23 -0.25
C CYS A 23 26.78 -16.76 -0.33
N GLY A 24 27.52 -17.46 0.54
CA GLY A 24 27.57 -18.90 0.44
C GLY A 24 26.29 -19.56 0.90
N GLN A 25 25.96 -20.68 0.26
CA GLN A 25 24.68 -21.35 0.50
C GLN A 25 24.47 -21.67 1.98
N TRP A 26 25.40 -22.41 2.59
CA TRP A 26 25.25 -22.76 4.00
C TRP A 26 26.25 -22.03 4.89
N ASP A 27 26.71 -20.87 4.46
CA ASP A 27 27.66 -20.10 5.26
C ASP A 27 27.03 -19.59 6.55
N TRP A 28 27.89 -19.35 7.55
CA TRP A 28 27.42 -18.84 8.83
C TRP A 28 28.42 -17.85 9.42
N ALA A 29 28.14 -17.43 10.65
CA ALA A 29 29.04 -16.47 11.32
C ALA A 29 28.85 -16.51 12.84
N LYS A 30 29.59 -17.36 13.54
CA LYS A 30 29.34 -17.44 15.00
C LYS A 30 29.68 -16.08 15.58
N SER A 31 28.81 -15.55 16.41
CA SER A 31 29.02 -14.20 17.00
C SER A 31 28.75 -14.25 18.49
N THR A 32 29.64 -14.85 19.27
CA THR A 32 29.42 -14.78 20.72
C THR A 32 28.06 -15.42 21.00
N ASN A 33 27.17 -14.69 21.67
CA ASN A 33 25.86 -15.23 22.09
C ASN A 33 25.03 -15.68 20.89
N TYR A 34 25.06 -14.93 19.79
CA TYR A 34 24.14 -15.28 18.68
C TYR A 34 24.89 -15.70 17.40
N ILE A 35 24.38 -16.73 16.72
CA ILE A 35 24.96 -17.17 15.42
C ILE A 35 23.97 -16.82 14.32
N VAL A 36 24.43 -16.13 13.28
CA VAL A 36 23.51 -15.66 12.21
C VAL A 36 23.73 -16.53 10.98
N TYR A 37 22.99 -17.62 10.88
CA TYR A 37 23.18 -18.54 9.76
C TYR A 37 22.52 -17.95 8.53
N ASN A 38 23.04 -18.24 7.36
CA ASN A 38 22.28 -17.88 6.16
C ASN A 38 21.98 -19.24 5.57
N ASN A 39 20.73 -19.56 5.38
CA ASN A 39 20.51 -20.85 4.72
C ASN A 39 19.74 -20.56 3.46
N LEU A 40 20.26 -20.99 2.35
CA LEU A 40 19.50 -20.87 1.10
C LEU A 40 19.06 -22.31 0.94
N TRP A 41 18.52 -22.84 2.02
CA TRP A 41 18.26 -24.27 2.01
C TRP A 41 17.35 -24.69 0.87
N ASN A 42 16.78 -23.76 0.14
CA ASN A 42 15.93 -24.07 -0.99
C ASN A 42 16.28 -23.23 -2.19
N LYS A 43 17.56 -22.99 -2.43
CA LYS A 43 17.94 -22.13 -3.55
C LYS A 43 17.48 -22.69 -4.89
N ASN A 44 17.60 -24.00 -5.08
CA ASN A 44 17.32 -24.58 -6.40
C ASN A 44 15.83 -24.87 -6.54
N ALA A 45 15.05 -23.82 -6.31
CA ALA A 45 13.62 -23.85 -6.49
C ALA A 45 13.25 -23.33 -7.87
N ALA A 46 14.22 -23.33 -8.80
CA ALA A 46 14.23 -22.69 -10.10
C ALA A 46 14.13 -21.17 -9.96
N ALA A 47 14.15 -20.71 -8.70
CA ALA A 47 14.20 -19.29 -8.42
C ALA A 47 15.56 -18.84 -8.93
N SER A 48 15.59 -18.06 -10.00
CA SER A 48 16.86 -17.64 -10.63
C SER A 48 17.36 -16.36 -9.96
N GLY A 49 18.09 -16.55 -8.86
CA GLY A 49 18.51 -15.44 -8.02
C GLY A 49 19.62 -15.79 -7.06
N SER A 50 19.96 -14.81 -6.22
CA SER A 50 21.07 -14.90 -5.29
C SER A 50 20.74 -14.14 -4.01
N GLN A 51 21.33 -14.61 -2.92
CA GLN A 51 21.14 -13.97 -1.64
C GLN A 51 22.48 -13.86 -0.91
N CYS A 52 22.70 -12.71 -0.27
CA CYS A 52 23.97 -12.46 0.38
C CYS A 52 23.69 -11.70 1.68
N THR A 53 23.98 -12.34 2.81
CA THR A 53 23.65 -11.88 4.16
C THR A 53 24.86 -11.18 4.81
N GLY A 54 24.75 -10.75 6.08
CA GLY A 54 25.92 -10.23 6.79
C GLY A 54 25.72 -9.39 8.06
N VAL A 55 26.62 -9.55 9.06
CA VAL A 55 26.51 -8.90 10.38
C VAL A 55 27.16 -7.51 10.37
N ASP A 56 26.47 -6.53 10.96
CA ASP A 56 26.93 -5.14 11.00
C ASP A 56 27.56 -4.73 12.33
N LYS A 57 26.93 -5.06 13.45
CA LYS A 57 27.30 -4.46 14.73
C LYS A 57 27.27 -5.53 15.81
N ILE A 58 28.04 -5.35 16.87
CA ILE A 58 27.86 -6.21 18.02
C ILE A 58 27.83 -5.25 19.22
N SER A 59 26.93 -5.49 20.19
CA SER A 59 26.95 -4.60 21.34
C SER A 59 26.43 -5.28 22.62
N GLY A 60 27.22 -6.24 23.12
CA GLY A 60 26.79 -6.99 24.29
C GLY A 60 25.61 -7.87 23.97
N SER A 61 24.48 -7.69 24.65
CA SER A 61 23.34 -8.58 24.41
C SER A 61 22.68 -8.32 23.06
N THR A 62 22.87 -7.14 22.50
CA THR A 62 22.21 -6.78 21.25
C THR A 62 23.14 -6.89 20.03
N ILE A 63 22.63 -7.50 18.98
CA ILE A 63 23.33 -7.71 17.73
C ILE A 63 22.64 -6.86 16.66
N ALA A 64 23.32 -6.70 15.53
CA ALA A 64 22.73 -6.06 14.36
C ALA A 64 23.20 -6.74 13.09
N TRP A 65 22.31 -6.95 12.13
CA TRP A 65 22.68 -7.65 10.92
C TRP A 65 21.80 -7.20 9.77
N HIS A 66 22.09 -7.73 8.59
CA HIS A 66 21.25 -7.48 7.43
C HIS A 66 21.30 -8.70 6.52
N THR A 67 20.44 -8.74 5.51
CA THR A 67 20.64 -9.58 4.33
C THR A 67 20.26 -8.74 3.10
N SER A 68 20.23 -9.39 1.95
CA SER A 68 19.70 -8.81 0.72
C SER A 68 19.51 -9.94 -0.27
N TYR A 69 18.47 -9.87 -1.10
CA TYR A 69 18.23 -10.99 -2.02
C TYR A 69 17.48 -10.55 -3.25
N THR A 70 17.37 -11.49 -4.19
CA THR A 70 16.58 -11.30 -5.42
C THR A 70 16.22 -12.71 -5.90
N TRP A 71 15.14 -13.25 -5.38
CA TRP A 71 14.66 -14.56 -5.82
C TRP A 71 13.46 -14.29 -6.72
N THR A 72 13.51 -14.73 -7.98
CA THR A 72 12.38 -14.50 -8.88
C THR A 72 12.07 -15.78 -9.63
N GLY A 73 10.81 -16.14 -9.66
CA GLY A 73 10.35 -17.09 -10.62
C GLY A 73 10.54 -18.52 -10.16
N GLY A 74 10.40 -19.43 -11.11
CA GLY A 74 10.46 -20.83 -10.79
C GLY A 74 9.28 -21.32 -9.98
N ALA A 75 9.57 -21.69 -8.74
CA ALA A 75 8.52 -22.06 -7.78
C ALA A 75 8.35 -20.90 -6.80
N ALA A 76 7.28 -20.15 -7.00
CA ALA A 76 6.95 -19.05 -6.12
C ALA A 76 5.96 -19.47 -5.04
N THR A 77 5.49 -20.72 -5.06
CA THR A 77 4.76 -21.24 -3.91
C THR A 77 5.66 -21.48 -2.69
N GLU A 78 6.98 -21.43 -2.87
CA GLU A 78 7.92 -22.00 -1.92
C GLU A 78 8.72 -20.94 -1.18
N VAL A 79 9.24 -21.33 -0.03
CA VAL A 79 10.28 -20.55 0.61
C VAL A 79 11.59 -20.77 -0.13
N LYS A 80 12.52 -19.83 -0.01
CA LYS A 80 13.82 -20.01 -0.65
C LYS A 80 14.99 -20.04 0.33
N SER A 81 14.82 -19.36 1.45
CA SER A 81 15.94 -19.20 2.40
C SER A 81 15.42 -18.73 3.74
N TYR A 82 16.13 -19.03 4.82
CA TYR A 82 15.75 -18.48 6.15
C TYR A 82 16.97 -17.88 6.82
N SER A 83 17.42 -16.72 6.36
CA SER A 83 18.59 -16.19 7.07
C SER A 83 18.10 -16.06 8.49
N ASN A 84 18.89 -16.52 9.46
CA ASN A 84 18.36 -16.53 10.83
C ASN A 84 19.34 -15.96 11.81
N ALA A 85 18.82 -15.40 12.88
CA ALA A 85 19.71 -14.98 13.96
C ALA A 85 19.42 -16.05 14.99
N ALA A 86 20.44 -16.72 15.48
CA ALA A 86 20.11 -17.87 16.33
C ALA A 86 20.69 -17.74 17.73
N LEU A 87 20.04 -18.40 18.66
CA LEU A 87 20.66 -18.45 19.97
C LEU A 87 21.18 -19.83 20.23
N VAL A 88 22.33 -19.83 20.87
CA VAL A 88 22.86 -20.96 21.59
C VAL A 88 22.63 -20.65 23.07
N PHE A 89 22.15 -21.64 23.80
CA PHE A 89 21.75 -21.41 25.18
C PHE A 89 21.83 -22.74 25.89
N SER A 90 21.68 -22.69 27.21
CA SER A 90 21.48 -23.93 27.96
C SER A 90 20.09 -24.46 27.60
N LYS A 91 20.04 -25.54 26.82
CA LYS A 91 18.76 -26.12 26.44
C LYS A 91 18.05 -26.58 27.72
N LYS A 92 16.92 -25.96 28.01
CA LYS A 92 16.23 -26.09 29.28
C LYS A 92 14.80 -26.51 28.99
N GLN A 93 14.18 -27.25 29.91
CA GLN A 93 12.82 -27.74 29.64
C GLN A 93 11.83 -26.59 29.68
N ILE A 94 10.71 -26.74 28.98
CA ILE A 94 9.73 -25.64 28.96
C ILE A 94 9.23 -25.32 30.37
N LYS A 95 9.05 -26.35 31.21
CA LYS A 95 8.60 -26.17 32.58
C LYS A 95 9.49 -25.18 33.32
N ASN A 96 10.80 -25.28 33.11
CA ASN A 96 11.79 -24.63 33.94
C ASN A 96 12.35 -23.38 33.30
N ILE A 97 11.64 -22.82 32.33
CA ILE A 97 11.98 -21.50 31.85
C ILE A 97 11.11 -20.51 32.61
N LYS A 98 11.76 -19.52 33.23
CA LYS A 98 11.08 -18.40 33.85
C LYS A 98 10.80 -17.33 32.83
N SER A 99 11.73 -17.13 31.91
CA SER A 99 11.58 -16.03 31.00
C SER A 99 12.41 -16.32 29.76
N ILE A 100 11.80 -16.09 28.60
CA ILE A 100 12.49 -16.13 27.32
C ILE A 100 12.33 -14.72 26.76
N PRO A 101 12.95 -13.70 27.37
CA PRO A 101 12.79 -12.34 26.84
C PRO A 101 13.46 -12.18 25.48
N THR A 102 12.87 -11.30 24.66
CA THR A 102 13.43 -11.00 23.35
C THR A 102 12.88 -9.69 22.84
N LYS A 103 13.65 -9.07 21.93
CA LYS A 103 13.17 -7.92 21.17
C LYS A 103 13.82 -7.89 19.81
N MET A 104 13.19 -7.16 18.91
CA MET A 104 13.65 -7.09 17.53
C MET A 104 13.20 -5.79 16.90
N LYS A 105 14.12 -5.11 16.19
CA LYS A 105 13.71 -3.96 15.38
C LYS A 105 14.34 -4.01 14.00
N TYR A 106 13.50 -3.83 12.99
CA TYR A 106 13.94 -3.94 11.61
C TYR A 106 13.08 -3.05 10.71
N SER A 107 13.54 -2.92 9.47
CA SER A 107 12.81 -2.23 8.42
C SER A 107 13.21 -2.93 7.14
N TYR A 108 12.38 -2.86 6.11
CA TYR A 108 12.61 -3.81 5.04
C TYR A 108 12.38 -3.07 3.72
N SER A 109 13.16 -3.36 2.67
CA SER A 109 13.12 -2.55 1.45
C SER A 109 13.09 -3.41 0.20
N HIS A 110 12.14 -3.08 -0.68
CA HIS A 110 11.95 -3.91 -1.89
C HIS A 110 11.61 -3.02 -3.07
N SER A 111 11.44 -3.62 -4.24
CA SER A 111 11.20 -2.82 -5.45
C SER A 111 10.21 -3.52 -6.36
N SER A 112 9.56 -2.76 -7.24
CA SER A 112 8.70 -3.38 -8.27
C SER A 112 7.53 -4.19 -7.73
N GLY A 113 7.37 -5.43 -8.21
CA GLY A 113 6.15 -6.22 -7.94
C GLY A 113 6.39 -7.65 -7.54
N THR A 114 5.33 -8.34 -7.16
CA THR A 114 5.45 -9.76 -6.77
C THR A 114 6.40 -9.89 -5.59
N PHE A 115 6.27 -9.01 -4.61
CA PHE A 115 7.08 -9.20 -3.38
C PHE A 115 6.29 -10.08 -2.41
N VAL A 116 6.76 -11.31 -2.21
CA VAL A 116 6.11 -12.27 -1.29
C VAL A 116 7.19 -12.73 -0.32
N ALA A 117 6.88 -12.73 0.98
CA ALA A 117 7.87 -13.12 1.99
C ALA A 117 7.25 -12.96 3.37
N ASP A 118 7.96 -13.34 4.43
CA ASP A 118 7.47 -13.10 5.78
C ASP A 118 8.66 -12.74 6.66
N VAL A 119 8.38 -12.37 7.90
CA VAL A 119 9.39 -12.22 8.93
C VAL A 119 8.92 -12.99 10.15
N SER A 120 9.71 -13.98 10.59
CA SER A 120 9.25 -14.87 11.65
C SER A 120 10.34 -15.27 12.63
N TYR A 121 9.91 -15.52 13.86
CA TYR A 121 10.68 -16.32 14.79
C TYR A 121 10.40 -17.80 14.53
N ASP A 122 11.36 -18.64 14.84
CA ASP A 122 11.23 -20.07 14.67
C ASP A 122 11.85 -20.76 15.89
N LEU A 123 11.02 -21.40 16.72
CA LEU A 123 11.51 -22.14 17.87
C LEU A 123 11.18 -23.59 17.58
N PHE A 124 11.93 -24.52 18.18
CA PHE A 124 11.65 -25.93 18.01
C PHE A 124 11.79 -26.62 19.37
N THR A 125 11.21 -27.81 19.47
CA THR A 125 11.26 -28.59 20.70
C THR A 125 11.32 -30.07 20.37
N SER A 126 12.02 -30.84 21.21
CA SER A 126 12.05 -32.30 21.12
C SER A 126 12.02 -32.89 22.54
N SER A 127 11.87 -34.22 22.58
CA SER A 127 11.79 -34.95 23.84
C SER A 127 13.07 -34.77 24.61
N THR A 128 14.16 -35.10 23.94
CA THR A 128 15.55 -35.04 24.35
C THR A 128 16.22 -33.73 23.95
N ALA A 129 17.16 -33.30 24.79
CA ALA A 129 17.94 -32.09 24.52
C ALA A 129 18.57 -32.12 23.14
N SER A 130 18.77 -33.31 22.57
CA SER A 130 19.44 -33.48 21.29
C SER A 130 18.59 -34.22 20.27
N GLY A 131 17.25 -34.13 20.39
CA GLY A 131 16.37 -34.93 19.57
C GLY A 131 15.87 -34.28 18.33
N SER A 132 15.26 -35.12 17.50
CA SER A 132 14.67 -34.61 16.27
C SER A 132 13.50 -33.68 16.59
N ASN A 133 13.43 -32.57 15.84
CA ASN A 133 12.39 -31.57 16.07
C ASN A 133 11.03 -32.23 15.99
N GLU A 134 10.23 -32.00 17.02
CA GLU A 134 8.93 -32.61 17.20
C GLU A 134 7.82 -31.59 17.20
N TYR A 135 8.10 -30.45 17.80
CA TYR A 135 7.25 -29.29 17.72
C TYR A 135 8.05 -28.10 17.17
N GLU A 136 7.37 -27.25 16.43
CA GLU A 136 7.92 -26.01 15.89
C GLU A 136 6.96 -24.88 16.21
N ILE A 137 7.50 -23.78 16.73
CA ILE A 137 6.71 -22.62 17.12
C ILE A 137 7.18 -21.47 16.25
N MET A 138 6.34 -20.98 15.35
CA MET A 138 6.70 -19.80 14.58
C MET A 138 5.88 -18.66 15.17
N ILE A 139 6.43 -17.46 15.14
CA ILE A 139 5.72 -16.28 15.59
C ILE A 139 6.00 -15.19 14.55
N TRP A 140 5.07 -14.99 13.61
CA TRP A 140 5.33 -14.14 12.46
C TRP A 140 5.04 -12.67 12.79
N LEU A 141 6.08 -11.85 12.70
CA LEU A 141 5.93 -10.40 12.79
C LEU A 141 5.47 -9.79 11.49
N ALA A 142 5.59 -10.48 10.35
CA ALA A 142 5.09 -9.81 9.15
C ALA A 142 4.76 -10.79 8.02
N ALA A 143 3.66 -10.52 7.29
CA ALA A 143 3.23 -11.39 6.18
C ALA A 143 2.80 -10.54 4.98
N TYR A 144 3.51 -10.73 3.87
CA TYR A 144 3.46 -9.92 2.67
C TYR A 144 2.98 -10.74 1.47
N GLY A 145 2.30 -10.08 0.54
CA GLY A 145 2.15 -10.65 -0.79
C GLY A 145 1.33 -11.90 -0.89
N GLY A 146 0.83 -12.42 0.22
CA GLY A 146 0.12 -13.67 0.23
C GLY A 146 0.85 -14.77 0.96
N ALA A 147 1.97 -14.46 1.60
CA ALA A 147 2.70 -15.44 2.38
C ALA A 147 2.00 -15.74 3.70
N GLY A 148 1.81 -17.03 4.01
CA GLY A 148 1.11 -17.45 5.21
C GLY A 148 1.53 -18.81 5.73
N PRO A 149 1.28 -19.09 7.00
CA PRO A 149 1.82 -20.30 7.61
C PRO A 149 1.06 -21.56 7.26
N ILE A 150 1.79 -22.69 7.37
CA ILE A 150 1.20 -23.98 7.08
C ILE A 150 0.05 -24.20 8.02
N SER A 151 -1.09 -24.47 7.43
CA SER A 151 -2.30 -24.64 8.20
C SER A 151 -3.02 -25.80 7.55
N SER A 152 -3.50 -26.73 8.36
CA SER A 152 -4.15 -27.90 7.81
C SER A 152 -5.59 -27.59 7.38
N THR A 153 -6.08 -26.41 7.75
CA THR A 153 -7.44 -25.95 7.63
C THR A 153 -7.59 -24.72 6.73
N GLY A 154 -6.60 -23.85 6.80
CA GLY A 154 -6.69 -22.58 6.07
C GLY A 154 -7.20 -21.54 7.04
N LYS A 155 -7.61 -21.98 8.23
CA LYS A 155 -8.27 -21.06 9.17
C LYS A 155 -7.66 -21.17 10.57
N ALA A 156 -7.64 -20.07 11.31
CA ALA A 156 -7.02 -20.02 12.65
C ALA A 156 -7.69 -20.92 13.66
N ILE A 157 -6.91 -21.67 14.42
CA ILE A 157 -7.46 -22.45 15.57
C ILE A 157 -7.97 -21.50 16.65
N ALA A 158 -7.24 -20.40 16.89
CA ALA A 158 -7.65 -19.44 17.93
C ALA A 158 -6.97 -18.08 17.77
N THR A 159 -7.44 -17.05 18.48
CA THR A 159 -6.80 -15.72 18.49
C THR A 159 -6.35 -15.41 19.91
N VAL A 160 -5.12 -14.94 20.10
CA VAL A 160 -4.60 -14.70 21.46
C VAL A 160 -4.00 -13.31 21.53
N THR A 161 -4.05 -12.67 22.69
CA THR A 161 -3.37 -11.39 22.82
C THR A 161 -2.27 -11.48 23.88
N ILE A 162 -1.07 -10.99 23.53
CA ILE A 162 0.13 -11.05 24.37
C ILE A 162 0.87 -9.73 24.32
N GLY A 163 1.01 -9.07 25.47
CA GLY A 163 1.89 -7.91 25.62
C GLY A 163 1.66 -6.79 24.62
N SER A 164 0.39 -6.48 24.32
CA SER A 164 -0.06 -5.42 23.41
C SER A 164 -0.03 -5.85 21.94
N ASN A 165 0.20 -7.13 21.66
CA ASN A 165 0.13 -7.64 20.30
C ASN A 165 -1.00 -8.66 20.21
N SER A 166 -1.74 -8.63 19.11
CA SER A 166 -2.81 -9.59 18.88
C SER A 166 -2.31 -10.61 17.85
N PHE A 167 -2.46 -11.91 18.15
CA PHE A 167 -1.96 -12.96 17.30
C PHE A 167 -3.07 -13.95 16.97
N LYS A 168 -3.07 -14.46 15.74
CA LYS A 168 -3.94 -15.53 15.29
C LYS A 168 -3.10 -16.81 15.19
N LEU A 169 -3.56 -17.89 15.79
CA LEU A 169 -2.79 -19.14 15.81
C LEU A 169 -3.26 -20.12 14.75
N TYR A 170 -2.32 -20.61 13.95
CA TYR A 170 -2.58 -21.68 12.99
C TYR A 170 -1.76 -22.91 13.37
N LYS A 171 -2.27 -24.10 13.06
CA LYS A 171 -1.49 -25.31 13.31
C LYS A 171 -1.60 -26.18 12.09
N GLY A 172 -0.48 -26.81 11.71
CA GLY A 172 -0.44 -27.73 10.59
C GLY A 172 0.81 -28.61 10.57
N PRO A 173 0.82 -29.64 9.70
CA PRO A 173 1.93 -30.61 9.74
C PRO A 173 3.07 -30.38 8.74
N ASN A 174 4.31 -30.33 9.23
CA ASN A 174 5.50 -30.37 8.38
C ASN A 174 6.12 -31.76 8.54
N GLY A 175 5.64 -32.71 7.71
CA GLY A 175 5.97 -34.11 7.94
C GLY A 175 5.64 -34.55 9.35
N SER A 176 6.69 -34.85 10.14
CA SER A 176 6.48 -35.27 11.53
C SER A 176 6.37 -34.08 12.46
N THR A 177 6.96 -32.94 12.12
CA THR A 177 6.89 -31.81 13.03
C THR A 177 5.47 -31.26 13.02
N THR A 178 4.98 -30.87 14.19
CA THR A 178 3.73 -30.14 14.32
C THR A 178 4.10 -28.68 14.42
N VAL A 179 3.63 -27.85 13.48
CA VAL A 179 4.06 -26.45 13.39
C VAL A 179 2.92 -25.59 13.90
N PHE A 180 3.10 -24.95 15.06
CA PHE A 180 2.22 -23.90 15.56
C PHE A 180 2.79 -22.57 15.11
N SER A 181 1.93 -21.69 14.62
CA SER A 181 2.38 -20.46 14.00
C SER A 181 1.50 -19.32 14.50
N PHE A 182 2.08 -18.30 15.12
CA PHE A 182 1.31 -17.14 15.54
C PHE A 182 1.51 -16.03 14.53
N VAL A 183 0.43 -15.39 14.11
CA VAL A 183 0.50 -14.37 13.08
C VAL A 183 0.03 -13.07 13.70
N ALA A 184 0.85 -12.03 13.61
CA ALA A 184 0.47 -10.74 14.18
C ALA A 184 -0.56 -10.05 13.30
N THR A 185 -1.70 -9.67 13.91
CA THR A 185 -2.72 -8.89 13.21
C THR A 185 -2.19 -7.52 12.79
N LYS A 186 -1.30 -6.94 13.61
CA LYS A 186 -0.55 -5.71 13.33
C LYS A 186 0.83 -6.10 12.78
N THR A 187 1.09 -5.86 11.49
CA THR A 187 2.42 -6.26 11.00
C THR A 187 3.49 -5.46 11.74
N ILE A 188 4.24 -6.14 12.60
CA ILE A 188 5.05 -5.51 13.66
C ILE A 188 6.41 -5.15 13.11
N THR A 189 6.78 -3.86 13.20
CA THR A 189 8.13 -3.43 12.85
C THR A 189 9.01 -3.24 14.07
N ASN A 190 8.46 -3.40 15.28
CA ASN A 190 9.19 -3.25 16.55
C ASN A 190 8.67 -4.27 17.56
N PHE A 191 9.16 -5.50 17.52
CA PHE A 191 8.62 -6.52 18.42
C PHE A 191 9.42 -6.54 19.71
N SER A 192 8.75 -6.91 20.80
CA SER A 192 9.40 -7.23 22.06
C SER A 192 8.41 -8.01 22.89
N ALA A 193 8.86 -9.10 23.52
CA ALA A 193 7.97 -9.90 24.36
C ALA A 193 8.75 -11.01 25.07
N ASP A 194 8.03 -11.76 25.89
CA ASP A 194 8.53 -12.96 26.58
C ASP A 194 7.99 -14.20 25.86
N LEU A 195 8.85 -14.91 25.14
CA LEU A 195 8.36 -16.08 24.43
C LEU A 195 7.99 -17.23 25.36
N GLN A 196 8.24 -17.10 26.67
CA GLN A 196 7.72 -18.09 27.60
C GLN A 196 6.20 -18.01 27.74
N LYS A 197 5.63 -16.81 27.61
CA LYS A 197 4.17 -16.67 27.59
C LYS A 197 3.58 -17.43 26.41
N PHE A 198 4.24 -17.37 25.25
CA PHE A 198 3.76 -18.11 24.06
C PHE A 198 3.89 -19.60 24.28
N LEU A 199 5.05 -20.02 24.78
CA LEU A 199 5.27 -21.45 24.99
C LEU A 199 4.30 -22.02 26.01
N SER A 200 4.04 -21.27 27.09
CA SER A 200 3.13 -21.73 28.13
C SER A 200 1.67 -21.67 27.67
N TYR A 201 1.28 -20.66 26.87
CA TYR A 201 -0.05 -20.68 26.29
C TYR A 201 -0.26 -21.98 25.54
N LEU A 202 0.70 -22.35 24.70
CA LEU A 202 0.52 -23.59 23.97
C LEU A 202 0.42 -24.77 24.93
N THR A 203 1.27 -24.82 25.97
CA THR A 203 1.21 -25.97 26.88
C THR A 203 -0.14 -26.09 27.56
N LYS A 204 -0.73 -24.97 28.00
CA LYS A 204 -2.01 -25.06 28.71
C LYS A 204 -3.17 -25.40 27.78
N ASN A 205 -3.16 -24.83 26.57
CA ASN A 205 -4.35 -24.73 25.74
C ASN A 205 -4.36 -25.61 24.50
N GLN A 206 -3.28 -25.68 23.73
CA GLN A 206 -3.33 -26.49 22.51
C GLN A 206 -2.81 -27.91 22.69
N GLY A 207 -1.85 -28.11 23.61
CA GLY A 207 -1.46 -29.46 23.96
C GLY A 207 0.01 -29.83 23.90
N LEU A 208 0.89 -28.84 23.80
CA LEU A 208 2.31 -29.10 23.83
C LEU A 208 2.70 -29.59 25.23
N PRO A 209 3.44 -30.69 25.37
CA PRO A 209 3.84 -31.15 26.71
C PRO A 209 4.87 -30.22 27.29
N SER A 210 4.78 -29.98 28.61
CA SER A 210 5.74 -29.10 29.25
C SER A 210 7.12 -29.72 29.28
N SER A 211 7.17 -31.06 29.17
CA SER A 211 8.38 -31.86 29.17
C SER A 211 9.19 -31.73 27.89
N GLN A 212 8.69 -31.03 26.88
CA GLN A 212 9.50 -30.84 25.68
C GLN A 212 10.68 -29.94 26.02
N TYR A 213 11.83 -30.24 25.41
CA TYR A 213 13.00 -29.39 25.62
C TYR A 213 13.03 -28.35 24.51
N LEU A 214 13.21 -27.09 24.89
CA LEU A 214 13.42 -26.03 23.89
C LEU A 214 14.83 -26.16 23.26
N ILE A 215 14.88 -26.29 21.92
CA ILE A 215 16.11 -26.61 21.19
C ILE A 215 16.73 -25.41 20.48
N THR A 216 15.97 -24.71 19.63
CA THR A 216 16.58 -23.65 18.84
C THR A 216 15.69 -22.43 18.81
N LEU A 217 16.29 -21.24 18.90
CA LEU A 217 15.58 -19.98 18.74
C LEU A 217 16.18 -19.24 17.56
N GLU A 218 15.35 -18.94 16.57
CA GLU A 218 15.80 -18.35 15.34
C GLU A 218 14.85 -17.20 15.01
N ALA A 219 15.36 -16.21 14.30
CA ALA A 219 14.52 -15.09 13.89
C ALA A 219 15.06 -14.58 12.58
N GLY A 220 14.30 -14.63 11.52
CA GLY A 220 14.78 -14.17 10.23
C GLY A 220 13.63 -13.95 9.29
N THR A 221 13.89 -14.07 7.99
CA THR A 221 12.80 -13.93 7.03
C THR A 221 12.81 -15.11 6.08
N GLU A 222 11.62 -15.52 5.66
CA GLU A 222 11.48 -16.53 4.62
C GLU A 222 11.01 -15.82 3.36
N PRO A 223 11.84 -15.65 2.31
CA PRO A 223 11.35 -15.08 1.04
C PRO A 223 10.76 -16.08 0.07
N PHE A 224 9.69 -15.68 -0.63
CA PHE A 224 9.13 -16.53 -1.67
C PHE A 224 9.48 -15.98 -3.04
N VAL A 225 9.23 -14.68 -3.28
CA VAL A 225 9.71 -13.97 -4.46
C VAL A 225 10.08 -12.56 -4.00
N GLY A 226 10.91 -11.89 -4.79
CA GLY A 226 11.27 -10.50 -4.54
C GLY A 226 12.50 -10.10 -5.34
N THR A 227 12.69 -8.78 -5.46
CA THR A 227 13.79 -8.21 -6.22
C THR A 227 14.37 -7.03 -5.46
N ASN A 228 15.70 -6.96 -5.38
CA ASN A 228 16.41 -5.85 -4.73
C ASN A 228 15.89 -5.60 -3.32
N ALA A 229 15.85 -6.65 -2.50
CA ALA A 229 15.37 -6.59 -1.13
C ALA A 229 16.53 -6.43 -0.15
N LYS A 230 16.26 -5.80 1.00
CA LYS A 230 17.29 -5.62 2.01
C LYS A 230 16.66 -5.38 3.38
N MET A 231 16.92 -6.27 4.33
CA MET A 231 16.46 -6.13 5.70
C MET A 231 17.57 -5.56 6.58
N THR A 232 17.24 -4.60 7.43
CA THR A 232 18.18 -4.06 8.40
C THR A 232 17.66 -4.26 9.82
N VAL A 233 18.40 -5.02 10.63
CA VAL A 233 18.03 -5.31 12.02
C VAL A 233 18.76 -4.36 12.96
N SER A 234 18.03 -3.39 13.52
CA SER A 234 18.64 -2.42 14.43
C SER A 234 19.12 -3.07 15.72
N SER A 235 18.47 -4.14 16.14
CA SER A 235 18.77 -4.87 17.36
C SER A 235 18.01 -6.18 17.31
N PHE A 236 18.61 -7.25 17.93
CA PHE A 236 17.92 -8.53 18.21
C PHE A 236 18.35 -9.10 19.58
N SER A 237 17.94 -8.47 20.67
CA SER A 237 18.21 -9.05 21.98
C SER A 237 17.32 -10.25 22.26
N ALA A 238 17.86 -11.27 22.93
CA ALA A 238 17.09 -12.50 23.16
C ALA A 238 17.76 -13.36 24.24
N ALA A 239 16.98 -14.12 25.01
CA ALA A 239 17.56 -14.86 26.12
C ALA A 239 16.72 -16.06 26.55
N VAL A 240 17.35 -16.99 27.26
CA VAL A 240 16.65 -18.06 27.98
C VAL A 240 17.12 -18.05 29.43
N ASN A 241 16.27 -17.60 30.34
CA ASN A 241 16.66 -17.52 31.74
C ASN A 241 15.76 -18.44 32.56
N LEU B 29 -23.38 -13.97 -26.59
CA LEU B 29 -24.40 -13.85 -25.56
C LEU B 29 -24.11 -12.67 -24.65
N CYS B 30 -22.96 -12.04 -24.86
CA CYS B 30 -22.40 -11.09 -23.89
C CYS B 30 -23.00 -9.70 -24.08
N ILE B 31 -23.29 -9.03 -22.95
CA ILE B 31 -23.95 -7.71 -22.91
C ILE B 31 -22.96 -6.58 -22.64
N GLU B 32 -23.09 -5.50 -23.43
CA GLU B 32 -22.03 -4.50 -23.56
C GLU B 32 -21.71 -3.81 -22.25
N LYS B 33 -22.75 -3.23 -21.60
CA LYS B 33 -22.51 -2.50 -20.36
C LYS B 33 -21.81 -3.37 -19.35
N GLU B 34 -22.03 -4.66 -19.47
CA GLU B 34 -21.47 -5.56 -18.45
C GLU B 34 -19.98 -5.68 -18.71
N ARG B 35 -19.54 -5.82 -19.95
CA ARG B 35 -18.09 -5.89 -20.13
C ARG B 35 -17.50 -4.57 -19.66
N ASP B 36 -18.16 -3.48 -20.03
CA ASP B 36 -17.58 -2.16 -19.69
C ASP B 36 -17.41 -2.12 -18.18
N ALA B 37 -18.47 -2.47 -17.47
CA ALA B 37 -18.43 -2.48 -16.01
C ALA B 37 -17.33 -3.38 -15.51
N LEU B 38 -17.28 -4.61 -16.01
CA LEU B 38 -16.31 -5.61 -15.55
C LEU B 38 -14.90 -5.13 -15.80
N LEU B 39 -14.70 -4.41 -16.91
CA LEU B 39 -13.38 -3.86 -17.19
C LEU B 39 -13.02 -2.74 -16.25
N GLU B 40 -13.98 -1.89 -15.86
CA GLU B 40 -13.58 -0.83 -14.95
C GLU B 40 -13.29 -1.41 -13.55
N PHE B 41 -14.03 -2.48 -13.22
CA PHE B 41 -13.81 -3.22 -11.98
C PHE B 41 -12.42 -3.83 -11.97
N LYS B 42 -12.01 -4.42 -13.09
CA LYS B 42 -10.63 -4.93 -13.20
C LYS B 42 -9.61 -3.79 -13.11
N ARG B 43 -9.94 -2.62 -13.68
CA ARG B 43 -8.99 -1.51 -13.67
C ARG B 43 -8.60 -1.13 -12.25
N GLY B 44 -9.51 -1.35 -11.30
CA GLY B 44 -9.08 -1.06 -9.94
C GLY B 44 -8.17 -2.07 -9.27
N LEU B 45 -8.38 -3.37 -9.55
CA LEU B 45 -7.72 -4.49 -8.88
C LEU B 45 -6.37 -4.76 -9.55
N SER B 46 -5.45 -5.33 -8.79
CA SER B 46 -4.13 -5.63 -9.33
C SER B 46 -3.85 -7.13 -9.28
N ASP B 47 -4.12 -7.81 -10.38
CA ASP B 47 -4.11 -9.27 -10.40
C ASP B 47 -2.69 -9.80 -10.18
N ASN B 48 -1.71 -9.20 -10.85
CA ASN B 48 -0.32 -9.42 -10.49
C ASN B 48 0.11 -10.83 -10.89
N PHE B 49 -0.68 -11.86 -10.57
CA PHE B 49 -0.36 -13.22 -10.95
C PHE B 49 -1.21 -13.78 -12.10
N GLY B 50 -2.05 -12.97 -12.72
CA GLY B 50 -2.93 -13.56 -13.72
C GLY B 50 -4.40 -13.52 -13.31
N GLN B 51 -5.11 -14.63 -13.55
CA GLN B 51 -6.50 -14.77 -13.11
C GLN B 51 -7.39 -13.81 -13.91
N LEU B 52 -7.04 -12.53 -13.91
CA LEU B 52 -7.72 -11.51 -14.70
C LEU B 52 -7.03 -11.18 -16.02
N SER B 53 -6.02 -11.95 -16.42
CA SER B 53 -5.37 -11.71 -17.73
C SER B 53 -6.34 -11.94 -18.89
N THR B 54 -7.30 -12.86 -18.75
CA THR B 54 -8.22 -13.17 -19.84
C THR B 54 -9.34 -12.13 -20.01
N TRP B 55 -9.25 -11.01 -19.29
CA TRP B 55 -10.24 -9.93 -19.30
C TRP B 55 -9.72 -8.73 -20.08
N GLY B 56 -10.50 -8.24 -21.04
CA GLY B 56 -10.03 -7.11 -21.84
C GLY B 56 -11.10 -6.59 -22.79
N ASP B 57 -10.82 -5.41 -23.34
CA ASP B 57 -11.73 -4.74 -24.30
C ASP B 57 -11.39 -5.08 -25.73
N GLU B 58 -10.47 -6.01 -25.91
CA GLU B 58 -9.82 -6.36 -27.16
C GLU B 58 -10.80 -7.12 -28.05
N GLU B 59 -10.55 -7.08 -29.37
CA GLU B 59 -11.40 -7.89 -30.26
C GLU B 59 -11.26 -9.37 -29.95
N ASP B 60 -10.04 -9.84 -29.72
CA ASP B 60 -9.84 -11.25 -29.47
C ASP B 60 -10.55 -11.74 -28.19
N LYS B 61 -10.73 -10.87 -27.19
CA LYS B 61 -11.45 -11.13 -25.92
C LYS B 61 -12.89 -10.63 -25.97
N LYS B 62 -13.61 -10.96 -27.02
CA LYS B 62 -14.81 -10.21 -27.30
C LYS B 62 -16.09 -10.83 -26.74
N GLU B 63 -16.06 -12.05 -26.25
CA GLU B 63 -17.21 -12.58 -25.51
C GLU B 63 -16.78 -12.62 -24.06
N CYS B 64 -17.49 -11.89 -23.20
CA CYS B 64 -17.04 -11.79 -21.80
C CYS B 64 -17.36 -13.06 -21.02
N CYS B 65 -18.22 -13.92 -21.56
CA CYS B 65 -18.70 -15.08 -20.84
C CYS B 65 -17.77 -16.26 -20.97
N LYS B 66 -16.91 -16.26 -21.96
CA LYS B 66 -15.90 -17.30 -22.03
C LYS B 66 -14.64 -16.88 -21.27
N TRP B 67 -14.73 -15.83 -20.44
CA TRP B 67 -13.61 -15.37 -19.62
C TRP B 67 -13.55 -16.19 -18.33
N LYS B 68 -12.40 -16.11 -17.64
CA LYS B 68 -12.19 -16.87 -16.40
C LYS B 68 -13.01 -16.28 -15.27
N GLY B 69 -13.89 -17.10 -14.68
CA GLY B 69 -14.73 -16.68 -13.57
C GLY B 69 -16.05 -15.97 -13.89
N ILE B 70 -16.48 -15.96 -15.14
CA ILE B 70 -17.79 -15.42 -15.46
C ILE B 70 -18.57 -16.50 -16.15
N GLU B 71 -19.85 -16.61 -15.80
CA GLU B 71 -20.77 -17.48 -16.52
C GLU B 71 -22.04 -16.68 -16.77
N CYS B 72 -22.60 -16.81 -17.98
CA CYS B 72 -23.75 -15.99 -18.35
C CYS B 72 -24.97 -16.87 -18.55
N ASN B 73 -26.14 -16.30 -18.31
CA ASN B 73 -27.38 -17.00 -18.59
C ASN B 73 -27.43 -17.32 -20.08
N LYS B 74 -27.96 -18.50 -20.40
CA LYS B 74 -27.92 -18.96 -21.79
C LYS B 74 -28.78 -18.09 -22.70
N THR B 75 -29.97 -17.68 -22.25
CA THR B 75 -30.86 -16.88 -23.10
C THR B 75 -30.67 -15.37 -22.90
N THR B 76 -31.13 -14.80 -21.78
CA THR B 76 -30.70 -13.44 -21.48
C THR B 76 -29.21 -13.45 -21.25
N GLY B 77 -28.52 -12.46 -21.81
CA GLY B 77 -27.07 -12.50 -21.70
C GLY B 77 -26.50 -12.08 -20.36
N HIS B 78 -27.32 -11.55 -19.44
CA HIS B 78 -26.79 -10.97 -18.20
C HIS B 78 -26.00 -12.01 -17.44
N VAL B 79 -24.86 -11.57 -16.90
CA VAL B 79 -24.00 -12.44 -16.12
C VAL B 79 -24.71 -12.89 -14.84
N ILE B 80 -24.57 -14.16 -14.50
CA ILE B 80 -25.15 -14.69 -13.28
C ILE B 80 -24.08 -15.13 -12.27
N VAL B 81 -22.86 -15.45 -12.72
CA VAL B 81 -21.82 -16.00 -11.85
C VAL B 81 -20.55 -15.19 -11.97
N LEU B 82 -20.05 -14.73 -10.83
CA LEU B 82 -18.73 -14.15 -10.72
C LEU B 82 -18.06 -14.75 -9.50
N ASP B 83 -16.97 -15.48 -9.68
CA ASP B 83 -16.18 -15.96 -8.53
C ASP B 83 -14.72 -15.73 -8.85
N LEU B 84 -14.07 -14.88 -8.07
CA LEU B 84 -12.64 -14.76 -8.14
C LEU B 84 -11.98 -15.46 -6.96
N HIS B 85 -12.63 -16.54 -6.49
CA HIS B 85 -12.17 -17.24 -5.31
C HIS B 85 -10.82 -17.85 -5.57
N ASN B 86 -9.99 -17.87 -4.56
CA ASN B 86 -8.65 -18.37 -4.76
C ASN B 86 -8.30 -19.27 -3.58
N ALA B 87 -7.78 -20.46 -3.87
CA ALA B 87 -7.28 -21.38 -2.87
C ALA B 87 -5.80 -21.09 -2.66
N PHE B 88 -5.14 -21.84 -1.76
CA PHE B 88 -3.71 -21.63 -1.55
C PHE B 88 -2.95 -22.93 -1.33
N THR B 89 -1.74 -22.94 -1.92
CA THR B 89 -0.92 -24.17 -1.93
C THR B 89 0.12 -24.12 -0.82
N CYS B 90 0.33 -25.25 -0.15
CA CYS B 90 1.25 -25.25 1.01
C CYS B 90 2.46 -26.10 0.68
N SER B 91 3.65 -25.53 0.88
CA SER B 91 4.90 -26.27 0.67
C SER B 91 5.69 -26.18 1.97
N ALA B 92 6.20 -27.31 2.45
CA ALA B 92 7.07 -27.24 3.64
C ALA B 92 6.31 -26.61 4.81
N SER B 93 6.92 -25.62 5.45
CA SER B 93 6.32 -24.98 6.65
C SER B 93 5.46 -23.78 6.26
N ALA B 94 5.32 -23.49 4.97
CA ALA B 94 4.56 -22.30 4.55
C ALA B 94 3.52 -22.64 3.48
N CYS B 95 2.40 -21.90 3.45
CA CYS B 95 1.33 -22.11 2.44
C CYS B 95 1.06 -20.77 1.76
N PHE B 96 0.85 -20.74 0.43
CA PHE B 96 0.74 -19.42 -0.28
C PHE B 96 -0.55 -19.22 -1.07
N ALA B 97 -1.02 -17.97 -1.15
CA ALA B 97 -2.27 -17.57 -1.81
C ALA B 97 -2.12 -16.36 -2.72
N PRO B 98 -2.60 -16.44 -3.99
CA PRO B 98 -2.51 -15.30 -4.90
C PRO B 98 -3.66 -14.35 -4.58
N ARG B 99 -3.51 -13.45 -3.63
CA ARG B 99 -4.63 -12.61 -3.21
C ARG B 99 -4.75 -11.40 -4.15
N LEU B 100 -5.98 -10.87 -4.32
CA LEU B 100 -6.07 -9.86 -5.38
C LEU B 100 -5.61 -8.45 -5.01
N THR B 101 -5.44 -8.09 -3.74
CA THR B 101 -4.87 -6.78 -3.35
C THR B 101 -5.32 -5.64 -4.25
N GLY B 102 -6.63 -5.48 -4.35
CA GLY B 102 -7.17 -4.42 -5.19
C GLY B 102 -8.23 -3.63 -4.47
N LYS B 103 -8.91 -2.73 -5.19
CA LYS B 103 -10.09 -2.04 -4.68
C LYS B 103 -11.37 -2.58 -5.33
N LEU B 104 -12.36 -2.84 -4.51
CA LEU B 104 -13.57 -3.52 -4.97
C LEU B 104 -14.57 -2.47 -5.45
N SER B 105 -14.82 -2.43 -6.78
CA SER B 105 -15.43 -1.28 -7.48
C SER B 105 -16.95 -1.41 -7.62
N PRO B 106 -17.73 -0.38 -7.27
CA PRO B 106 -19.20 -0.49 -7.34
C PRO B 106 -19.76 -0.61 -8.74
N SER B 107 -18.94 -0.59 -9.79
CA SER B 107 -19.52 -0.76 -11.12
C SER B 107 -20.19 -2.09 -11.26
N LEU B 108 -19.92 -3.02 -10.34
CA LEU B 108 -20.54 -4.34 -10.37
C LEU B 108 -22.03 -4.29 -10.19
N LEU B 109 -22.60 -3.21 -9.60
CA LEU B 109 -24.06 -3.13 -9.50
C LEU B 109 -24.72 -3.25 -10.85
N GLU B 110 -24.01 -2.95 -11.94
CA GLU B 110 -24.64 -3.00 -13.25
C GLU B 110 -24.91 -4.43 -13.72
N LEU B 111 -24.29 -5.42 -13.07
CA LEU B 111 -24.45 -6.82 -13.54
C LEU B 111 -25.92 -7.19 -13.39
N GLU B 112 -26.61 -6.62 -12.40
CA GLU B 112 -28.08 -6.77 -12.29
C GLU B 112 -28.50 -8.16 -11.81
N TYR B 113 -28.08 -9.20 -12.50
CA TYR B 113 -28.64 -10.52 -12.11
C TYR B 113 -27.55 -11.54 -11.84
N LEU B 114 -26.86 -11.40 -10.70
CA LEU B 114 -25.87 -12.44 -10.37
C LEU B 114 -26.39 -13.19 -9.15
N ASN B 115 -26.50 -14.51 -9.27
CA ASN B 115 -26.93 -15.35 -8.13
C ASN B 115 -25.69 -15.84 -7.41
N PHE B 116 -24.50 -15.49 -7.91
CA PHE B 116 -23.28 -16.06 -7.31
C PHE B 116 -22.09 -15.11 -7.33
N LEU B 117 -21.73 -14.61 -6.16
CA LEU B 117 -20.54 -13.78 -6.04
C LEU B 117 -19.61 -14.43 -5.04
N ASP B 118 -18.40 -14.79 -5.46
CA ASP B 118 -17.42 -15.41 -4.57
C ASP B 118 -16.06 -14.72 -4.70
N LEU B 119 -15.66 -14.02 -3.65
CA LEU B 119 -14.34 -13.33 -3.62
C LEU B 119 -13.54 -13.88 -2.45
N SER B 120 -13.55 -15.20 -2.27
CA SER B 120 -12.87 -15.85 -1.13
C SER B 120 -11.36 -15.82 -1.23
N VAL B 121 -10.68 -15.75 -0.10
CA VAL B 121 -9.19 -15.88 -0.08
C VAL B 121 -8.57 -14.89 -1.01
N ASN B 122 -9.07 -13.67 -0.98
CA ASN B 122 -8.42 -12.60 -1.76
C ASN B 122 -8.27 -11.48 -0.74
N GLU B 123 -7.26 -10.65 -0.87
CA GLU B 123 -7.10 -9.49 0.03
C GLU B 123 -7.45 -8.28 -0.81
N PHE B 124 -8.34 -7.43 -0.35
CA PHE B 124 -8.63 -6.23 -1.11
C PHE B 124 -7.98 -5.14 -0.30
N GLU B 125 -8.41 -3.90 -0.45
CA GLU B 125 -8.16 -3.02 0.68
C GLU B 125 -8.85 -3.60 1.91
N ARG B 126 -8.07 -3.78 2.97
CA ARG B 126 -8.55 -4.55 4.10
C ARG B 126 -9.55 -3.68 4.86
N SER B 127 -10.76 -3.53 4.30
CA SER B 127 -11.64 -2.41 4.55
C SER B 127 -13.07 -2.92 4.80
N GLU B 128 -13.98 -1.96 5.02
CA GLU B 128 -15.37 -2.29 5.28
C GLU B 128 -15.91 -3.12 4.12
N ILE B 129 -16.85 -4.01 4.41
CA ILE B 129 -17.56 -4.61 3.28
C ILE B 129 -18.34 -3.52 2.55
N PRO B 130 -18.15 -3.36 1.24
CA PRO B 130 -18.75 -2.20 0.56
C PRO B 130 -20.27 -2.30 0.55
N ARG B 131 -20.94 -1.17 0.79
CA ARG B 131 -22.38 -1.27 0.93
C ARG B 131 -23.03 -1.56 -0.41
N PHE B 132 -22.38 -1.23 -1.51
CA PHE B 132 -23.05 -1.44 -2.79
C PHE B 132 -23.39 -2.90 -3.01
N ILE B 133 -22.72 -3.82 -2.33
CA ILE B 133 -23.03 -5.25 -2.46
C ILE B 133 -24.46 -5.54 -2.04
N CYS B 134 -24.96 -4.84 -1.02
CA CYS B 134 -26.33 -5.06 -0.55
C CYS B 134 -27.36 -4.53 -1.55
N SER B 135 -26.95 -3.66 -2.47
CA SER B 135 -27.88 -3.09 -3.44
C SER B 135 -28.03 -3.98 -4.66
N PHE B 136 -27.87 -5.29 -4.51
CA PHE B 136 -28.03 -6.22 -5.63
C PHE B 136 -29.45 -6.74 -5.78
N LYS B 137 -30.05 -7.22 -4.68
CA LYS B 137 -31.46 -7.61 -4.63
C LYS B 137 -31.76 -8.83 -5.50
N ARG B 138 -30.75 -9.47 -6.10
CA ARG B 138 -30.99 -10.75 -6.75
C ARG B 138 -29.91 -11.80 -6.43
N LEU B 139 -28.97 -11.49 -5.54
CA LEU B 139 -27.99 -12.47 -5.04
C LEU B 139 -28.61 -13.67 -4.36
N GLU B 140 -27.99 -14.84 -4.53
CA GLU B 140 -28.24 -15.96 -3.64
C GLU B 140 -26.99 -16.51 -2.97
N TYR B 141 -25.81 -16.20 -3.46
CA TYR B 141 -24.58 -16.72 -2.89
C TYR B 141 -23.58 -15.57 -2.81
N LEU B 142 -23.28 -15.16 -1.58
CA LEU B 142 -22.28 -14.15 -1.32
C LEU B 142 -21.29 -14.84 -0.40
N ASN B 143 -20.05 -14.93 -0.84
CA ASN B 143 -18.96 -15.52 -0.09
C ASN B 143 -17.83 -14.52 -0.11
N LEU B 144 -17.57 -13.91 1.05
CA LEU B 144 -16.46 -12.98 1.18
C LEU B 144 -15.44 -13.48 2.20
N SER B 145 -15.44 -14.80 2.42
CA SER B 145 -14.76 -15.41 3.54
C SER B 145 -13.27 -15.36 3.35
N SER B 146 -12.57 -15.49 4.46
CA SER B 146 -11.14 -15.67 4.43
C SER B 146 -10.44 -14.60 3.59
N SER B 147 -11.05 -13.42 3.42
CA SER B 147 -10.40 -12.18 2.98
C SER B 147 -10.07 -11.36 4.21
N PHE B 148 -9.89 -10.04 4.05
CA PHE B 148 -9.57 -9.22 5.21
C PHE B 148 -10.63 -8.16 5.49
N PHE B 149 -11.87 -8.41 5.06
CA PHE B 149 -12.94 -7.44 5.24
C PHE B 149 -13.09 -7.11 6.71
N SER B 150 -13.03 -5.83 7.04
CA SER B 150 -12.98 -5.47 8.45
C SER B 150 -14.13 -4.58 8.86
N GLY B 151 -13.98 -3.92 10.00
CA GLY B 151 -15.07 -3.11 10.54
C GLY B 151 -16.28 -3.97 10.86
N LEU B 152 -17.47 -3.44 10.57
CA LEU B 152 -18.66 -4.19 10.91
C LEU B 152 -19.65 -4.10 9.76
N ILE B 153 -20.46 -5.16 9.65
CA ILE B 153 -21.44 -5.32 8.60
C ILE B 153 -22.21 -4.02 8.40
N PRO B 154 -22.39 -3.56 7.15
CA PRO B 154 -23.36 -2.50 6.92
C PRO B 154 -24.79 -3.00 7.18
N THR B 155 -25.60 -2.19 7.89
CA THR B 155 -26.98 -2.63 8.15
C THR B 155 -27.75 -2.86 6.87
N GLN B 156 -27.27 -2.27 5.78
CA GLN B 156 -27.85 -2.44 4.47
C GLN B 156 -27.94 -3.92 4.05
N PHE B 157 -27.26 -4.85 4.74
CA PHE B 157 -27.40 -6.27 4.44
C PHE B 157 -28.84 -6.76 4.59
N LYS B 158 -29.66 -6.03 5.37
CA LYS B 158 -31.05 -6.42 5.49
C LYS B 158 -31.83 -6.25 4.18
N ASN B 159 -31.32 -5.42 3.27
CA ASN B 159 -31.93 -5.26 1.95
C ASN B 159 -31.69 -6.48 1.05
N LEU B 160 -30.72 -7.32 1.38
CA LEU B 160 -30.36 -8.43 0.49
C LEU B 160 -31.31 -9.62 0.62
N THR B 161 -32.62 -9.38 0.65
CA THR B 161 -33.53 -10.40 1.18
C THR B 161 -33.42 -11.72 0.46
N SER B 162 -32.86 -11.72 -0.74
CA SER B 162 -32.89 -12.86 -1.64
C SER B 162 -31.83 -13.91 -1.33
N LEU B 163 -31.00 -13.68 -0.31
CA LEU B 163 -29.78 -14.53 -0.10
C LEU B 163 -30.00 -15.93 0.47
N ARG B 164 -29.90 -16.98 -0.36
CA ARG B 164 -29.91 -18.38 0.13
C ARG B 164 -28.70 -18.77 0.97
N ILE B 165 -27.48 -18.41 0.56
CA ILE B 165 -26.25 -18.88 1.26
C ILE B 165 -25.26 -17.73 1.46
N LEU B 166 -24.91 -17.42 2.70
CA LEU B 166 -23.92 -16.36 2.98
C LEU B 166 -22.70 -16.90 3.72
N ASP B 167 -21.48 -16.64 3.22
CA ASP B 167 -20.24 -16.98 3.93
C ASP B 167 -19.50 -15.66 4.12
N LEU B 168 -19.12 -15.32 5.33
CA LEU B 168 -18.42 -14.05 5.61
C LEU B 168 -17.38 -14.43 6.64
N GLY B 169 -17.05 -15.71 6.67
CA GLY B 169 -16.11 -16.26 7.65
C GLY B 169 -14.64 -15.94 7.51
N TYR B 170 -13.95 -15.84 8.65
CA TYR B 170 -12.48 -15.69 8.67
C TYR B 170 -12.02 -14.34 8.12
N ASN B 171 -12.78 -13.30 8.38
CA ASN B 171 -12.33 -11.94 8.10
C ASN B 171 -12.03 -11.28 9.45
N ASN B 172 -11.79 -9.98 9.44
CA ASN B 172 -11.43 -9.18 10.63
C ASN B 172 -12.55 -8.27 11.09
N LEU B 173 -13.77 -8.77 11.05
CA LEU B 173 -14.93 -7.91 11.24
C LEU B 173 -15.52 -8.19 12.62
N ILE B 174 -16.13 -7.14 13.22
CA ILE B 174 -16.77 -7.19 14.53
C ILE B 174 -18.29 -7.21 14.34
N VAL B 175 -18.96 -8.03 15.14
CA VAL B 175 -20.37 -8.30 14.97
C VAL B 175 -21.07 -8.05 16.31
N LYS B 176 -21.77 -6.92 16.43
CA LYS B 176 -22.37 -6.56 17.73
C LYS B 176 -23.90 -6.55 17.63
N ASP B 177 -24.45 -6.20 16.47
CA ASP B 177 -25.92 -6.25 16.26
C ASP B 177 -26.25 -7.22 15.14
N LEU B 178 -27.19 -8.12 15.37
CA LEU B 178 -27.58 -9.15 14.37
C LEU B 178 -28.97 -8.82 13.82
N THR B 179 -29.43 -7.58 13.93
CA THR B 179 -30.82 -7.25 13.59
C THR B 179 -31.14 -7.57 12.14
N TRP B 180 -30.22 -7.33 11.24
CA TRP B 180 -30.54 -7.50 9.80
C TRP B 180 -30.92 -8.95 9.54
N LEU B 181 -30.24 -9.88 10.18
CA LEU B 181 -30.49 -11.30 9.90
C LEU B 181 -31.98 -11.56 9.81
N SER B 182 -32.76 -11.02 10.73
CA SER B 182 -34.17 -11.41 10.69
C SER B 182 -34.75 -11.33 9.27
N HIS B 183 -34.29 -10.35 8.45
CA HIS B 183 -34.88 -10.11 7.14
C HIS B 183 -34.51 -11.14 6.08
N LEU B 184 -33.37 -11.84 6.21
CA LEU B 184 -32.96 -12.83 5.20
C LEU B 184 -33.56 -14.22 5.46
N SER B 185 -34.91 -14.27 5.52
CA SER B 185 -35.61 -15.52 5.71
C SER B 185 -35.20 -16.60 4.73
N SER B 186 -34.71 -16.20 3.55
CA SER B 186 -34.36 -17.18 2.52
C SER B 186 -33.12 -18.01 2.84
N LEU B 187 -32.35 -17.68 3.90
CA LEU B 187 -31.06 -18.33 4.15
C LEU B 187 -31.19 -19.83 4.45
N GLU B 188 -30.21 -20.57 3.96
CA GLU B 188 -30.08 -22.00 4.17
C GLU B 188 -28.69 -22.39 4.65
N LEU B 189 -27.80 -21.41 4.81
CA LEU B 189 -26.40 -21.56 5.20
C LEU B 189 -25.88 -20.17 5.58
N LEU B 190 -25.39 -20.03 6.80
CA LEU B 190 -24.76 -18.80 7.27
C LEU B 190 -23.47 -19.16 8.00
N SER B 191 -22.31 -18.66 7.55
CA SER B 191 -21.09 -18.76 8.35
C SER B 191 -20.72 -17.37 8.87
N LEU B 192 -20.59 -17.25 10.17
CA LEU B 192 -19.98 -16.09 10.81
C LEU B 192 -18.78 -16.49 11.67
N GLY B 193 -18.02 -17.50 11.23
CA GLY B 193 -16.83 -17.89 11.97
C GLY B 193 -15.72 -16.85 11.93
N GLY B 194 -14.88 -16.87 12.95
CA GLY B 194 -13.78 -15.94 13.00
C GLY B 194 -14.23 -14.51 13.11
N SER B 195 -15.13 -14.21 14.02
CA SER B 195 -15.60 -12.85 14.21
C SER B 195 -15.16 -12.34 15.57
N ASP B 196 -15.19 -11.01 15.72
CA ASP B 196 -15.25 -10.45 17.07
C ASP B 196 -16.72 -10.50 17.47
N PHE B 197 -17.19 -11.69 17.73
CA PHE B 197 -18.61 -11.93 17.97
C PHE B 197 -18.93 -11.54 19.40
N GLN B 198 -19.84 -10.59 19.56
CA GLN B 198 -20.16 -10.07 20.90
C GLN B 198 -21.67 -9.96 21.03
N VAL B 199 -22.41 -10.93 20.51
CA VAL B 199 -23.90 -10.82 20.51
C VAL B 199 -24.45 -11.71 21.61
N LYS B 200 -25.14 -11.11 22.57
CA LYS B 200 -25.67 -11.86 23.75
C LYS B 200 -26.68 -12.91 23.33
N ASN B 201 -27.55 -12.59 22.37
CA ASN B 201 -28.65 -13.54 22.09
C ASN B 201 -28.76 -13.89 20.61
N TRP B 202 -27.79 -14.62 20.09
CA TRP B 202 -27.89 -15.15 18.72
C TRP B 202 -29.02 -16.16 18.66
N PHE B 203 -29.15 -16.98 19.70
CA PHE B 203 -30.15 -18.06 19.62
C PHE B 203 -31.45 -17.47 19.11
N GLN B 204 -31.98 -16.46 19.80
CA GLN B 204 -33.19 -15.89 19.22
C GLN B 204 -32.95 -15.52 17.76
N GLU B 205 -31.92 -14.73 17.50
CA GLU B 205 -31.80 -14.12 16.20
C GLU B 205 -31.46 -15.15 15.11
N ILE B 206 -30.90 -16.29 15.48
CA ILE B 206 -30.62 -17.31 14.48
C ILE B 206 -31.77 -18.29 14.28
N THR B 207 -32.53 -18.57 15.33
CA THR B 207 -33.73 -19.36 15.08
C THR B 207 -34.78 -18.59 14.27
N LYS B 208 -34.62 -17.28 14.07
CA LYS B 208 -35.56 -16.53 13.25
C LYS B 208 -35.52 -16.92 11.77
N LEU B 209 -34.56 -17.73 11.33
CA LEU B 209 -34.41 -18.08 9.92
C LEU B 209 -35.06 -19.42 9.62
N PRO B 210 -36.16 -19.48 8.87
CA PRO B 210 -36.87 -20.75 8.71
C PRO B 210 -36.07 -21.88 8.07
N LEU B 211 -35.22 -21.56 7.10
CA LEU B 211 -34.55 -22.70 6.41
C LEU B 211 -33.05 -22.72 6.66
N LEU B 212 -32.58 -22.56 7.89
CA LEU B 212 -31.11 -22.58 8.02
C LEU B 212 -30.69 -24.01 8.24
N LYS B 213 -30.29 -24.71 7.20
CA LYS B 213 -29.73 -26.07 7.35
C LYS B 213 -28.38 -26.07 8.07
N GLU B 214 -27.52 -25.12 7.74
CA GLU B 214 -26.12 -25.13 8.27
C GLU B 214 -25.73 -23.84 8.95
N LEU B 215 -25.10 -23.91 10.12
CA LEU B 215 -24.59 -22.68 10.77
C LEU B 215 -23.13 -22.85 11.17
N ASP B 216 -22.31 -21.83 10.92
CA ASP B 216 -20.90 -21.86 11.37
C ASP B 216 -20.67 -20.69 12.32
N LEU B 217 -20.24 -20.99 13.54
CA LEU B 217 -19.91 -19.93 14.52
C LEU B 217 -18.48 -20.12 15.05
N SER B 218 -17.59 -20.77 14.31
CA SER B 218 -16.23 -21.08 14.82
C SER B 218 -15.43 -19.82 15.15
N LEU B 219 -14.71 -19.85 16.27
CA LEU B 219 -13.85 -18.72 16.69
C LEU B 219 -14.70 -17.46 16.87
N CYS B 220 -15.93 -17.65 17.34
CA CYS B 220 -16.84 -16.49 17.58
C CYS B 220 -16.91 -16.16 19.07
N GLY B 221 -16.06 -16.76 19.91
CA GLY B 221 -16.19 -16.52 21.35
C GLY B 221 -17.53 -16.95 21.87
N LEU B 222 -18.03 -18.06 21.36
CA LEU B 222 -19.38 -18.55 21.74
C LEU B 222 -19.40 -18.83 23.23
N SER B 223 -18.31 -19.31 23.79
CA SER B 223 -18.39 -19.70 25.22
C SER B 223 -18.80 -18.49 26.04
N LYS B 224 -18.28 -17.32 25.76
CA LYS B 224 -18.68 -16.19 26.64
C LYS B 224 -20.18 -15.96 26.50
N LEU B 225 -20.74 -16.22 25.32
CA LEU B 225 -22.19 -16.02 25.07
C LEU B 225 -22.91 -17.35 25.17
N VAL B 226 -23.61 -17.61 26.27
CA VAL B 226 -24.24 -18.92 26.44
C VAL B 226 -25.75 -18.78 26.34
N PRO B 227 -26.44 -19.51 25.45
CA PRO B 227 -27.89 -19.43 25.41
C PRO B 227 -28.50 -19.89 26.73
N SER B 228 -29.36 -19.03 27.29
CA SER B 228 -30.14 -19.32 28.47
C SER B 228 -31.19 -20.40 28.17
N PRO B 229 -31.64 -21.15 29.19
CA PRO B 229 -32.79 -22.05 28.95
C PRO B 229 -34.00 -21.27 28.53
N ALA B 230 -34.09 -20.04 29.02
CA ALA B 230 -35.18 -19.12 28.69
C ALA B 230 -35.13 -18.67 27.24
N GLU B 231 -33.97 -18.24 26.78
CA GLU B 231 -33.89 -17.79 25.40
C GLU B 231 -34.14 -18.96 24.46
N ILE B 232 -33.88 -20.18 24.92
CA ILE B 232 -34.10 -21.38 24.12
C ILE B 232 -35.57 -21.70 24.07
N ALA B 233 -36.29 -21.39 25.16
CA ALA B 233 -37.74 -21.55 25.16
C ALA B 233 -38.42 -20.58 24.18
N ASN B 234 -38.01 -19.30 24.18
CA ASN B 234 -38.54 -18.31 23.24
C ASN B 234 -37.75 -18.38 21.94
N SER B 235 -37.97 -19.46 21.20
CA SER B 235 -37.20 -19.73 19.99
C SER B 235 -38.08 -20.46 18.99
N SER B 236 -37.57 -20.62 17.77
CA SER B 236 -38.39 -21.08 16.65
C SER B 236 -38.19 -22.55 16.33
N LEU B 237 -37.32 -23.24 17.06
CA LEU B 237 -37.05 -24.66 16.86
C LEU B 237 -36.80 -24.97 15.37
N ILE B 238 -35.73 -24.36 14.82
CA ILE B 238 -35.40 -24.64 13.43
C ILE B 238 -34.87 -26.06 13.28
N SER B 239 -35.07 -26.63 12.10
CA SER B 239 -34.52 -27.92 11.78
C SER B 239 -33.13 -27.64 11.22
N LEU B 240 -32.12 -27.77 12.07
CA LEU B 240 -30.74 -27.47 11.73
C LEU B 240 -30.03 -28.77 11.49
N SER B 241 -29.15 -28.82 10.50
CA SER B 241 -28.50 -30.11 10.12
C SER B 241 -26.99 -30.09 10.35
N VAL B 242 -26.26 -29.05 9.93
CA VAL B 242 -24.78 -29.06 10.05
C VAL B 242 -24.29 -27.91 10.93
N LEU B 243 -23.48 -28.21 11.94
CA LEU B 243 -22.97 -27.17 12.86
C LEU B 243 -21.44 -27.17 12.96
N HIS B 244 -20.80 -26.01 12.83
CA HIS B 244 -19.34 -25.90 13.02
C HIS B 244 -19.15 -24.98 14.21
N LEU B 245 -18.41 -25.42 15.22
CA LEU B 245 -18.30 -24.62 16.48
C LEU B 245 -16.87 -24.69 16.94
N CYS B 246 -16.00 -25.04 16.03
CA CYS B 246 -14.57 -25.21 16.38
C CYS B 246 -13.96 -23.91 16.87
N CYS B 247 -12.94 -24.01 17.71
CA CYS B 247 -12.21 -22.81 18.14
C CYS B 247 -13.02 -21.95 19.13
N ASN B 248 -14.00 -22.54 19.82
CA ASN B 248 -14.75 -21.79 20.87
C ASN B 248 -14.33 -22.35 22.22
N GLU B 249 -14.05 -21.50 23.20
CA GLU B 249 -13.44 -22.04 24.45
C GLU B 249 -14.51 -22.59 25.38
N PHE B 250 -15.04 -23.77 25.06
CA PHE B 250 -16.14 -24.36 25.85
C PHE B 250 -15.57 -25.09 27.06
N SER B 251 -14.86 -26.20 26.84
CA SER B 251 -14.28 -26.96 27.95
C SER B 251 -15.23 -27.74 28.84
N SER B 252 -16.52 -27.72 28.55
CA SER B 252 -17.41 -28.54 29.36
C SER B 252 -18.66 -28.69 28.52
N SER B 253 -19.45 -29.71 28.83
CA SER B 253 -20.73 -29.85 28.14
C SER B 253 -21.65 -28.66 28.35
N ALA B 254 -21.45 -27.88 29.42
CA ALA B 254 -22.38 -26.79 29.73
C ALA B 254 -22.47 -25.80 28.58
N LYS B 255 -21.36 -25.15 28.25
CA LYS B 255 -21.42 -24.07 27.28
C LYS B 255 -21.75 -24.53 25.86
N TYR B 256 -21.89 -25.83 25.59
CA TYR B 256 -22.39 -26.29 24.29
C TYR B 256 -23.68 -27.12 24.39
N SER B 257 -24.31 -27.20 25.58
CA SER B 257 -25.51 -28.05 25.76
C SER B 257 -26.67 -27.57 24.91
N TRP B 258 -26.72 -26.27 24.60
CA TRP B 258 -27.77 -25.74 23.75
C TRP B 258 -27.87 -26.51 22.44
N LEU B 259 -26.75 -27.08 22.01
CA LEU B 259 -26.75 -27.85 20.78
C LEU B 259 -27.88 -28.88 20.74
N PHE B 260 -28.15 -29.59 21.85
CA PHE B 260 -29.02 -30.75 21.68
C PHE B 260 -30.48 -30.40 21.50
N ASN B 261 -30.80 -29.10 21.42
CA ASN B 261 -32.16 -28.73 21.05
C ASN B 261 -32.47 -28.99 19.59
N PHE B 262 -31.47 -29.28 18.75
CA PHE B 262 -31.78 -29.71 17.40
C PHE B 262 -31.64 -31.21 17.25
N SER B 263 -31.77 -31.95 18.36
CA SER B 263 -31.56 -33.39 18.38
C SER B 263 -32.33 -34.10 17.26
N THR B 264 -33.42 -33.47 16.78
CA THR B 264 -34.33 -34.05 15.80
C THR B 264 -33.64 -34.32 14.47
N SER B 265 -32.69 -33.47 14.08
CA SER B 265 -32.35 -33.41 12.67
C SER B 265 -30.95 -32.87 12.41
N LEU B 266 -29.94 -33.42 13.09
CA LEU B 266 -28.54 -33.05 12.92
C LEU B 266 -27.81 -34.15 12.14
N THR B 267 -26.75 -33.74 11.42
CA THR B 267 -25.88 -34.65 10.67
C THR B 267 -24.37 -34.48 10.93
N SER B 268 -23.86 -33.24 11.00
CA SER B 268 -22.46 -32.92 11.32
C SER B 268 -22.37 -32.07 12.57
N ILE B 269 -21.41 -32.36 13.44
CA ILE B 269 -21.06 -31.49 14.56
C ILE B 269 -19.52 -31.40 14.62
N ASP B 270 -19.03 -30.19 14.57
CA ASP B 270 -17.62 -29.86 14.58
C ASP B 270 -17.34 -29.14 15.88
N LEU B 271 -16.94 -29.88 16.88
CA LEU B 271 -16.52 -29.26 18.15
C LEU B 271 -15.03 -29.47 18.39
N SER B 272 -14.24 -29.42 17.31
CA SER B 272 -12.80 -29.56 17.39
C SER B 272 -12.15 -28.31 18.02
N ASN B 273 -10.99 -28.49 18.64
CA ASN B 273 -10.24 -27.38 19.26
C ASN B 273 -11.07 -26.59 20.29
N ASN B 274 -11.66 -27.28 21.27
CA ASN B 274 -12.47 -26.60 22.27
C ASN B 274 -11.97 -26.69 23.70
N GLN B 275 -10.75 -27.15 23.96
CA GLN B 275 -10.27 -27.37 25.34
C GLN B 275 -11.25 -28.24 26.14
N LEU B 276 -11.89 -29.20 25.48
CA LEU B 276 -12.95 -29.95 26.12
C LEU B 276 -12.35 -30.88 27.16
N ASP B 277 -12.49 -30.54 28.45
CA ASP B 277 -12.10 -31.39 29.59
C ASP B 277 -13.39 -31.97 30.19
N GLY B 278 -13.73 -33.18 29.77
CA GLY B 278 -14.87 -33.90 30.32
C GLY B 278 -15.11 -35.12 29.48
N GLN B 279 -15.95 -36.01 30.01
CA GLN B 279 -16.39 -37.14 29.20
C GLN B 279 -17.42 -36.65 28.19
N ILE B 280 -17.42 -37.23 27.00
CA ILE B 280 -18.35 -36.71 25.97
C ILE B 280 -19.79 -36.99 26.44
N ASP B 281 -20.72 -36.06 26.18
CA ASP B 281 -22.14 -36.24 26.61
C ASP B 281 -22.72 -37.43 25.86
N ASP B 282 -23.44 -38.30 26.55
CA ASP B 282 -23.94 -39.54 25.91
C ASP B 282 -25.01 -39.14 24.92
N ARG B 283 -25.35 -37.86 24.90
CA ARG B 283 -26.46 -37.38 24.05
C ARG B 283 -26.11 -37.65 22.59
N PHE B 284 -24.85 -37.47 22.23
CA PHE B 284 -24.46 -37.57 20.82
C PHE B 284 -24.90 -38.92 20.25
N GLY B 285 -24.76 -39.97 21.02
CA GLY B 285 -25.11 -41.31 20.52
C GLY B 285 -26.56 -41.35 20.20
N ASN B 286 -27.33 -40.69 21.04
CA ASN B 286 -28.80 -40.65 20.88
C ASN B 286 -29.18 -39.96 19.57
N LEU B 287 -28.44 -38.94 19.13
CA LEU B 287 -28.93 -38.22 17.93
C LEU B 287 -29.06 -39.25 16.82
N MET B 288 -30.23 -39.28 16.18
CA MET B 288 -30.54 -40.30 15.15
C MET B 288 -29.72 -40.21 13.88
N TYR B 289 -29.51 -39.00 13.38
CA TYR B 289 -28.87 -38.87 12.05
C TYR B 289 -27.41 -38.43 12.09
N LEU B 290 -26.81 -38.30 13.27
CA LEU B 290 -25.43 -37.80 13.25
C LEU B 290 -24.66 -38.67 12.28
N GLU B 291 -23.97 -38.03 11.34
CA GLU B 291 -23.13 -38.79 10.43
C GLU B 291 -21.67 -38.30 10.42
N HIS B 292 -21.38 -37.21 11.12
CA HIS B 292 -20.05 -36.65 11.10
C HIS B 292 -19.86 -36.01 12.46
N LEU B 293 -18.78 -36.37 13.15
CA LEU B 293 -18.49 -35.81 14.47
C LEU B 293 -16.98 -35.63 14.60
N ASN B 294 -16.54 -34.37 14.68
CA ASN B 294 -15.15 -34.03 14.92
C ASN B 294 -15.03 -33.45 16.32
N LEU B 295 -14.41 -34.21 17.24
CA LEU B 295 -14.11 -33.71 18.58
C LEU B 295 -12.60 -33.62 18.77
N ALA B 296 -11.87 -33.45 17.69
CA ALA B 296 -10.42 -33.58 17.71
C ALA B 296 -9.75 -32.39 18.38
N ASN B 297 -8.52 -32.63 18.88
CA ASN B 297 -7.66 -31.65 19.57
C ASN B 297 -8.34 -31.04 20.81
N GLU B 298 -8.74 -31.92 21.73
CA GLU B 298 -9.34 -31.50 23.00
C GLU B 298 -8.33 -31.65 24.13
N LEU B 299 -8.77 -31.28 25.35
CA LEU B 299 -7.95 -31.35 26.54
C LEU B 299 -8.01 -32.72 27.18
N ASN B 300 -9.18 -33.25 27.47
CA ASN B 300 -9.26 -34.58 28.08
C ASN B 300 -10.68 -35.14 27.86
N LEU B 301 -10.84 -35.94 26.83
CA LEU B 301 -12.08 -36.68 26.68
C LEU B 301 -11.94 -38.02 27.40
N LYS B 302 -11.84 -37.92 28.73
CA LYS B 302 -11.55 -39.06 29.58
C LYS B 302 -12.38 -40.28 29.20
N GLY B 303 -11.76 -41.45 29.19
CA GLY B 303 -12.51 -42.61 28.72
C GLY B 303 -12.56 -42.49 27.22
N GLY B 304 -13.74 -42.58 26.65
CA GLY B 304 -13.97 -42.19 25.27
C GLY B 304 -15.45 -42.05 24.96
N ILE B 305 -15.86 -42.69 23.86
CA ILE B 305 -17.25 -42.72 23.43
C ILE B 305 -18.06 -43.59 24.39
N PRO B 306 -19.26 -43.19 24.82
CA PRO B 306 -19.99 -44.01 25.78
C PRO B 306 -20.74 -45.12 25.08
N SER B 307 -21.73 -45.71 25.78
CA SER B 307 -22.53 -46.77 25.17
C SER B 307 -23.66 -46.26 24.28
N SER B 308 -24.07 -45.01 24.47
CA SER B 308 -25.06 -44.45 23.57
C SER B 308 -24.57 -44.44 22.13
N PHE B 309 -23.26 -44.55 21.92
CA PHE B 309 -22.72 -44.61 20.57
C PHE B 309 -23.13 -45.90 19.86
N GLY B 310 -23.53 -46.93 20.60
CA GLY B 310 -24.08 -48.13 19.98
C GLY B 310 -25.39 -47.91 19.28
N ASN B 311 -25.98 -46.73 19.51
CA ASN B 311 -27.31 -46.40 18.96
C ASN B 311 -27.17 -45.48 17.75
N LEU B 312 -25.94 -45.13 17.39
CA LEU B 312 -25.74 -44.12 16.32
C LEU B 312 -26.18 -44.65 14.97
N THR B 313 -26.11 -45.96 14.73
CA THR B 313 -26.60 -46.39 13.41
C THR B 313 -25.76 -45.63 12.40
N ARG B 314 -26.39 -44.93 11.47
CA ARG B 314 -25.57 -44.32 10.41
C ARG B 314 -24.55 -43.34 10.98
N LEU B 315 -23.29 -43.45 10.54
CA LEU B 315 -22.22 -42.50 10.93
C LEU B 315 -21.19 -42.59 9.82
N ARG B 316 -20.33 -41.61 9.67
CA ARG B 316 -19.40 -41.68 8.51
C ARG B 316 -18.02 -41.23 8.93
N TYR B 317 -17.94 -40.20 9.76
CA TYR B 317 -16.63 -39.66 10.09
C TYR B 317 -16.55 -39.32 11.56
N LEU B 318 -15.62 -39.94 12.28
CA LEU B 318 -15.36 -39.67 13.68
C LEU B 318 -13.88 -39.33 13.88
N ASP B 319 -13.66 -38.30 14.67
CA ASP B 319 -12.32 -37.76 14.89
C ASP B 319 -12.13 -37.38 16.35
N MET B 320 -11.48 -38.27 17.12
CA MET B 320 -11.05 -37.89 18.45
C MET B 320 -9.52 -37.80 18.55
N SER B 321 -8.87 -37.12 17.60
CA SER B 321 -7.42 -37.03 17.63
C SER B 321 -7.00 -36.04 18.69
N ASN B 322 -5.95 -36.40 19.40
CA ASN B 322 -5.31 -35.50 20.34
C ASN B 322 -6.29 -35.12 21.47
N THR B 323 -6.97 -36.15 22.00
CA THR B 323 -7.91 -35.99 23.09
C THR B 323 -7.55 -36.79 24.33
N ARG B 324 -6.58 -37.68 24.26
CA ARG B 324 -6.11 -38.44 25.40
C ARG B 324 -7.26 -39.28 25.94
N THR B 325 -7.97 -39.91 25.01
CA THR B 325 -9.04 -40.78 25.42
C THR B 325 -8.38 -42.11 25.72
N TYR B 326 -8.50 -42.57 26.96
CA TYR B 326 -7.88 -43.82 27.41
C TYR B 326 -8.99 -44.85 27.38
N GLN B 327 -9.11 -45.55 26.24
CA GLN B 327 -10.20 -46.50 26.08
C GLN B 327 -9.71 -47.79 25.42
N TRP B 328 -10.28 -48.91 25.86
CA TRP B 328 -10.00 -50.20 25.24
C TRP B 328 -10.52 -50.19 23.81
N LEU B 329 -9.66 -50.52 22.88
CA LEU B 329 -10.03 -50.32 21.47
C LEU B 329 -11.25 -51.15 21.07
N PRO B 330 -11.24 -52.47 21.21
CA PRO B 330 -12.42 -53.23 20.77
C PRO B 330 -13.70 -52.84 21.52
N GLU B 331 -13.65 -52.13 22.67
CA GLU B 331 -14.93 -51.68 23.19
C GLU B 331 -15.40 -50.47 22.43
N LEU B 332 -14.45 -49.66 21.93
CA LEU B 332 -14.81 -48.59 21.01
C LEU B 332 -15.48 -49.18 19.79
N PHE B 333 -14.90 -50.23 19.22
CA PHE B 333 -15.53 -50.88 18.07
C PHE B 333 -16.89 -51.47 18.44
N VAL B 334 -17.04 -52.01 19.65
CA VAL B 334 -18.39 -52.36 20.10
C VAL B 334 -19.31 -51.15 20.02
N ARG B 335 -18.86 -50.02 20.57
CA ARG B 335 -19.74 -48.87 20.68
C ARG B 335 -19.91 -48.13 19.36
N LEU B 336 -19.21 -48.54 18.32
CA LEU B 336 -19.48 -48.05 16.98
C LEU B 336 -20.18 -49.09 16.12
N SER B 337 -20.37 -50.30 16.64
CA SER B 337 -21.05 -51.34 15.88
C SER B 337 -22.43 -50.91 15.38
N GLY B 338 -22.99 -49.82 15.94
CA GLY B 338 -24.20 -49.31 15.33
C GLY B 338 -23.99 -48.95 13.89
N SER B 339 -22.75 -48.76 13.49
CA SER B 339 -22.43 -48.32 12.13
C SER B 339 -21.35 -49.16 11.49
N ARG B 340 -21.40 -50.49 11.65
CA ARG B 340 -20.49 -51.33 10.88
C ARG B 340 -20.50 -50.89 9.42
N LYS B 341 -21.69 -50.58 8.89
CA LYS B 341 -21.86 -50.46 7.45
C LYS B 341 -21.79 -49.04 6.90
N THR B 342 -21.77 -48.00 7.75
CA THR B 342 -21.76 -46.61 7.27
C THR B 342 -20.48 -45.86 7.53
N LEU B 343 -19.69 -46.28 8.51
CA LEU B 343 -18.52 -45.53 8.94
C LEU B 343 -17.39 -45.64 7.90
N GLU B 344 -16.89 -44.48 7.44
CA GLU B 344 -15.88 -44.35 6.39
C GLU B 344 -14.51 -43.92 6.92
N VAL B 345 -14.43 -42.96 7.84
CA VAL B 345 -13.17 -42.42 8.34
C VAL B 345 -13.18 -42.39 9.86
N LEU B 346 -12.23 -43.07 10.48
CA LEU B 346 -12.11 -43.14 11.95
C LEU B 346 -10.72 -42.67 12.37
N GLY B 347 -10.70 -41.52 13.06
CA GLY B 347 -9.44 -40.93 13.42
C GLY B 347 -9.25 -40.86 14.91
N LEU B 348 -8.52 -41.83 15.45
CA LEU B 348 -8.26 -41.92 16.87
C LEU B 348 -6.79 -41.77 17.13
N ASN B 349 -6.07 -41.15 16.21
CA ASN B 349 -4.64 -41.02 16.39
C ASN B 349 -4.26 -40.10 17.56
N ASP B 350 -3.02 -40.28 18.00
CA ASP B 350 -2.28 -39.53 19.01
C ASP B 350 -3.10 -39.36 20.31
N ASN B 351 -3.41 -40.53 20.90
CA ASN B 351 -4.27 -40.77 22.08
C ASN B 351 -3.66 -41.88 22.92
N SER B 352 -4.20 -42.11 24.10
CA SER B 352 -3.65 -43.19 24.92
C SER B 352 -4.54 -44.43 24.87
N MET B 353 -4.91 -44.84 23.67
CA MET B 353 -5.78 -46.00 23.46
C MET B 353 -5.01 -47.32 23.45
N PHE B 354 -5.39 -48.21 24.36
CA PHE B 354 -4.77 -49.50 24.57
C PHE B 354 -5.60 -50.60 23.94
N GLY B 355 -5.05 -51.82 23.92
CA GLY B 355 -5.82 -52.97 23.52
C GLY B 355 -5.18 -53.66 22.34
N SER B 356 -6.01 -54.33 21.56
CA SER B 356 -5.59 -55.06 20.37
C SER B 356 -6.51 -54.66 19.23
N LEU B 357 -6.11 -54.95 18.02
CA LEU B 357 -6.90 -54.56 16.86
C LEU B 357 -7.52 -55.82 16.28
N VAL B 358 -8.77 -56.08 16.61
CA VAL B 358 -9.35 -57.32 16.12
C VAL B 358 -10.57 -57.02 15.28
N ASP B 359 -10.65 -57.73 14.15
CA ASP B 359 -11.78 -57.69 13.25
C ASP B 359 -12.17 -56.26 12.85
N VAL B 360 -11.19 -55.51 12.32
CA VAL B 360 -11.52 -54.25 11.65
C VAL B 360 -12.20 -54.47 10.33
N THR B 361 -12.16 -55.69 9.80
CA THR B 361 -12.84 -55.96 8.55
C THR B 361 -14.35 -55.91 8.75
N ARG B 362 -14.81 -56.19 9.97
CA ARG B 362 -16.22 -56.07 10.27
C ARG B 362 -16.78 -54.73 9.84
N PHE B 363 -15.96 -53.67 9.84
CA PHE B 363 -16.42 -52.35 9.43
C PHE B 363 -16.24 -52.22 7.92
N SER B 364 -17.33 -52.49 7.20
CA SER B 364 -17.27 -52.84 5.80
C SER B 364 -17.00 -51.64 4.92
N ALA B 365 -17.32 -50.44 5.42
CA ALA B 365 -17.09 -49.20 4.70
C ALA B 365 -15.96 -48.38 5.29
N LEU B 366 -15.22 -48.92 6.25
CA LEU B 366 -14.07 -48.20 6.79
C LEU B 366 -13.04 -48.07 5.68
N LYS B 367 -12.68 -46.82 5.34
CA LYS B 367 -11.67 -46.51 4.32
C LYS B 367 -10.40 -45.90 4.89
N ARG B 368 -10.50 -45.04 5.91
CA ARG B 368 -9.35 -44.50 6.60
C ARG B 368 -9.47 -44.84 8.08
N LEU B 369 -8.41 -45.38 8.68
CA LEU B 369 -8.32 -45.59 10.13
C LEU B 369 -6.94 -45.11 10.57
N TYR B 370 -6.91 -44.14 11.49
CA TYR B 370 -5.68 -43.50 11.98
C TYR B 370 -5.52 -43.76 13.46
N LEU B 371 -4.73 -44.77 13.82
CA LEU B 371 -4.44 -45.11 15.22
C LEU B 371 -2.99 -44.87 15.61
N GLN B 372 -2.26 -43.99 14.93
CA GLN B 372 -0.85 -43.90 15.29
C GLN B 372 -0.70 -43.18 16.63
N LYS B 373 0.48 -43.33 17.20
CA LYS B 373 0.91 -42.66 18.42
C LYS B 373 -0.02 -42.93 19.63
N ASN B 374 -0.69 -44.09 19.65
CA ASN B 374 -1.39 -44.56 20.84
C ASN B 374 -0.52 -45.50 21.71
N VAL B 375 -1.14 -46.15 22.71
CA VAL B 375 -0.45 -47.12 23.58
C VAL B 375 -0.90 -48.57 23.37
N LEU B 376 -1.19 -48.95 22.12
CA LEU B 376 -1.75 -50.27 21.85
C LEU B 376 -0.71 -51.39 21.94
N ASN B 377 -1.00 -52.44 22.73
CA ASN B 377 -0.05 -53.53 23.00
C ASN B 377 -0.58 -54.91 22.64
N GLY B 378 -1.08 -55.08 21.42
CA GLY B 378 -1.71 -56.33 21.06
C GLY B 378 -1.50 -56.71 19.62
N PHE B 379 -2.36 -57.52 19.04
CA PHE B 379 -2.05 -58.23 17.81
C PHE B 379 -2.91 -57.58 16.73
N PHE B 380 -2.46 -57.62 15.48
CA PHE B 380 -3.26 -57.18 14.35
C PHE B 380 -3.89 -58.43 13.73
N MET B 381 -4.98 -58.88 14.34
CA MET B 381 -5.60 -60.13 13.94
C MET B 381 -6.77 -59.77 13.05
N GLU B 382 -7.04 -60.59 12.05
CA GLU B 382 -8.33 -60.35 11.42
C GLU B 382 -8.79 -61.71 10.91
N ARG B 383 -9.90 -62.23 11.46
CA ARG B 383 -10.35 -63.60 11.18
C ARG B 383 -11.83 -63.66 10.83
N PHE B 384 -12.46 -62.50 10.59
CA PHE B 384 -13.88 -62.45 10.30
C PHE B 384 -14.25 -63.30 9.09
N GLY B 385 -13.35 -63.44 8.12
CA GLY B 385 -13.73 -64.10 6.88
C GLY B 385 -14.38 -63.17 5.88
N GLN B 386 -14.26 -61.87 6.10
CA GLN B 386 -14.74 -60.82 5.23
C GLN B 386 -13.52 -60.06 4.71
N VAL B 387 -13.76 -59.13 3.79
CA VAL B 387 -12.70 -58.37 3.11
C VAL B 387 -12.93 -56.90 3.45
N SER B 388 -11.85 -56.17 3.71
CA SER B 388 -11.99 -54.76 4.08
C SER B 388 -11.78 -53.88 2.87
N SER B 389 -12.20 -52.62 3.00
CA SER B 389 -11.98 -51.66 1.93
C SER B 389 -11.08 -50.51 2.37
N LEU B 390 -10.25 -50.75 3.39
CA LEU B 390 -9.29 -49.75 3.85
C LEU B 390 -8.30 -49.40 2.76
N GLU B 391 -8.25 -48.12 2.45
CA GLU B 391 -7.29 -47.52 1.56
C GLU B 391 -6.11 -46.95 2.32
N TYR B 392 -6.35 -46.40 3.52
CA TYR B 392 -5.30 -45.80 4.37
C TYR B 392 -5.40 -46.35 5.79
N LEU B 393 -4.29 -46.92 6.30
CA LEU B 393 -4.19 -47.49 7.63
C LEU B 393 -2.86 -47.11 8.28
N ASP B 394 -2.91 -46.64 9.52
CA ASP B 394 -1.73 -46.12 10.23
C ASP B 394 -1.72 -46.62 11.66
N LEU B 395 -0.83 -47.56 11.97
CA LEU B 395 -0.71 -48.13 13.30
C LEU B 395 0.69 -47.94 13.81
N SER B 396 1.24 -46.74 13.65
CA SER B 396 2.65 -46.49 13.91
C SER B 396 2.86 -45.94 15.32
N ASP B 397 4.08 -46.09 15.84
CA ASP B 397 4.42 -45.56 17.16
C ASP B 397 3.49 -46.08 18.25
N ASN B 398 3.21 -47.39 18.19
CA ASN B 398 2.53 -48.18 19.20
C ASN B 398 3.51 -49.21 19.82
N GLN B 399 2.96 -50.28 20.38
CA GLN B 399 3.69 -51.33 21.07
C GLN B 399 3.23 -52.68 20.59
N MET B 400 2.75 -52.76 19.36
CA MET B 400 2.01 -53.96 18.97
C MET B 400 2.92 -55.16 18.71
N ARG B 401 2.36 -56.37 18.92
CA ARG B 401 3.11 -57.60 18.69
C ARG B 401 2.28 -58.62 17.88
N GLY B 402 2.80 -59.84 17.75
CA GLY B 402 2.18 -60.85 16.93
C GLY B 402 2.55 -60.66 15.48
N PRO B 403 2.32 -61.64 14.64
CA PRO B 403 2.58 -61.47 13.20
C PRO B 403 1.47 -60.70 12.47
N LEU B 404 1.83 -60.19 11.30
CA LEU B 404 0.84 -59.48 10.51
C LEU B 404 -0.22 -60.47 10.03
N PRO B 405 -1.42 -60.01 9.67
CA PRO B 405 -2.41 -60.89 9.06
C PRO B 405 -2.19 -60.98 7.55
N ASP B 406 -2.89 -61.94 6.94
CA ASP B 406 -2.81 -62.06 5.49
C ASP B 406 -3.33 -60.76 4.91
N LEU B 407 -2.43 -60.01 4.28
CA LEU B 407 -2.79 -58.71 3.75
C LEU B 407 -3.55 -58.85 2.44
N ALA B 408 -3.74 -60.08 1.95
CA ALA B 408 -4.57 -60.28 0.78
C ALA B 408 -6.00 -59.84 1.07
N LEU B 409 -6.39 -59.83 2.36
CA LEU B 409 -7.71 -59.34 2.78
C LEU B 409 -7.81 -57.83 2.72
N PHE B 410 -6.69 -57.11 2.61
CA PHE B 410 -6.74 -55.66 2.60
C PHE B 410 -6.29 -55.11 1.25
N PRO B 411 -6.98 -55.44 0.15
CA PRO B 411 -6.41 -55.20 -1.19
C PRO B 411 -6.37 -53.75 -1.58
N SER B 412 -7.18 -52.91 -0.94
CA SER B 412 -7.38 -51.54 -1.37
C SER B 412 -6.41 -50.57 -0.74
N LEU B 413 -5.48 -51.07 0.06
CA LEU B 413 -4.50 -50.20 0.68
C LEU B 413 -3.75 -49.40 -0.37
N ARG B 414 -3.68 -48.10 -0.14
CA ARG B 414 -2.84 -47.21 -0.93
C ARG B 414 -1.58 -46.89 -0.15
N GLU B 415 -1.69 -46.81 1.16
CA GLU B 415 -0.53 -46.64 2.02
C GLU B 415 -0.78 -47.37 3.34
N LEU B 416 0.20 -48.18 3.76
CA LEU B 416 0.12 -49.03 4.95
C LEU B 416 1.24 -48.62 5.90
N HIS B 417 0.90 -47.93 6.99
CA HIS B 417 1.89 -47.47 7.95
C HIS B 417 1.90 -48.38 9.18
N LEU B 418 3.02 -49.01 9.47
CA LEU B 418 3.06 -49.97 10.57
C LEU B 418 4.30 -49.83 11.45
N GLY B 419 5.10 -48.78 11.29
CA GLY B 419 6.38 -48.73 11.95
C GLY B 419 6.32 -48.60 13.46
N SER B 420 7.51 -48.71 14.06
CA SER B 420 7.75 -48.47 15.47
C SER B 420 6.86 -49.31 16.36
N ASN B 421 6.71 -50.58 15.96
CA ASN B 421 6.00 -51.57 16.75
C ASN B 421 6.93 -52.73 17.10
N HIS B 422 6.36 -53.91 17.39
CA HIS B 422 7.11 -55.10 17.77
C HIS B 422 6.61 -56.32 16.98
N PHE B 423 6.13 -56.10 15.76
CA PHE B 423 5.62 -57.22 14.95
C PHE B 423 6.73 -58.21 14.62
N ASN B 424 6.34 -59.41 14.21
CA ASN B 424 7.31 -60.47 13.96
C ASN B 424 6.79 -61.35 12.82
N GLY B 425 7.51 -62.43 12.55
CA GLY B 425 7.21 -63.28 11.42
C GLY B 425 7.73 -62.68 10.12
N ARG B 426 7.52 -63.43 9.04
CA ARG B 426 7.76 -62.87 7.71
C ARG B 426 6.62 -61.94 7.31
N ILE B 427 6.88 -61.13 6.30
CA ILE B 427 5.78 -60.42 5.66
C ILE B 427 4.96 -61.42 4.83
N PRO B 428 3.63 -61.43 4.97
CA PRO B 428 2.80 -62.48 4.35
C PRO B 428 2.89 -62.51 2.83
N GLN B 429 2.94 -63.73 2.28
CA GLN B 429 3.08 -63.90 0.83
C GLN B 429 1.87 -63.32 0.10
N GLY B 430 0.79 -62.97 0.82
CA GLY B 430 -0.32 -62.28 0.22
C GLY B 430 -0.17 -60.76 -0.02
N ILE B 431 0.94 -60.15 0.40
CA ILE B 431 1.15 -58.73 0.16
C ILE B 431 1.28 -58.43 -1.31
N GLY B 432 1.49 -59.47 -2.12
CA GLY B 432 1.59 -59.30 -3.54
C GLY B 432 0.31 -58.93 -4.21
N LYS B 433 -0.82 -58.98 -3.48
CA LYS B 433 -2.13 -58.68 -4.02
C LYS B 433 -2.52 -57.23 -3.82
N LEU B 434 -1.59 -56.38 -3.36
CA LEU B 434 -1.88 -54.96 -3.07
C LEU B 434 -1.42 -54.14 -4.28
N SER B 435 -2.35 -53.91 -5.20
CA SER B 435 -2.03 -53.25 -6.45
C SER B 435 -2.03 -51.75 -6.32
N GLN B 436 -2.97 -51.19 -5.58
CA GLN B 436 -3.02 -49.75 -5.41
C GLN B 436 -2.04 -49.27 -4.36
N LEU B 437 -1.27 -50.18 -3.77
CA LEU B 437 -0.34 -49.81 -2.70
C LEU B 437 0.82 -48.95 -3.23
N LYS B 438 0.99 -47.78 -2.62
CA LYS B 438 2.07 -46.87 -2.92
C LYS B 438 3.09 -46.78 -1.80
N ILE B 439 2.68 -46.80 -0.55
CA ILE B 439 3.61 -46.56 0.55
C ILE B 439 3.49 -47.67 1.59
N LEU B 440 4.61 -48.27 1.94
CA LEU B 440 4.68 -49.30 2.97
C LEU B 440 5.79 -48.98 3.94
N ASP B 441 5.46 -48.82 5.21
CA ASP B 441 6.45 -48.49 6.23
C ASP B 441 6.38 -49.53 7.33
N VAL B 442 7.38 -50.38 7.41
CA VAL B 442 7.36 -51.42 8.43
C VAL B 442 8.67 -51.34 9.17
N SER B 443 9.17 -50.11 9.34
CA SER B 443 10.42 -49.85 10.02
C SER B 443 10.34 -50.14 11.51
N SER B 444 11.50 -50.42 12.11
CA SER B 444 11.68 -50.63 13.55
C SER B 444 10.82 -51.73 14.12
N ASN B 445 10.46 -52.71 13.31
CA ASN B 445 9.77 -53.88 13.84
C ASN B 445 10.72 -55.04 13.83
N ARG B 446 10.28 -56.16 14.38
CA ARG B 446 11.15 -57.31 14.42
C ARG B 446 10.66 -58.26 13.34
N LEU B 447 10.55 -57.79 12.09
CA LEU B 447 10.05 -58.74 11.10
C LEU B 447 11.22 -59.59 10.57
N GLU B 448 10.90 -60.72 9.95
CA GLU B 448 11.96 -61.68 9.66
C GLU B 448 12.10 -62.08 8.19
N GLY B 449 11.58 -61.32 7.23
CA GLY B 449 11.81 -61.72 5.85
C GLY B 449 10.74 -61.24 4.89
N LEU B 450 11.09 -61.25 3.59
CA LEU B 450 10.27 -60.71 2.52
C LEU B 450 9.89 -61.78 1.51
N PRO B 451 8.63 -61.81 1.06
CA PRO B 451 8.24 -62.74 0.00
C PRO B 451 8.59 -62.21 -1.39
N GLU B 452 8.71 -63.14 -2.33
CA GLU B 452 8.97 -62.73 -3.70
C GLU B 452 7.79 -61.97 -4.27
N SER B 453 6.62 -62.15 -3.69
CA SER B 453 5.39 -61.66 -4.27
C SER B 453 5.30 -60.13 -4.29
N MET B 454 6.12 -59.44 -3.49
CA MET B 454 6.21 -57.98 -3.59
C MET B 454 7.02 -57.48 -4.79
N GLY B 455 7.48 -58.40 -5.64
CA GLY B 455 7.91 -58.08 -6.98
C GLY B 455 6.69 -57.99 -7.88
N GLN B 456 5.55 -57.73 -7.30
CA GLN B 456 4.36 -57.57 -8.11
C GLN B 456 3.65 -56.24 -7.86
N LEU B 457 4.19 -55.37 -6.98
CA LEU B 457 3.44 -54.21 -6.49
C LEU B 457 3.33 -53.11 -7.54
N SER B 458 4.43 -52.72 -8.16
CA SER B 458 4.39 -51.91 -9.38
C SER B 458 3.85 -50.49 -9.17
N ASN B 459 3.33 -50.21 -7.98
CA ASN B 459 2.94 -48.86 -7.66
C ASN B 459 3.59 -48.42 -6.38
N LEU B 460 4.43 -49.25 -5.79
CA LEU B 460 5.05 -49.02 -4.50
C LEU B 460 6.12 -47.95 -4.67
N GLU B 461 5.78 -46.69 -4.33
CA GLU B 461 6.75 -45.61 -4.51
C GLU B 461 7.87 -45.64 -3.46
N SER B 462 7.51 -45.86 -2.19
CA SER B 462 8.45 -45.79 -1.07
C SER B 462 8.26 -47.05 -0.24
N PHE B 463 9.33 -47.82 -0.08
CA PHE B 463 9.32 -49.06 0.70
C PHE B 463 10.44 -48.99 1.72
N ASP B 464 10.05 -48.90 2.98
CA ASP B 464 10.97 -48.78 4.11
C ASP B 464 10.65 -49.92 5.07
N ALA B 465 11.58 -50.86 5.15
CA ALA B 465 11.55 -51.98 6.09
C ALA B 465 12.85 -52.01 6.89
N SER B 466 13.32 -50.85 7.31
CA SER B 466 14.59 -50.67 7.98
C SER B 466 14.49 -51.08 9.45
N TYR B 467 15.65 -51.40 10.05
CA TYR B 467 15.86 -51.71 11.47
C TYR B 467 15.09 -52.93 11.96
N ASN B 468 14.71 -53.78 11.02
CA ASN B 468 14.09 -55.03 11.37
C ASN B 468 15.13 -56.13 11.53
N VAL B 469 14.66 -57.36 11.61
CA VAL B 469 15.51 -58.52 11.82
C VAL B 469 15.33 -59.42 10.61
N LEU B 470 15.21 -58.83 9.41
CA LEU B 470 15.05 -59.63 8.19
C LEU B 470 16.29 -60.41 7.81
N LYS B 471 16.08 -61.64 7.37
CA LYS B 471 17.19 -62.52 7.04
C LYS B 471 16.91 -63.13 5.68
N GLY B 472 17.96 -63.38 4.91
CA GLY B 472 17.80 -64.03 3.63
C GLY B 472 18.31 -63.19 2.45
N THR B 473 18.21 -63.81 1.28
CA THR B 473 18.61 -63.21 0.03
C THR B 473 17.43 -62.66 -0.78
N ILE B 474 17.63 -61.47 -1.34
CA ILE B 474 16.60 -60.83 -2.16
C ILE B 474 17.02 -60.99 -3.60
N THR B 475 16.20 -61.66 -4.39
CA THR B 475 16.52 -61.91 -5.78
C THR B 475 15.82 -60.85 -6.63
N GLU B 476 16.22 -60.76 -7.89
CA GLU B 476 15.51 -59.84 -8.75
C GLU B 476 13.99 -60.09 -8.84
N SER B 477 13.47 -61.29 -8.55
CA SER B 477 12.01 -61.47 -8.57
C SER B 477 11.35 -60.72 -7.41
N HIS B 478 12.01 -60.69 -6.25
CA HIS B 478 11.55 -59.88 -5.14
C HIS B 478 11.22 -58.47 -5.56
N LEU B 479 11.99 -58.00 -6.54
CA LEU B 479 11.82 -56.60 -7.02
C LEU B 479 11.47 -56.59 -8.50
N SER B 480 10.90 -57.68 -8.99
CA SER B 480 10.39 -57.72 -10.38
C SER B 480 9.13 -56.88 -10.50
N ASN B 481 8.82 -56.36 -11.67
CA ASN B 481 7.50 -55.74 -11.89
C ASN B 481 7.23 -54.64 -10.85
N LEU B 482 8.22 -53.84 -10.49
CA LEU B 482 7.92 -52.68 -9.60
C LEU B 482 8.51 -51.42 -10.21
N SER B 483 7.89 -50.97 -11.30
CA SER B 483 8.39 -49.77 -12.01
C SER B 483 8.32 -48.53 -11.14
N SER B 484 7.24 -48.35 -10.41
CA SER B 484 7.11 -47.08 -9.66
C SER B 484 7.78 -47.18 -8.29
N LEU B 485 9.10 -47.25 -8.23
CA LEU B 485 9.81 -47.24 -6.93
C LEU B 485 10.81 -46.10 -6.94
N VAL B 486 10.85 -45.32 -5.88
CA VAL B 486 11.73 -44.13 -5.85
C VAL B 486 12.43 -44.09 -4.50
N ASP B 487 11.94 -44.87 -3.54
CA ASP B 487 12.62 -44.90 -2.25
C ASP B 487 12.74 -46.35 -1.79
N LEU B 488 13.96 -46.79 -1.51
CA LEU B 488 14.21 -48.11 -0.98
C LEU B 488 15.07 -47.96 0.25
N ASP B 489 14.67 -48.61 1.34
CA ASP B 489 15.32 -48.45 2.63
C ASP B 489 15.31 -49.78 3.35
N LEU B 490 16.47 -50.43 3.43
CA LEU B 490 16.61 -51.73 4.11
C LEU B 490 17.73 -51.69 5.13
N SER B 491 17.82 -50.61 5.87
CA SER B 491 18.97 -50.36 6.72
C SER B 491 19.09 -51.39 7.84
N PHE B 492 20.35 -51.69 8.18
CA PHE B 492 20.75 -52.41 9.39
C PHE B 492 19.95 -53.69 9.62
N ASN B 493 19.89 -54.50 8.58
CA ASN B 493 19.21 -55.78 8.58
C ASN B 493 20.21 -56.85 8.18
N SER B 494 19.87 -58.09 8.49
CA SER B 494 20.72 -59.24 8.24
C SER B 494 20.42 -59.82 6.85
N LEU B 495 20.55 -58.98 5.83
CA LEU B 495 19.92 -59.26 4.54
C LEU B 495 20.95 -59.32 3.43
N ALA B 496 20.56 -59.90 2.29
CA ALA B 496 21.44 -59.99 1.12
C ALA B 496 20.66 -59.64 -0.14
N LEU B 497 21.32 -58.91 -1.06
CA LEU B 497 20.66 -58.45 -2.28
C LEU B 497 21.55 -58.69 -3.49
N LYS B 498 21.35 -59.83 -4.12
CA LYS B 498 22.08 -60.17 -5.34
C LYS B 498 21.07 -60.38 -6.46
N THR B 499 21.26 -59.64 -7.54
CA THR B 499 20.45 -59.77 -8.72
C THR B 499 21.14 -60.73 -9.68
N SER B 500 20.48 -61.06 -10.78
CA SER B 500 21.23 -61.76 -11.81
C SER B 500 22.19 -60.80 -12.48
N ILE B 501 23.27 -61.34 -13.05
CA ILE B 501 24.36 -60.50 -13.56
C ILE B 501 23.83 -59.55 -14.63
N ASP B 502 23.03 -60.07 -15.55
CA ASP B 502 22.43 -59.30 -16.64
C ASP B 502 20.99 -58.94 -16.31
N TRP B 503 20.76 -58.42 -15.12
CA TRP B 503 19.43 -57.94 -14.77
C TRP B 503 19.35 -56.44 -14.94
N LEU B 504 18.25 -55.99 -15.54
CA LEU B 504 17.97 -54.56 -15.72
C LEU B 504 16.72 -54.25 -14.91
N PRO B 505 16.82 -53.43 -13.86
CA PRO B 505 15.68 -53.20 -12.99
C PRO B 505 14.70 -52.24 -13.64
N PRO B 506 13.39 -52.33 -13.31
CA PRO B 506 12.44 -51.47 -13.96
C PRO B 506 12.34 -50.16 -13.20
N PHE B 507 13.30 -49.88 -12.34
CA PHE B 507 13.12 -48.69 -11.48
C PHE B 507 14.34 -47.79 -11.40
N GLN B 508 14.11 -46.49 -11.28
CA GLN B 508 15.23 -45.56 -11.03
C GLN B 508 14.93 -44.97 -9.67
N LEU B 509 15.87 -45.03 -8.72
CA LEU B 509 15.50 -44.61 -7.36
C LEU B 509 16.32 -43.44 -6.89
N GLN B 510 15.66 -42.38 -6.46
CA GLN B 510 16.32 -41.18 -5.88
C GLN B 510 16.99 -41.50 -4.54
N VAL B 511 16.35 -42.31 -3.72
CA VAL B 511 16.90 -42.61 -2.37
C VAL B 511 17.21 -44.10 -2.27
N ILE B 512 18.44 -44.42 -1.89
CA ILE B 512 18.93 -45.77 -1.86
C ILE B 512 19.76 -45.91 -0.59
N ASN B 513 19.14 -46.46 0.45
CA ASN B 513 19.75 -46.75 1.76
C ASN B 513 19.74 -48.25 1.87
N LEU B 514 20.89 -48.87 1.66
CA LEU B 514 21.04 -50.31 1.85
C LEU B 514 22.19 -50.61 2.78
N PRO B 515 22.32 -49.93 3.93
CA PRO B 515 23.44 -50.24 4.84
C PRO B 515 23.32 -51.64 5.44
N SER B 516 24.49 -52.19 5.76
CA SER B 516 24.57 -53.48 6.42
C SER B 516 23.79 -54.54 5.65
N CYS B 517 23.88 -54.53 4.32
CA CYS B 517 23.36 -55.56 3.44
C CYS B 517 24.47 -55.96 2.47
N ASN B 518 24.83 -57.24 2.35
CA ASN B 518 25.87 -57.56 1.35
C ASN B 518 25.24 -57.55 -0.04
N LEU B 519 25.67 -56.59 -0.86
CA LEU B 519 25.12 -56.30 -2.18
C LEU B 519 25.80 -57.07 -3.30
N GLY B 520 26.74 -57.96 -2.96
CA GLY B 520 27.56 -58.62 -3.93
C GLY B 520 29.02 -58.45 -3.58
N PRO B 521 29.83 -59.49 -3.83
CA PRO B 521 31.29 -59.35 -3.69
C PRO B 521 31.85 -58.33 -4.65
N SER B 522 31.27 -58.31 -5.84
CA SER B 522 31.48 -57.30 -6.86
C SER B 522 30.59 -56.09 -6.59
N PHE B 523 31.10 -54.92 -6.94
CA PHE B 523 30.33 -53.70 -6.78
C PHE B 523 28.99 -53.89 -7.47
N PRO B 524 27.87 -53.69 -6.77
CA PRO B 524 26.55 -54.03 -7.32
C PRO B 524 26.43 -53.61 -8.77
N LYS B 525 26.16 -54.54 -9.69
CA LYS B 525 26.13 -54.13 -11.09
C LYS B 525 24.90 -53.30 -11.39
N TRP B 526 23.79 -53.54 -10.69
CA TRP B 526 22.58 -52.83 -11.06
C TRP B 526 22.74 -51.31 -10.90
N LEU B 527 23.65 -50.84 -10.04
CA LEU B 527 23.77 -49.39 -9.96
C LEU B 527 24.40 -48.72 -11.17
N GLN B 528 24.90 -49.45 -12.17
CA GLN B 528 25.31 -48.76 -13.38
C GLN B 528 24.10 -48.15 -14.09
N SER B 529 22.91 -48.74 -13.89
CA SER B 529 21.69 -48.35 -14.58
C SER B 529 20.91 -47.27 -13.85
N GLN B 530 21.24 -46.92 -12.60
CA GLN B 530 20.48 -45.90 -11.89
C GLN B 530 21.20 -44.57 -11.96
N ASN B 531 20.49 -43.57 -12.50
CA ASN B 531 21.06 -42.25 -12.73
C ASN B 531 20.30 -41.09 -12.11
N ASN B 532 19.21 -41.34 -11.37
CA ASN B 532 18.39 -40.29 -10.76
C ASN B 532 18.60 -40.17 -9.27
N TYR B 533 19.46 -41.00 -8.67
CA TYR B 533 19.57 -41.04 -7.22
C TYR B 533 20.36 -39.86 -6.68
N THR B 534 19.99 -39.43 -5.46
CA THR B 534 20.66 -38.35 -4.78
C THR B 534 21.13 -38.66 -3.37
N VAL B 535 20.92 -39.87 -2.90
CA VAL B 535 21.48 -40.30 -1.63
C VAL B 535 21.73 -41.81 -1.69
N LEU B 536 23.03 -42.18 -1.62
CA LEU B 536 23.55 -43.54 -1.80
C LEU B 536 24.20 -43.99 -0.51
N ASP B 537 23.62 -44.98 0.16
CA ASP B 537 24.21 -45.46 1.40
C ASP B 537 24.40 -46.95 1.17
N ILE B 538 25.58 -47.28 0.65
CA ILE B 538 25.96 -48.71 0.52
C ILE B 538 27.16 -48.86 1.46
N SER B 539 26.89 -49.02 2.75
CA SER B 539 27.96 -49.13 3.76
C SER B 539 27.77 -50.42 4.54
N LEU B 540 28.86 -51.10 4.86
CA LEU B 540 28.81 -52.32 5.69
C LEU B 540 28.25 -53.45 4.84
N ALA B 541 28.16 -53.21 3.55
CA ALA B 541 27.84 -54.31 2.62
C ALA B 541 29.12 -55.10 2.54
N ASN B 542 29.08 -56.32 2.05
CA ASN B 542 30.40 -56.97 1.89
C ASN B 542 30.80 -56.78 0.43
N ILE B 543 31.73 -55.86 0.16
CA ILE B 543 32.15 -55.54 -1.23
C ILE B 543 33.67 -55.54 -1.25
N SER B 544 34.26 -56.00 -2.34
CA SER B 544 35.74 -56.11 -2.27
C SER B 544 36.45 -55.83 -3.60
N ASP B 545 35.74 -55.50 -4.68
CA ASP B 545 36.56 -55.28 -5.87
C ASP B 545 36.99 -53.81 -5.91
N ALA B 546 37.55 -53.40 -7.04
CA ALA B 546 37.90 -52.00 -7.23
C ALA B 546 36.71 -51.21 -7.78
N LEU B 547 36.78 -49.90 -7.59
CA LEU B 547 35.68 -49.01 -7.92
C LEU B 547 35.49 -49.11 -9.42
N PRO B 548 34.33 -49.50 -9.91
CA PRO B 548 34.16 -49.66 -11.36
C PRO B 548 34.27 -48.35 -12.11
N SER B 549 34.67 -48.48 -13.38
CA SER B 549 34.90 -47.30 -14.21
C SER B 549 33.60 -46.58 -14.55
N TRP B 550 32.48 -47.32 -14.66
CA TRP B 550 31.20 -46.70 -14.97
C TRP B 550 30.69 -45.87 -13.83
N PHE B 551 31.05 -46.23 -12.60
CA PHE B 551 30.50 -45.49 -11.48
C PHE B 551 30.97 -44.04 -11.44
N SER B 552 31.97 -43.65 -12.22
CA SER B 552 32.34 -42.23 -12.19
C SER B 552 31.23 -41.34 -12.73
N GLY B 553 30.35 -41.89 -13.56
CA GLY B 553 29.32 -41.03 -14.12
C GLY B 553 28.13 -41.02 -13.20
N LEU B 554 28.43 -40.81 -11.93
CA LEU B 554 27.43 -40.85 -10.88
C LEU B 554 26.59 -39.58 -10.98
N PRO B 555 25.31 -39.66 -10.60
CA PRO B 555 24.40 -38.57 -10.94
C PRO B 555 24.93 -37.23 -10.46
N PRO B 556 24.63 -36.14 -11.17
CA PRO B 556 25.30 -34.87 -10.94
C PRO B 556 24.82 -34.11 -9.72
N ASP B 557 23.78 -34.57 -9.06
CA ASP B 557 23.26 -33.88 -7.89
C ASP B 557 23.02 -34.91 -6.79
N ILE B 558 24.12 -35.53 -6.37
CA ILE B 558 24.14 -36.42 -5.20
C ILE B 558 24.54 -35.60 -3.99
N LYS B 559 23.79 -35.79 -2.90
CA LYS B 559 24.11 -35.04 -1.72
C LYS B 559 24.65 -35.94 -0.63
N ILE B 560 24.39 -37.24 -0.68
CA ILE B 560 24.90 -38.15 0.34
C ILE B 560 25.36 -39.46 -0.29
N LEU B 561 26.69 -39.62 -0.34
CA LEU B 561 27.42 -40.81 -0.80
C LEU B 561 28.19 -41.35 0.40
N ASN B 562 27.75 -42.54 0.86
CA ASN B 562 28.41 -43.25 1.98
C ASN B 562 28.84 -44.62 1.45
N LEU B 563 30.07 -44.72 0.97
CA LEU B 563 30.66 -45.94 0.46
C LEU B 563 31.54 -46.62 1.48
N SER B 564 31.54 -46.13 2.72
CA SER B 564 32.49 -46.56 3.72
C SER B 564 32.21 -48.00 4.19
N ASN B 565 33.16 -48.49 4.99
CA ASN B 565 33.14 -49.83 5.60
C ASN B 565 32.90 -50.93 4.58
N ASN B 566 33.85 -51.02 3.65
CA ASN B 566 33.91 -52.12 2.69
C ASN B 566 35.38 -52.50 2.46
N GLN B 567 35.64 -53.20 1.36
CA GLN B 567 36.99 -53.37 0.85
C GLN B 567 37.03 -52.90 -0.61
N ILE B 568 36.58 -51.66 -0.85
CA ILE B 568 36.55 -51.08 -2.20
C ILE B 568 37.92 -50.51 -2.55
N SER B 569 38.33 -50.66 -3.80
CA SER B 569 39.64 -50.15 -4.19
C SER B 569 39.53 -49.24 -5.42
N GLY B 570 40.67 -48.63 -5.79
CA GLY B 570 40.82 -47.66 -6.86
C GLY B 570 41.39 -46.38 -6.29
N ARG B 571 41.97 -45.50 -7.11
CA ARG B 571 42.45 -44.22 -6.59
C ARG B 571 41.36 -43.21 -6.91
N VAL B 572 40.67 -42.74 -5.88
CA VAL B 572 39.52 -41.88 -6.10
C VAL B 572 39.94 -40.44 -6.39
N SER B 573 41.23 -40.16 -6.57
CA SER B 573 41.59 -38.82 -7.02
C SER B 573 40.83 -38.48 -8.29
N ASP B 574 40.97 -39.32 -9.33
CA ASP B 574 40.29 -39.15 -10.61
C ASP B 574 39.04 -40.02 -10.76
N LEU B 575 38.62 -40.71 -9.72
CA LEU B 575 37.41 -41.49 -9.87
C LEU B 575 36.16 -40.83 -9.25
N ILE B 576 36.29 -39.70 -8.53
CA ILE B 576 35.12 -38.95 -8.12
C ILE B 576 35.14 -37.64 -8.86
N GLU B 577 33.93 -37.09 -9.10
CA GLU B 577 33.81 -35.79 -9.74
C GLU B 577 33.64 -34.75 -8.63
N ASN B 578 33.95 -33.50 -8.97
CA ASN B 578 34.19 -32.47 -7.97
C ASN B 578 33.15 -31.38 -8.13
N ALA B 579 32.95 -30.67 -7.03
CA ALA B 579 31.96 -29.60 -6.95
C ALA B 579 30.65 -30.00 -7.64
N TYR B 580 30.05 -31.08 -7.13
CA TYR B 580 28.68 -31.42 -7.44
C TYR B 580 27.71 -31.06 -6.35
N ASP B 581 28.04 -30.09 -5.52
CA ASP B 581 27.23 -29.76 -4.37
C ASP B 581 26.93 -31.05 -3.59
N TYR B 582 28.01 -31.60 -3.03
CA TYR B 582 27.87 -32.74 -2.15
C TYR B 582 27.36 -32.23 -0.81
N MET B 583 26.98 -33.14 0.07
CA MET B 583 26.63 -32.67 1.39
C MET B 583 27.28 -33.59 2.40
N VAL B 584 27.37 -34.88 2.08
CA VAL B 584 28.01 -35.92 2.89
C VAL B 584 28.75 -36.90 1.99
N ILE B 585 30.08 -36.92 2.12
CA ILE B 585 30.96 -37.88 1.47
C ILE B 585 31.66 -38.66 2.58
N ASP B 586 31.42 -39.96 2.63
CA ASP B 586 32.14 -40.81 3.55
C ASP B 586 32.65 -42.00 2.78
N LEU B 587 33.98 -42.02 2.60
CA LEU B 587 34.71 -43.01 1.82
C LEU B 587 35.65 -43.80 2.72
N SER B 588 35.40 -43.80 4.04
CA SER B 588 36.34 -44.35 5.01
C SER B 588 36.23 -45.88 5.06
N SER B 589 37.21 -46.49 5.74
CA SER B 589 37.25 -47.93 5.99
C SER B 589 37.21 -48.76 4.69
N ASN B 590 38.22 -48.51 3.84
CA ASN B 590 38.38 -49.20 2.55
C ASN B 590 39.87 -49.40 2.26
N ASN B 591 40.14 -49.84 1.04
CA ASN B 591 41.46 -50.06 0.48
C ASN B 591 41.65 -49.11 -0.71
N PHE B 592 41.16 -47.89 -0.56
CA PHE B 592 41.38 -46.87 -1.56
C PHE B 592 42.82 -46.37 -1.45
N SER B 593 43.30 -45.81 -2.54
CA SER B 593 44.69 -45.38 -2.58
C SER B 593 44.82 -44.08 -3.37
N GLY B 594 46.04 -43.59 -3.48
CA GLY B 594 46.30 -42.44 -4.30
C GLY B 594 46.53 -41.22 -3.45
N PRO B 595 46.57 -40.04 -4.09
CA PRO B 595 46.59 -38.80 -3.33
C PRO B 595 45.15 -38.39 -3.00
N LEU B 596 45.00 -37.38 -2.15
CA LEU B 596 43.65 -37.04 -1.71
C LEU B 596 42.85 -36.51 -2.89
N PRO B 597 41.61 -36.96 -3.06
CA PRO B 597 40.76 -36.37 -4.09
C PRO B 597 40.54 -34.92 -3.72
N LEU B 598 40.59 -34.04 -4.71
CA LEU B 598 40.42 -32.63 -4.40
C LEU B 598 39.00 -32.45 -3.85
N VAL B 599 38.88 -31.76 -2.72
CA VAL B 599 37.59 -31.75 -2.01
C VAL B 599 36.57 -30.96 -2.83
N PRO B 600 35.36 -31.48 -3.01
CA PRO B 600 34.32 -30.71 -3.69
C PRO B 600 34.02 -29.44 -2.91
N THR B 601 33.37 -28.50 -3.58
CA THR B 601 33.33 -27.12 -3.11
C THR B 601 32.25 -26.89 -2.04
N ASN B 602 31.15 -27.63 -2.06
CA ASN B 602 30.03 -27.35 -1.17
C ASN B 602 29.77 -28.47 -0.17
N VAL B 603 30.70 -29.43 -0.05
CA VAL B 603 30.53 -30.52 0.91
C VAL B 603 30.77 -30.04 2.33
N GLN B 604 30.11 -30.70 3.27
CA GLN B 604 30.12 -30.31 4.67
C GLN B 604 30.79 -31.33 5.58
N ILE B 605 30.57 -32.64 5.41
CA ILE B 605 31.45 -33.63 6.01
C ILE B 605 32.00 -34.55 4.93
N PHE B 606 33.34 -34.70 4.96
CA PHE B 606 34.16 -35.35 3.94
C PHE B 606 35.12 -36.23 4.74
N TYR B 607 34.81 -37.52 4.78
CA TYR B 607 35.50 -38.51 5.61
C TYR B 607 36.32 -39.45 4.72
N LEU B 608 37.64 -39.43 4.92
CA LEU B 608 38.55 -40.25 4.14
C LEU B 608 39.38 -41.19 5.01
N HIS B 609 39.02 -41.39 6.30
CA HIS B 609 39.90 -42.10 7.22
C HIS B 609 39.91 -43.61 7.01
N LYS B 610 40.95 -44.26 7.52
CA LYS B 610 41.13 -45.71 7.39
C LYS B 610 41.35 -46.16 5.93
N ASN B 611 42.29 -45.53 5.23
CA ASN B 611 42.63 -45.91 3.85
C ASN B 611 44.14 -45.85 3.63
N GLN B 612 44.52 -45.80 2.37
CA GLN B 612 45.90 -45.90 1.91
C GLN B 612 46.21 -44.75 0.98
N PHE B 613 45.73 -43.57 1.36
CA PHE B 613 46.12 -42.37 0.66
C PHE B 613 47.56 -42.01 1.06
N PHE B 614 48.17 -41.05 0.36
CA PHE B 614 49.51 -40.56 0.69
C PHE B 614 49.77 -39.29 -0.12
N GLY B 615 50.80 -38.57 0.28
CA GLY B 615 51.15 -37.34 -0.43
C GLY B 615 50.77 -36.11 0.35
N SER B 616 50.95 -34.96 -0.29
CA SER B 616 50.58 -33.73 0.37
C SER B 616 49.07 -33.65 0.56
N ILE B 617 48.68 -32.75 1.44
CA ILE B 617 47.30 -32.31 1.58
C ILE B 617 47.40 -30.82 1.30
N SER B 618 48.25 -30.49 0.32
CA SER B 618 48.44 -29.12 -0.10
C SER B 618 47.30 -28.64 -0.97
N SER B 619 46.47 -29.57 -1.44
CA SER B 619 45.28 -29.37 -2.24
C SER B 619 43.99 -29.18 -1.43
N ILE B 620 44.00 -29.44 -0.12
CA ILE B 620 42.76 -29.36 0.67
C ILE B 620 42.12 -27.98 0.50
N CYS B 621 42.86 -26.95 0.84
CA CYS B 621 42.27 -25.63 1.01
C CYS B 621 42.81 -24.62 0.00
N LYS B 622 43.38 -25.09 -1.12
CA LYS B 622 43.66 -24.15 -2.19
C LYS B 622 42.35 -23.56 -2.69
N SER B 623 41.31 -24.39 -2.77
CA SER B 623 39.97 -23.93 -3.09
C SER B 623 39.14 -23.76 -1.83
N THR B 624 38.29 -22.73 -1.80
CA THR B 624 37.48 -22.45 -0.63
C THR B 624 36.41 -23.53 -0.40
N THR B 625 36.36 -24.03 0.84
CA THR B 625 35.44 -25.08 1.26
C THR B 625 34.84 -24.78 2.62
N GLY B 626 33.59 -25.18 2.77
CA GLY B 626 32.84 -24.91 3.97
C GLY B 626 32.64 -26.14 4.79
N ALA B 627 33.50 -27.14 4.58
CA ALA B 627 33.35 -28.40 5.29
C ALA B 627 33.42 -28.12 6.78
N THR B 628 32.52 -28.74 7.53
CA THR B 628 32.49 -28.51 8.96
C THR B 628 33.22 -29.61 9.70
N SER B 629 33.32 -30.78 9.09
CA SER B 629 34.01 -31.95 9.62
C SER B 629 34.73 -32.69 8.52
N LEU B 630 36.07 -32.76 8.59
CA LEU B 630 36.83 -33.64 7.72
C LEU B 630 37.71 -34.53 8.60
N ASP B 631 37.83 -35.79 8.20
CA ASP B 631 38.58 -36.80 8.92
C ASP B 631 39.53 -37.40 7.90
N LEU B 632 40.84 -37.15 8.07
CA LEU B 632 41.87 -37.68 7.19
C LEU B 632 42.78 -38.69 7.89
N SER B 633 42.38 -39.17 9.07
CA SER B 633 43.25 -39.97 9.92
C SER B 633 43.46 -41.37 9.33
N HIS B 634 44.43 -42.09 9.91
CA HIS B 634 44.72 -43.48 9.56
C HIS B 634 44.97 -43.67 8.07
N ASN B 635 45.81 -42.79 7.52
CA ASN B 635 46.28 -42.86 6.14
C ASN B 635 47.79 -42.87 6.16
N GLN B 636 48.38 -43.01 4.97
CA GLN B 636 49.82 -42.91 4.80
C GLN B 636 50.23 -41.52 4.31
N PHE B 637 49.39 -40.51 4.57
CA PHE B 637 49.66 -39.13 4.16
C PHE B 637 51.00 -38.65 4.69
N SER B 638 51.55 -37.61 4.06
CA SER B 638 52.87 -37.09 4.40
C SER B 638 52.94 -35.59 4.08
N GLY B 639 54.11 -35.00 4.37
CA GLY B 639 54.43 -33.66 3.95
C GLY B 639 54.29 -32.62 5.05
N GLU B 640 54.29 -31.36 4.61
CA GLU B 640 54.08 -30.21 5.48
C GLU B 640 52.69 -29.65 5.21
N LEU B 641 51.92 -29.39 6.29
CA LEU B 641 50.55 -28.94 6.13
C LEU B 641 50.50 -27.57 5.46
N PRO B 642 49.69 -27.41 4.42
CA PRO B 642 49.63 -26.10 3.76
C PRO B 642 49.08 -25.04 4.70
N ASP B 643 49.44 -23.80 4.42
CA ASP B 643 49.09 -22.68 5.29
C ASP B 643 47.94 -21.87 4.67
N CYS B 644 46.85 -22.59 4.46
CA CYS B 644 45.68 -22.05 3.77
C CYS B 644 44.36 -22.26 4.54
N TRP B 645 44.42 -22.52 5.86
CA TRP B 645 43.21 -22.87 6.61
C TRP B 645 42.20 -21.73 6.75
N MET B 646 42.54 -20.50 6.37
CA MET B 646 41.51 -19.47 6.25
C MET B 646 40.68 -19.64 4.98
N ASN B 647 41.05 -20.57 4.09
CA ASN B 647 40.18 -20.97 2.98
C ASN B 647 39.23 -22.08 3.37
N ALA B 648 39.32 -22.57 4.61
CA ALA B 648 38.32 -23.47 5.19
C ALA B 648 38.07 -23.06 6.66
N THR B 649 37.45 -21.90 6.85
CA THR B 649 37.20 -21.40 8.20
C THR B 649 36.12 -22.21 8.91
N ASN B 650 35.24 -22.88 8.17
CA ASN B 650 34.06 -23.46 8.77
C ASN B 650 34.32 -24.77 9.54
N LEU B 651 35.51 -25.35 9.41
CA LEU B 651 35.79 -26.60 10.11
C LEU B 651 35.53 -26.47 11.61
N ALA B 652 34.87 -27.47 12.19
CA ALA B 652 34.86 -27.60 13.64
C ALA B 652 35.45 -28.91 14.15
N VAL B 653 35.53 -29.94 13.30
CA VAL B 653 36.19 -31.20 13.63
C VAL B 653 37.27 -31.44 12.58
N LEU B 654 38.52 -31.37 13.04
CA LEU B 654 39.70 -31.62 12.22
C LEU B 654 40.35 -32.88 12.76
N ASN B 655 40.61 -33.84 11.89
CA ASN B 655 41.15 -35.13 12.33
C ASN B 655 42.25 -35.52 11.34
N LEU B 656 43.47 -35.08 11.65
CA LEU B 656 44.66 -35.45 10.90
C LEU B 656 45.50 -36.53 11.57
N ALA B 657 45.04 -37.10 12.69
CA ALA B 657 45.84 -38.03 13.47
C ALA B 657 46.26 -39.27 12.69
N TYR B 658 47.27 -39.97 13.21
CA TYR B 658 47.67 -41.30 12.66
C TYR B 658 48.06 -41.20 11.19
N ASN B 659 48.84 -40.19 10.84
CA ASN B 659 49.35 -40.03 9.46
C ASN B 659 50.81 -39.65 9.64
N ASN B 660 51.67 -39.83 8.64
CA ASN B 660 53.05 -39.39 8.91
C ASN B 660 53.15 -37.95 8.42
N PHE B 661 53.22 -37.01 9.34
CA PHE B 661 53.24 -35.59 8.94
C PHE B 661 54.42 -34.92 9.61
N SER B 662 55.18 -34.17 8.83
CA SER B 662 56.34 -33.43 9.39
C SER B 662 56.14 -31.96 9.13
N GLY B 663 56.31 -31.13 10.13
CA GLY B 663 56.22 -29.71 9.82
C GLY B 663 55.76 -28.89 11.00
N LYS B 664 55.89 -27.58 10.88
CA LYS B 664 55.43 -26.69 11.93
C LYS B 664 53.90 -26.69 11.87
N LEU B 665 53.25 -26.57 13.02
CA LEU B 665 51.79 -26.43 12.94
C LEU B 665 51.47 -25.09 12.27
N PRO B 666 50.71 -25.07 11.17
CA PRO B 666 50.56 -23.84 10.40
C PRO B 666 49.83 -22.78 11.19
N GLN B 667 50.37 -21.57 11.13
CA GLN B 667 49.81 -20.46 11.89
C GLN B 667 48.36 -20.20 11.46
N SER B 668 47.98 -20.69 10.27
CA SER B 668 46.62 -20.58 9.76
C SER B 668 45.59 -21.24 10.68
N LEU B 669 45.99 -22.25 11.46
CA LEU B 669 45.05 -22.87 12.39
C LEU B 669 44.45 -21.84 13.33
N GLY B 670 45.19 -20.74 13.61
CA GLY B 670 44.63 -19.66 14.40
C GLY B 670 43.36 -19.07 13.80
N SER B 671 43.13 -19.30 12.51
CA SER B 671 41.99 -18.87 11.70
C SER B 671 40.71 -19.69 11.90
N LEU B 672 40.69 -20.71 12.75
CA LEU B 672 39.49 -21.51 12.98
C LEU B 672 38.61 -20.90 14.09
N THR B 673 37.74 -19.96 13.73
CA THR B 673 36.92 -19.29 14.74
C THR B 673 36.10 -20.30 15.56
N ASN B 674 35.57 -21.32 14.92
CA ASN B 674 34.95 -22.44 15.60
C ASN B 674 35.69 -23.71 15.24
N LEU B 675 36.20 -24.40 16.24
CA LEU B 675 36.87 -25.69 16.04
C LEU B 675 36.55 -26.39 17.31
N GLU B 676 35.96 -27.58 17.24
CA GLU B 676 35.56 -28.20 18.50
C GLU B 676 36.49 -29.31 18.92
N ALA B 677 37.15 -29.93 17.95
CA ALA B 677 38.09 -31.01 18.21
C ALA B 677 39.21 -30.92 17.19
N LEU B 678 40.46 -30.99 17.66
CA LEU B 678 41.64 -30.94 16.81
C LEU B 678 42.47 -32.18 17.10
N TYR B 679 42.48 -33.13 16.18
CA TYR B 679 43.18 -34.39 16.32
C TYR B 679 44.49 -34.38 15.54
N MET B 680 45.59 -34.46 16.27
CA MET B 680 46.91 -34.36 15.67
C MET B 680 47.82 -35.44 16.25
N ARG B 681 47.26 -36.50 16.82
CA ARG B 681 48.11 -37.47 17.48
C ARG B 681 48.87 -38.27 16.45
N GLN B 682 50.03 -38.78 16.87
CA GLN B 682 50.87 -39.71 16.11
C GLN B 682 51.29 -39.18 14.73
N ASN B 683 51.72 -37.92 14.69
CA ASN B 683 52.46 -37.35 13.58
C ASN B 683 53.88 -37.01 14.00
N SER B 684 54.65 -36.47 13.06
CA SER B 684 56.04 -36.12 13.29
C SER B 684 56.21 -34.59 13.30
N PHE B 685 55.21 -33.90 13.85
CA PHE B 685 55.18 -32.45 13.82
C PHE B 685 56.34 -31.86 14.63
N SER B 686 57.04 -30.89 14.08
CA SER B 686 58.12 -30.31 14.85
C SER B 686 57.92 -28.81 14.93
N GLY B 687 58.72 -28.16 15.76
CA GLY B 687 58.67 -26.73 15.89
C GLY B 687 57.80 -26.31 17.04
N MET B 688 57.70 -24.99 17.22
CA MET B 688 56.77 -24.47 18.21
C MET B 688 55.30 -24.60 17.75
N LEU B 689 54.42 -24.51 18.73
CA LEU B 689 52.98 -24.51 18.50
C LEU B 689 52.50 -23.10 18.14
N PRO B 690 51.67 -22.96 17.11
CA PRO B 690 51.33 -21.63 16.59
C PRO B 690 50.21 -20.97 17.40
N SER B 691 50.07 -19.66 17.18
CA SER B 691 49.05 -18.88 17.88
C SER B 691 47.66 -19.46 17.61
N LEU B 692 47.01 -19.97 18.66
CA LEU B 692 45.63 -20.47 18.59
C LEU B 692 44.68 -19.61 19.42
N SER B 693 45.03 -18.35 19.61
CA SER B 693 44.30 -17.51 20.53
C SER B 693 42.87 -17.30 20.06
N GLN B 694 42.68 -17.07 18.76
CA GLN B 694 41.37 -16.68 18.23
C GLN B 694 40.37 -17.83 18.15
N CYS B 695 40.90 -19.06 18.26
CA CYS B 695 40.02 -20.24 18.27
C CYS B 695 39.60 -20.38 19.72
N GLN B 696 38.90 -19.39 20.24
CA GLN B 696 38.59 -19.40 21.68
C GLN B 696 37.75 -20.65 21.97
N SER B 697 36.85 -21.02 21.08
CA SER B 697 35.99 -22.16 21.44
C SER B 697 36.55 -23.46 20.90
N LEU B 698 36.96 -24.36 21.78
CA LEU B 698 37.36 -25.72 21.36
C LEU B 698 37.18 -26.60 22.59
N GLN B 699 37.04 -27.91 22.40
CA GLN B 699 36.74 -28.75 23.58
C GLN B 699 37.78 -29.85 23.64
N ILE B 700 38.30 -30.21 22.48
CA ILE B 700 39.31 -31.26 22.41
C ILE B 700 40.53 -30.71 21.69
N LEU B 701 41.71 -30.93 22.30
CA LEU B 701 43.00 -30.55 21.71
C LEU B 701 43.99 -31.63 22.12
N ASP B 702 44.27 -32.61 21.25
CA ASP B 702 45.35 -33.54 21.55
C ASP B 702 46.44 -33.45 20.49
N LEU B 703 47.70 -33.48 20.94
CA LEU B 703 48.84 -33.41 20.01
C LEU B 703 49.80 -34.53 20.39
N GLY B 704 49.27 -35.70 20.75
CA GLY B 704 50.12 -36.79 21.26
C GLY B 704 51.12 -37.34 20.28
N GLY B 705 52.33 -37.65 20.76
CA GLY B 705 53.35 -38.30 19.91
C GLY B 705 53.76 -37.39 18.78
N ASN B 706 53.58 -36.09 18.98
CA ASN B 706 53.84 -35.14 17.87
C ASN B 706 55.25 -34.57 17.90
N LYS B 707 56.09 -34.90 18.87
CA LYS B 707 57.48 -34.37 18.77
C LYS B 707 57.48 -32.84 18.65
N LEU B 708 56.65 -32.16 19.44
CA LEU B 708 56.52 -30.69 19.32
C LEU B 708 57.21 -30.02 20.49
N THR B 709 57.82 -28.86 20.25
CA THR B 709 58.63 -28.23 21.33
C THR B 709 58.28 -26.77 21.56
N GLY B 710 58.58 -26.28 22.76
CA GLY B 710 58.29 -24.89 23.13
C GLY B 710 57.66 -24.88 24.49
N ARG B 711 57.56 -23.73 25.14
CA ARG B 711 56.82 -23.79 26.41
C ARG B 711 55.32 -23.99 26.17
N ILE B 712 54.65 -24.69 27.10
CA ILE B 712 53.20 -24.73 27.07
C ILE B 712 52.71 -23.30 27.20
N PRO B 713 52.04 -22.73 26.20
CA PRO B 713 51.81 -21.28 26.20
C PRO B 713 50.66 -20.87 27.11
N ALA B 714 50.59 -19.56 27.35
CA ALA B 714 49.56 -19.02 28.22
C ALA B 714 48.17 -19.19 27.63
N TRP B 715 48.01 -18.98 26.32
CA TRP B 715 46.66 -18.94 25.77
C TRP B 715 45.90 -20.26 25.93
N ILE B 716 46.56 -21.38 26.25
CA ILE B 716 45.78 -22.59 26.55
C ILE B 716 44.92 -22.36 27.78
N GLY B 717 45.47 -21.70 28.79
CA GLY B 717 44.69 -21.33 29.95
C GLY B 717 43.99 -20.00 29.82
N THR B 718 44.43 -19.15 28.88
CA THR B 718 43.91 -17.78 28.79
C THR B 718 42.75 -17.60 27.81
N ASP B 719 42.96 -17.80 26.49
CA ASP B 719 41.83 -17.56 25.59
C ASP B 719 40.99 -18.83 25.44
N LEU B 720 41.64 -19.99 25.43
CA LEU B 720 40.94 -21.26 25.31
C LEU B 720 40.33 -21.67 26.65
N LEU B 721 39.36 -20.85 27.11
CA LEU B 721 38.64 -21.16 28.35
C LEU B 721 37.85 -22.46 28.19
N ASN B 722 37.00 -22.51 27.17
CA ASN B 722 36.35 -23.75 26.74
C ASN B 722 37.39 -24.83 26.54
N LEU B 723 37.27 -25.95 27.24
CA LEU B 723 38.14 -27.05 26.87
C LEU B 723 37.77 -28.22 27.75
N ARG B 724 37.80 -29.43 27.18
CA ARG B 724 37.47 -30.62 27.95
C ARG B 724 38.54 -31.72 27.92
N ILE B 725 39.34 -31.77 26.86
CA ILE B 725 40.42 -32.75 26.76
C ILE B 725 41.68 -32.03 26.27
N LEU B 726 42.80 -32.26 26.95
CA LEU B 726 44.07 -31.65 26.55
C LEU B 726 45.16 -32.70 26.68
N SER B 727 45.71 -33.14 25.55
CA SER B 727 46.73 -34.19 25.53
C SER B 727 47.93 -33.69 24.76
N LEU B 728 49.07 -33.51 25.45
CA LEU B 728 50.32 -33.04 24.86
C LEU B 728 51.46 -34.03 25.15
N ARG B 729 51.14 -35.33 25.16
CA ARG B 729 52.09 -36.37 25.56
C ARG B 729 53.14 -36.66 24.48
N PHE B 730 54.30 -37.17 24.92
CA PHE B 730 55.40 -37.62 24.07
C PHE B 730 55.75 -36.55 23.04
N ASN B 731 55.99 -35.37 23.56
CA ASN B 731 56.41 -34.29 22.65
C ASN B 731 57.72 -33.79 23.22
N LYS B 732 58.09 -32.57 22.93
CA LYS B 732 59.31 -32.04 23.54
C LYS B 732 58.96 -30.68 24.12
N PHE B 733 58.22 -30.64 25.21
CA PHE B 733 57.88 -29.29 25.65
C PHE B 733 58.85 -28.88 26.74
N TYR B 734 59.71 -27.94 26.40
CA TYR B 734 60.66 -27.39 27.40
C TYR B 734 59.92 -26.37 28.24
N GLY B 735 60.48 -26.05 29.39
CA GLY B 735 59.88 -24.97 30.16
C GLY B 735 58.97 -25.48 31.23
N SER B 736 58.60 -24.59 32.15
CA SER B 736 57.75 -24.98 33.26
C SER B 736 56.28 -24.92 32.83
N ILE B 737 55.40 -25.41 33.72
CA ILE B 737 53.96 -25.42 33.50
C ILE B 737 53.37 -24.14 34.08
N SER B 738 52.55 -23.46 33.29
CA SER B 738 51.71 -22.39 33.85
C SER B 738 50.67 -23.02 34.79
N PRO B 739 50.48 -22.48 36.00
CA PRO B 739 49.41 -22.99 36.87
C PRO B 739 48.02 -22.54 36.42
N ILE B 740 47.96 -21.57 35.50
CA ILE B 740 46.72 -21.00 34.99
C ILE B 740 45.83 -22.04 34.33
N ILE B 741 46.39 -23.19 33.98
CA ILE B 741 45.64 -24.31 33.41
C ILE B 741 44.61 -24.86 34.42
N CYS B 742 44.75 -24.50 35.70
CA CYS B 742 43.76 -24.84 36.71
C CYS B 742 42.51 -23.95 36.63
N GLN B 743 42.47 -22.94 35.75
CA GLN B 743 41.35 -22.00 35.67
C GLN B 743 40.33 -22.36 34.61
N LEU B 744 40.52 -23.46 33.90
CA LEU B 744 39.52 -23.90 32.92
C LEU B 744 38.25 -24.39 33.63
N GLN B 745 38.38 -25.44 34.46
CA GLN B 745 37.42 -25.95 35.45
C GLN B 745 36.27 -26.71 34.78
N PHE B 746 36.30 -26.87 33.46
CA PHE B 746 35.46 -27.80 32.73
C PHE B 746 36.30 -28.86 32.06
N LEU B 747 37.62 -28.67 32.03
CA LEU B 747 38.56 -29.67 31.51
C LEU B 747 38.41 -30.96 32.29
N GLN B 748 38.19 -32.06 31.59
CA GLN B 748 37.99 -33.33 32.26
C GLN B 748 39.20 -34.24 32.19
N ILE B 749 39.99 -34.14 31.13
CA ILE B 749 41.12 -35.03 30.92
C ILE B 749 42.37 -34.16 30.73
N LEU B 750 43.43 -34.48 31.46
CA LEU B 750 44.71 -33.81 31.31
C LEU B 750 45.79 -34.87 31.27
N ASP B 751 46.58 -34.88 30.20
CA ASP B 751 47.70 -35.82 30.04
C ASP B 751 48.86 -35.04 29.46
N LEU B 752 49.96 -34.96 30.21
CA LEU B 752 51.17 -34.24 29.78
C LEU B 752 52.42 -35.08 30.01
N SER B 753 52.35 -36.39 29.80
CA SER B 753 53.46 -37.30 30.14
C SER B 753 54.64 -37.19 29.16
N ALA B 754 55.82 -37.54 29.66
CA ALA B 754 57.00 -37.73 28.82
C ALA B 754 57.38 -36.46 28.04
N ASN B 755 57.65 -35.37 28.78
CA ASN B 755 58.06 -34.12 28.14
C ASN B 755 59.22 -33.39 28.76
N GLY B 756 59.66 -33.71 29.98
CA GLY B 756 60.76 -32.93 30.53
C GLY B 756 60.40 -31.49 30.83
N LEU B 757 59.41 -31.26 31.68
CA LEU B 757 59.01 -29.91 32.07
C LEU B 757 59.77 -29.37 33.29
N PRO B 780 28.26 -35.68 24.93
CA PRO B 780 27.52 -34.40 24.84
C PRO B 780 28.07 -33.34 23.82
N MET B 781 29.01 -33.73 22.94
CA MET B 781 29.55 -32.91 21.85
C MET B 781 29.03 -33.36 20.48
N GLU B 782 28.81 -32.40 19.57
CA GLU B 782 28.34 -32.69 18.22
C GLU B 782 28.56 -31.47 17.30
N PHE B 783 28.28 -31.66 15.99
CA PHE B 783 28.25 -30.61 14.98
C PHE B 783 27.00 -30.77 14.12
N LEU B 784 26.75 -29.81 13.20
CA LEU B 784 25.53 -29.81 12.39
C LEU B 784 25.80 -29.75 10.89
N VAL B 785 24.95 -30.43 10.12
CA VAL B 785 24.89 -30.36 8.66
C VAL B 785 23.58 -29.67 8.25
N GLN B 786 23.65 -28.55 7.53
CA GLN B 786 22.49 -27.66 7.49
C GLN B 786 21.35 -28.12 6.58
N GLY B 787 21.60 -28.31 5.30
CA GLY B 787 20.45 -28.60 4.46
C GLY B 787 19.96 -30.04 4.46
N PHE B 788 20.36 -30.84 5.46
CA PHE B 788 20.14 -32.29 5.43
C PHE B 788 18.69 -32.69 5.22
N TYR B 789 17.80 -32.15 6.04
CA TYR B 789 16.37 -32.47 6.00
C TYR B 789 15.57 -31.33 5.41
N GLY B 790 16.11 -30.67 4.40
CA GLY B 790 15.45 -29.52 3.84
C GLY B 790 15.61 -28.28 4.71
N LYS B 791 14.53 -27.89 5.38
CA LYS B 791 14.63 -26.71 6.23
C LYS B 791 15.48 -27.02 7.45
N TYR B 792 15.31 -28.24 8.02
CA TYR B 792 15.82 -28.64 9.33
C TYR B 792 17.25 -29.16 9.20
N PRO B 793 18.16 -28.73 10.06
CA PRO B 793 19.53 -29.24 9.99
C PRO B 793 19.53 -30.64 10.56
N ARG B 794 20.70 -31.27 10.52
CA ARG B 794 20.91 -32.53 11.21
C ARG B 794 22.07 -32.41 12.17
N HIS B 795 21.92 -33.01 13.34
CA HIS B 795 22.98 -32.97 14.34
C HIS B 795 23.67 -34.33 14.40
N TYR B 796 24.99 -34.31 14.20
CA TYR B 796 25.87 -35.48 14.15
C TYR B 796 26.80 -35.47 15.36
N SER B 797 26.95 -36.62 16.02
CA SER B 797 27.84 -36.76 17.17
C SER B 797 29.20 -37.31 16.76
N TYR B 798 30.27 -36.75 17.36
CA TYR B 798 31.64 -37.17 17.07
C TYR B 798 32.49 -37.52 18.30
N LEU B 799 32.13 -37.07 19.50
CA LEU B 799 32.88 -37.53 20.65
C LEU B 799 32.61 -39.03 20.78
N GLY B 800 33.63 -39.80 21.11
CA GLY B 800 33.42 -41.24 21.20
C GLY B 800 34.04 -41.89 22.41
N ASN B 801 34.98 -42.81 22.21
CA ASN B 801 35.69 -43.43 23.32
C ASN B 801 36.36 -42.36 24.16
N LEU B 802 36.03 -42.33 25.46
CA LEU B 802 36.58 -41.30 26.31
C LEU B 802 37.87 -41.87 26.92
N GLY C 20 13.53 41.76 10.92
CA GLY C 20 13.68 42.95 10.08
C GLY C 20 12.74 42.98 8.88
N ASP C 21 12.15 44.15 8.61
CA ASP C 21 11.12 44.26 7.58
C ASP C 21 11.73 44.42 6.20
N TYR C 22 11.14 43.75 5.20
CA TYR C 22 11.75 43.58 3.89
C TYR C 22 10.71 43.64 2.77
N CYS C 23 11.03 44.38 1.71
CA CYS C 23 10.03 44.79 0.73
C CYS C 23 10.14 44.06 -0.59
N GLY C 24 10.96 43.02 -0.67
CA GLY C 24 11.15 42.36 -1.93
C GLY C 24 9.89 41.63 -2.35
N GLN C 25 9.70 41.51 -3.66
CA GLN C 25 8.50 40.85 -4.16
C GLN C 25 8.38 39.45 -3.58
N TRP C 26 9.37 38.60 -3.79
CA TRP C 26 9.27 37.23 -3.32
C TRP C 26 10.19 36.91 -2.15
N ASP C 27 10.62 37.92 -1.40
CA ASP C 27 11.48 37.68 -0.27
C ASP C 27 10.69 36.94 0.82
N TRP C 28 11.42 36.25 1.72
CA TRP C 28 10.82 35.55 2.86
C TRP C 28 11.70 35.72 4.09
N ALA C 29 11.27 35.10 5.18
CA ALA C 29 12.06 35.03 6.41
C ALA C 29 11.84 33.63 6.99
N LYS C 30 12.78 32.71 6.74
CA LYS C 30 12.74 31.33 7.25
C LYS C 30 13.14 31.32 8.72
N SER C 31 12.18 31.10 9.62
CA SER C 31 12.41 31.24 11.06
C SER C 31 11.88 30.04 11.84
N THR C 32 12.78 29.11 12.21
CA THR C 32 12.47 27.93 13.02
C THR C 32 11.40 27.11 12.31
N ASN C 33 10.20 26.93 12.89
CA ASN C 33 9.07 26.14 12.34
C ASN C 33 8.15 26.89 11.36
N TYR C 34 8.11 28.23 11.37
CA TYR C 34 7.29 29.00 10.43
C TYR C 34 8.15 29.72 9.39
N ILE C 35 7.57 29.89 8.20
CA ILE C 35 8.13 30.77 7.18
C ILE C 35 7.18 31.95 7.09
N VAL C 36 7.71 33.16 7.08
CA VAL C 36 6.87 34.31 6.81
C VAL C 36 7.13 34.75 5.37
N TYR C 37 6.44 34.12 4.44
CA TYR C 37 6.50 34.55 3.05
C TYR C 37 5.80 35.89 2.96
N ASN C 38 6.42 36.83 2.29
CA ASN C 38 5.68 37.87 1.61
C ASN C 38 5.65 37.43 0.16
N ASN C 39 4.46 37.33 -0.42
CA ASN C 39 4.37 37.12 -1.86
C ASN C 39 3.49 38.21 -2.43
N LEU C 40 4.12 39.15 -3.11
CA LEU C 40 3.40 40.11 -3.91
C LEU C 40 3.15 39.48 -5.28
N TRP C 41 2.43 38.35 -5.28
CA TRP C 41 2.32 37.53 -6.49
C TRP C 41 1.45 38.15 -7.58
N ASN C 42 0.64 39.14 -7.21
CA ASN C 42 -0.21 39.84 -8.22
C ASN C 42 0.04 41.33 -8.07
N LYS C 43 1.31 41.69 -7.92
CA LYS C 43 1.70 43.11 -7.76
C LYS C 43 1.31 43.87 -9.01
N ASN C 44 1.41 43.25 -10.17
CA ASN C 44 1.22 44.03 -11.42
C ASN C 44 -0.26 44.21 -11.69
N ALA C 45 -0.89 45.06 -10.88
CA ALA C 45 -2.32 45.40 -11.07
C ALA C 45 -2.43 46.65 -11.91
N ALA C 46 -1.29 47.22 -12.33
CA ALA C 46 -1.29 48.51 -13.08
C ALA C 46 -1.49 49.60 -12.04
N ALA C 47 -1.38 49.24 -10.76
CA ALA C 47 -1.62 50.19 -9.67
C ALA C 47 -0.31 50.40 -8.93
N SER C 48 0.10 51.64 -8.70
CA SER C 48 1.40 51.76 -8.01
C SER C 48 1.21 51.14 -6.63
N GLY C 49 2.12 50.27 -6.21
CA GLY C 49 1.90 49.61 -4.93
C GLY C 49 3.16 49.30 -4.16
N SER C 50 3.09 49.39 -2.83
CA SER C 50 4.23 48.98 -1.99
C SER C 50 3.72 47.98 -0.98
N GLN C 51 4.36 46.83 -0.82
CA GLN C 51 3.98 45.92 0.28
C GLN C 51 5.26 45.48 0.96
N CYS C 52 5.44 45.90 2.20
CA CYS C 52 6.66 45.64 2.93
C CYS C 52 6.31 45.00 4.27
N THR C 53 6.63 43.73 4.42
CA THR C 53 6.27 42.92 5.57
C THR C 53 7.43 42.87 6.56
N GLY C 54 7.34 42.00 7.57
CA GLY C 54 8.46 41.78 8.47
C GLY C 54 8.16 41.01 9.73
N VAL C 55 9.09 40.18 10.18
CA VAL C 55 8.90 39.36 11.38
C VAL C 55 9.35 40.19 12.58
N ASP C 56 8.53 40.20 13.64
CA ASP C 56 8.86 41.01 14.81
C ASP C 56 9.49 40.19 15.92
N LYS C 57 8.89 39.05 16.26
CA LYS C 57 9.30 38.27 17.42
C LYS C 57 9.16 36.80 17.08
N ILE C 58 9.98 35.96 17.73
CA ILE C 58 9.83 34.51 17.69
C ILE C 58 9.80 34.03 19.13
N SER C 59 8.88 33.13 19.44
CA SER C 59 8.86 32.58 20.79
C SER C 59 8.41 31.12 20.67
N GLY C 60 9.25 30.32 20.04
CA GLY C 60 8.93 28.93 19.80
C GLY C 60 7.78 28.77 18.84
N SER C 61 6.73 28.07 19.28
CA SER C 61 5.53 27.77 18.48
C SER C 61 4.57 28.95 18.35
N THR C 62 4.81 30.10 18.98
CA THR C 62 4.03 31.31 18.75
C THR C 62 4.91 32.34 18.05
N ILE C 63 4.41 33.01 17.02
CA ILE C 63 5.19 34.01 16.31
C ILE C 63 4.48 35.37 16.42
N ALA C 64 5.18 36.42 15.98
CA ALA C 64 4.61 37.75 15.80
C ALA C 64 5.19 38.40 14.56
N TRP C 65 4.34 39.05 13.76
CA TRP C 65 4.81 39.65 12.52
C TRP C 65 3.89 40.81 12.14
N HIS C 66 4.30 41.53 11.10
CA HIS C 66 3.51 42.61 10.56
C HIS C 66 3.69 42.62 9.05
N THR C 67 2.81 43.35 8.37
CA THR C 67 3.08 43.80 7.01
C THR C 67 2.60 45.23 6.89
N SER C 68 2.71 45.78 5.68
CA SER C 68 2.15 47.08 5.35
C SER C 68 2.15 47.21 3.84
N TYR C 69 1.12 47.85 3.30
CA TYR C 69 0.98 47.97 1.85
C TYR C 69 0.22 49.24 1.48
N THR C 70 0.29 49.57 0.19
CA THR C 70 -0.45 50.70 -0.37
C THR C 70 -0.57 50.45 -1.88
N TRP C 71 -1.59 49.68 -2.23
CA TRP C 71 -1.97 49.38 -3.62
C TRP C 71 -3.27 50.13 -3.93
N THR C 72 -3.25 50.96 -4.97
CA THR C 72 -4.43 51.74 -5.35
C THR C 72 -4.67 51.59 -6.85
N GLY C 73 -5.89 51.23 -7.22
CA GLY C 73 -6.30 51.31 -8.61
C GLY C 73 -5.98 50.08 -9.43
N GLY C 74 -5.90 50.30 -10.73
CA GLY C 74 -5.68 49.25 -11.69
C GLY C 74 -6.87 48.35 -11.89
N ALA C 75 -6.75 47.09 -11.48
CA ALA C 75 -7.88 46.17 -11.37
C ALA C 75 -8.13 45.91 -9.88
N ALA C 76 -9.25 46.42 -9.36
CA ALA C 76 -9.64 46.22 -7.96
C ALA C 76 -10.54 45.01 -7.78
N THR C 77 -10.82 44.29 -8.87
CA THR C 77 -11.42 42.96 -8.84
C THR C 77 -10.45 41.87 -8.35
N GLU C 78 -9.12 42.13 -8.34
CA GLU C 78 -8.13 41.06 -8.18
C GLU C 78 -7.40 41.20 -6.85
N VAL C 79 -6.86 40.08 -6.35
CA VAL C 79 -6.01 40.12 -5.18
C VAL C 79 -4.64 40.66 -5.58
N LYS C 80 -3.89 41.21 -4.61
CA LYS C 80 -2.56 41.76 -4.89
C LYS C 80 -1.41 41.03 -4.21
N SER C 81 -1.62 40.42 -3.03
CA SER C 81 -0.59 39.72 -2.25
C SER C 81 -1.26 38.78 -1.27
N TYR C 82 -0.47 37.87 -0.69
CA TYR C 82 -0.92 37.04 0.42
C TYR C 82 0.26 36.83 1.37
N SER C 83 0.73 37.94 1.94
CA SER C 83 1.83 37.83 2.89
C SER C 83 1.38 36.95 4.04
N ASN C 84 1.91 35.76 4.10
CA ASN C 84 1.36 34.74 4.96
C ASN C 84 2.46 34.25 5.86
N ALA C 85 2.08 33.79 7.02
CA ALA C 85 2.99 33.08 7.88
C ALA C 85 2.67 31.62 7.62
N ALA C 86 3.64 30.89 7.11
CA ALA C 86 3.42 29.50 6.74
C ALA C 86 4.08 28.63 7.78
N LEU C 87 3.40 27.55 8.11
CA LEU C 87 3.96 26.48 8.90
C LEU C 87 4.27 25.40 7.89
N VAL C 88 5.47 24.89 7.91
CA VAL C 88 5.74 23.63 7.23
C VAL C 88 5.96 22.61 8.35
N PHE C 89 5.51 21.40 8.08
CA PHE C 89 5.34 20.37 9.06
C PHE C 89 5.47 19.06 8.34
N SER C 90 5.50 17.99 9.10
CA SER C 90 5.45 16.66 8.52
C SER C 90 4.07 16.47 7.92
N LYS C 91 3.97 16.59 6.60
CA LYS C 91 2.70 16.45 5.92
C LYS C 91 2.16 15.02 5.99
N LYS C 92 0.97 14.88 6.58
CA LYS C 92 0.30 13.63 6.89
C LYS C 92 -1.06 13.60 6.22
N GLN C 93 -1.62 12.40 6.10
CA GLN C 93 -2.92 12.33 5.47
C GLN C 93 -3.96 12.98 6.38
N ILE C 94 -5.09 13.40 5.77
CA ILE C 94 -6.15 13.98 6.59
C ILE C 94 -6.70 12.95 7.59
N LYS C 95 -6.77 11.67 7.19
CA LYS C 95 -7.20 10.61 8.09
C LYS C 95 -6.43 10.60 9.39
N ASN C 96 -5.13 10.84 9.30
CA ASN C 96 -4.15 10.57 10.35
C ASN C 96 -3.76 11.84 11.09
N ILE C 97 -4.56 12.89 10.98
CA ILE C 97 -4.39 14.07 11.80
C ILE C 97 -5.30 13.90 13.01
N LYS C 98 -4.73 14.06 14.19
CA LYS C 98 -5.53 14.15 15.39
C LYS C 98 -5.98 15.59 15.64
N SER C 99 -5.12 16.55 15.36
CA SER C 99 -5.39 17.92 15.80
C SER C 99 -4.54 18.88 14.97
N ILE C 100 -5.15 19.97 14.53
CA ILE C 100 -4.44 21.06 13.88
C ILE C 100 -4.70 22.32 14.69
N PRO C 101 -4.26 22.39 15.95
CA PRO C 101 -4.57 23.57 16.77
C PRO C 101 -3.91 24.83 16.24
N THR C 102 -4.58 25.95 16.48
CA THR C 102 -4.04 27.24 16.09
C THR C 102 -4.74 28.35 16.85
N LYS C 103 -4.06 29.49 16.93
CA LYS C 103 -4.68 30.71 17.40
C LYS C 103 -4.04 31.90 16.71
N MET C 104 -4.72 33.03 16.80
CA MET C 104 -4.31 34.25 16.16
C MET C 104 -4.91 35.39 16.97
N LYS C 105 -4.15 36.45 17.14
CA LYS C 105 -4.66 37.70 17.68
C LYS C 105 -4.09 38.79 16.80
N TYR C 106 -4.93 39.71 16.33
CA TYR C 106 -4.40 40.75 15.48
C TYR C 106 -5.19 42.04 15.64
N SER C 107 -4.65 43.09 15.03
CA SER C 107 -5.25 44.39 14.96
C SER C 107 -4.83 44.99 13.63
N TYR C 108 -5.68 45.84 13.06
CA TYR C 108 -5.51 46.23 11.68
C TYR C 108 -5.81 47.73 11.54
N SER C 109 -5.07 48.37 10.64
CA SER C 109 -5.15 49.82 10.48
C SER C 109 -5.21 50.14 9.00
N HIS C 110 -6.13 51.03 8.65
CA HIS C 110 -6.55 51.35 7.30
C HIS C 110 -6.74 52.86 7.19
N SER C 111 -6.60 53.39 5.99
CA SER C 111 -6.47 54.83 5.80
C SER C 111 -7.56 55.34 4.87
N SER C 112 -8.59 55.92 5.49
CA SER C 112 -9.70 56.64 4.84
C SER C 112 -10.43 55.67 3.92
N GLY C 113 -10.59 55.99 2.62
CA GLY C 113 -11.54 55.30 1.78
C GLY C 113 -10.89 54.38 0.77
N THR C 114 -11.76 53.64 0.10
CA THR C 114 -11.42 52.52 -0.79
C THR C 114 -10.44 51.56 -0.08
N PHE C 115 -10.99 50.92 0.96
CA PHE C 115 -10.32 49.89 1.76
C PHE C 115 -10.95 48.52 1.48
N VAL C 116 -10.25 47.67 0.71
CA VAL C 116 -10.80 46.39 0.21
C VAL C 116 -9.78 45.25 0.38
N ALA C 117 -10.10 44.26 1.22
CA ALA C 117 -9.19 43.14 1.50
C ALA C 117 -9.78 42.18 2.54
N ASP C 118 -9.13 41.03 2.73
CA ASP C 118 -9.56 40.05 3.74
C ASP C 118 -8.38 39.53 4.57
N VAL C 119 -8.72 38.82 5.64
CA VAL C 119 -7.79 38.15 6.53
C VAL C 119 -8.21 36.70 6.60
N SER C 120 -7.36 35.78 6.14
CA SER C 120 -7.78 34.39 5.96
C SER C 120 -6.63 33.42 6.23
N TYR C 121 -6.99 32.20 6.65
CA TYR C 121 -6.09 31.07 6.53
C TYR C 121 -6.24 30.44 5.16
N ASP C 122 -5.17 29.83 4.69
CA ASP C 122 -5.19 29.13 3.41
C ASP C 122 -4.52 27.79 3.65
N LEU C 123 -5.29 26.72 3.46
CA LEU C 123 -4.78 25.36 3.54
C LEU C 123 -4.88 24.71 2.17
N PHE C 124 -3.93 23.85 1.85
CA PHE C 124 -3.90 23.18 0.57
C PHE C 124 -3.62 21.71 0.80
N THR C 125 -4.16 20.86 -0.05
CA THR C 125 -4.02 19.42 0.09
C THR C 125 -3.87 18.78 -1.28
N SER C 126 -3.11 17.67 -1.36
CA SER C 126 -3.00 16.88 -2.59
C SER C 126 -2.97 15.38 -2.30
N SER C 127 -3.04 14.62 -3.40
CA SER C 127 -3.01 13.16 -3.36
C SER C 127 -1.67 12.64 -2.83
N THR C 128 -0.59 13.02 -3.49
CA THR C 128 0.76 12.62 -3.14
C THR C 128 1.38 13.72 -2.29
N ALA C 129 2.31 13.33 -1.42
CA ALA C 129 2.96 14.30 -0.55
C ALA C 129 3.56 15.48 -1.31
N SER C 130 3.98 15.29 -2.56
CA SER C 130 4.64 16.34 -3.31
C SER C 130 3.88 16.68 -4.59
N GLY C 131 2.55 16.54 -4.57
CA GLY C 131 1.76 16.71 -5.77
C GLY C 131 1.28 18.13 -5.99
N SER C 132 0.65 18.34 -7.15
CA SER C 132 0.01 19.62 -7.46
C SER C 132 -1.21 19.83 -6.57
N ASN C 133 -1.45 21.09 -6.16
CA ASN C 133 -2.60 21.39 -5.32
C ASN C 133 -3.87 20.84 -5.95
N GLU C 134 -4.69 20.16 -5.16
CA GLU C 134 -5.93 19.62 -5.68
C GLU C 134 -7.16 20.20 -5.03
N TYR C 135 -7.15 20.41 -3.71
CA TYR C 135 -8.18 21.14 -3.01
C TYR C 135 -7.55 22.32 -2.28
N GLU C 136 -8.32 23.40 -2.17
CA GLU C 136 -7.89 24.56 -1.41
C GLU C 136 -8.97 24.91 -0.39
N ILE C 137 -8.58 25.08 0.86
CA ILE C 137 -9.52 25.37 1.94
C ILE C 137 -9.08 26.67 2.60
N MET C 138 -9.89 27.71 2.46
CA MET C 138 -9.63 28.98 3.10
C MET C 138 -10.59 29.15 4.28
N ILE C 139 -10.13 29.80 5.33
CA ILE C 139 -10.98 30.13 6.47
C ILE C 139 -10.79 31.62 6.73
N TRP C 140 -11.77 32.41 6.30
CA TRP C 140 -11.68 33.86 6.29
C TRP C 140 -12.09 34.37 7.67
N LEU C 141 -11.15 34.94 8.41
CA LEU C 141 -11.54 35.56 9.66
C LEU C 141 -12.19 36.92 9.46
N ALA C 142 -11.89 37.62 8.37
CA ALA C 142 -12.52 38.91 8.20
C ALA C 142 -12.50 39.32 6.74
N ALA C 143 -13.58 39.97 6.29
CA ALA C 143 -13.67 40.44 4.90
C ALA C 143 -14.11 41.89 4.90
N TYR C 144 -13.30 42.75 4.29
CA TYR C 144 -13.44 44.19 4.33
C TYR C 144 -13.63 44.70 2.90
N GLY C 145 -14.49 45.71 2.76
CA GLY C 145 -14.61 46.48 1.53
C GLY C 145 -15.32 45.81 0.37
N GLY C 146 -15.83 44.59 0.51
CA GLY C 146 -16.39 43.87 -0.61
C GLY C 146 -15.60 42.66 -1.04
N ALA C 147 -14.56 42.30 -0.28
CA ALA C 147 -13.76 41.11 -0.58
C ALA C 147 -14.54 39.86 -0.23
N GLY C 148 -14.60 38.90 -1.17
CA GLY C 148 -15.36 37.68 -0.99
C GLY C 148 -14.79 36.48 -1.72
N PRO C 149 -15.08 35.29 -1.23
CA PRO C 149 -14.45 34.07 -1.75
C PRO C 149 -15.06 33.55 -3.04
N ILE C 150 -14.24 32.79 -3.77
CA ILE C 150 -14.70 32.20 -5.01
C ILE C 150 -15.79 31.17 -4.74
N SER C 151 -16.92 31.35 -5.41
CA SER C 151 -18.04 30.42 -5.35
C SER C 151 -18.61 30.34 -6.75
N SER C 152 -19.02 29.16 -7.17
CA SER C 152 -19.58 29.07 -8.51
C SER C 152 -20.94 29.73 -8.63
N THR C 153 -21.57 30.05 -7.50
CA THR C 153 -22.97 30.45 -7.43
C THR C 153 -23.19 31.86 -6.92
N GLY C 154 -22.27 32.41 -6.16
CA GLY C 154 -22.57 33.63 -5.46
C GLY C 154 -23.23 33.39 -4.14
N LYS C 155 -23.56 32.14 -3.83
CA LYS C 155 -24.38 31.77 -2.70
C LYS C 155 -23.65 30.69 -1.90
N ALA C 156 -23.77 30.76 -0.57
CA ALA C 156 -23.32 29.69 0.36
C ALA C 156 -23.95 28.35 0.04
N ILE C 157 -23.26 27.28 0.42
CA ILE C 157 -23.80 25.94 0.28
C ILE C 157 -23.92 25.20 1.59
N ALA C 158 -23.47 25.79 2.69
CA ALA C 158 -23.87 25.33 4.01
C ALA C 158 -23.44 26.38 5.03
N THR C 159 -23.93 26.21 6.26
CA THR C 159 -23.44 26.97 7.41
C THR C 159 -22.94 25.96 8.44
N VAL C 160 -21.74 26.19 8.95
CA VAL C 160 -21.14 25.39 10.00
C VAL C 160 -20.82 26.33 11.16
N THR C 161 -21.14 25.91 12.38
CA THR C 161 -20.66 26.60 13.56
C THR C 161 -19.70 25.67 14.28
N ILE C 162 -18.53 26.21 14.63
CA ILE C 162 -17.41 25.47 15.17
C ILE C 162 -16.81 26.26 16.31
N GLY C 163 -16.74 25.65 17.49
CA GLY C 163 -16.01 26.25 18.60
C GLY C 163 -16.43 27.67 18.89
N SER C 164 -17.74 27.94 18.86
CA SER C 164 -18.41 29.21 19.18
C SER C 164 -18.33 30.25 18.06
N ASN C 165 -17.84 29.90 16.88
CA ASN C 165 -17.88 30.82 15.74
C ASN C 165 -18.80 30.25 14.67
N SER C 166 -19.56 31.13 14.05
CA SER C 166 -20.43 30.75 12.95
C SER C 166 -19.75 31.10 11.63
N PHE C 167 -19.66 30.12 10.72
CA PHE C 167 -18.98 30.22 9.43
C PHE C 167 -19.93 29.84 8.31
N LYS C 168 -19.81 30.54 7.18
CA LYS C 168 -20.54 30.23 5.96
C LYS C 168 -19.60 29.53 4.99
N LEU C 169 -20.02 28.42 4.40
CA LEU C 169 -19.16 27.69 3.46
C LEU C 169 -19.49 27.99 2.00
N TYR C 170 -18.47 28.42 1.24
CA TYR C 170 -18.59 28.60 -0.21
C TYR C 170 -17.66 27.62 -0.96
N LYS C 171 -18.08 27.15 -2.13
CA LYS C 171 -17.25 26.27 -2.92
C LYS C 171 -17.27 26.72 -4.37
N GLY C 172 -16.11 26.68 -5.02
CA GLY C 172 -16.02 27.01 -6.42
C GLY C 172 -14.69 26.64 -7.06
N PRO C 173 -14.55 26.74 -8.40
CA PRO C 173 -13.32 26.29 -9.05
C PRO C 173 -12.30 27.39 -9.34
N ASN C 174 -11.05 27.24 -8.87
CA ASN C 174 -9.90 28.09 -9.25
C ASN C 174 -9.01 27.29 -10.18
N GLY C 175 -9.22 27.46 -11.48
CA GLY C 175 -8.61 26.61 -12.48
C GLY C 175 -8.90 25.15 -12.18
N SER C 176 -7.85 24.38 -11.91
CA SER C 176 -8.11 22.98 -11.58
C SER C 176 -8.41 22.79 -10.10
N THR C 177 -7.88 23.63 -9.22
CA THR C 177 -8.09 23.43 -7.80
C THR C 177 -9.54 23.75 -7.42
N THR C 178 -10.09 22.96 -6.50
CA THR C 178 -11.43 23.11 -5.95
C THR C 178 -11.37 23.84 -4.61
N VAL C 179 -11.93 25.03 -4.54
CA VAL C 179 -11.71 25.94 -3.41
C VAL C 179 -12.92 25.95 -2.51
N PHE C 180 -12.74 25.48 -1.28
CA PHE C 180 -13.66 25.69 -0.17
C PHE C 180 -13.19 26.90 0.61
N SER C 181 -14.14 27.73 1.02
CA SER C 181 -13.79 28.92 1.77
C SER C 181 -14.79 29.02 2.91
N PHE C 182 -14.31 29.08 4.15
CA PHE C 182 -15.18 29.32 5.29
C PHE C 182 -15.08 30.80 5.65
N VAL C 183 -16.22 31.46 5.80
CA VAL C 183 -16.25 32.90 5.98
C VAL C 183 -16.88 33.20 7.33
N ALA C 184 -16.17 33.98 8.14
CA ALA C 184 -16.64 34.33 9.47
C ALA C 184 -17.75 35.38 9.39
N THR C 185 -18.94 35.04 9.89
CA THR C 185 -20.02 36.01 10.00
C THR C 185 -19.64 37.13 10.97
N LYS C 186 -18.89 36.80 12.03
CA LYS C 186 -18.34 37.78 12.97
C LYS C 186 -16.90 38.05 12.56
N THR C 187 -16.57 39.28 12.17
CA THR C 187 -15.17 39.51 11.80
C THR C 187 -14.25 39.19 12.99
N ILE C 188 -13.46 38.12 12.86
CA ILE C 188 -12.76 37.52 14.00
C ILE C 188 -11.35 38.10 14.11
N THR C 189 -11.07 38.80 15.21
CA THR C 189 -9.73 39.30 15.51
C THR C 189 -9.01 38.54 16.62
N ASN C 190 -9.68 37.61 17.31
CA ASN C 190 -9.06 36.83 18.38
C ASN C 190 -9.54 35.41 18.14
N PHE C 191 -8.89 34.76 17.19
CA PHE C 191 -9.30 33.44 16.74
C PHE C 191 -8.52 32.41 17.52
N SER C 192 -9.16 31.27 17.78
CA SER C 192 -8.42 30.08 18.23
C SER C 192 -9.32 28.88 18.00
N ALA C 193 -8.79 27.85 17.36
CA ALA C 193 -9.59 26.67 17.06
C ALA C 193 -8.70 25.55 16.53
N ASP C 194 -9.34 24.41 16.30
CA ASP C 194 -8.74 23.20 15.73
C ASP C 194 -9.15 23.06 14.26
N LEU C 195 -8.24 23.32 13.33
CA LEU C 195 -8.63 23.25 11.93
C LEU C 195 -8.91 21.83 11.47
N GLN C 196 -8.61 20.84 12.30
CA GLN C 196 -9.00 19.49 11.93
C GLN C 196 -10.51 19.33 11.92
N LYS C 197 -11.20 20.11 12.76
CA LYS C 197 -12.67 20.11 12.73
C LYS C 197 -13.19 20.54 11.37
N PHE C 198 -12.58 21.59 10.79
CA PHE C 198 -12.99 22.05 9.48
C PHE C 198 -12.75 20.97 8.43
N LEU C 199 -11.52 20.44 8.37
CA LEU C 199 -11.25 19.42 7.35
C LEU C 199 -12.10 18.18 7.53
N SER C 200 -12.37 17.81 8.78
CA SER C 200 -13.16 16.61 9.05
C SER C 200 -14.60 16.82 8.63
N TYR C 201 -15.12 18.04 8.84
CA TYR C 201 -16.43 18.40 8.29
C TYR C 201 -16.46 18.21 6.78
N LEU C 202 -15.46 18.74 6.08
CA LEU C 202 -15.47 18.58 4.63
C LEU C 202 -15.47 17.12 4.23
N THR C 203 -14.61 16.30 4.87
CA THR C 203 -14.53 14.91 4.48
C THR C 203 -15.88 14.22 4.66
N LYS C 204 -16.53 14.45 5.81
CA LYS C 204 -17.77 13.71 6.07
C LYS C 204 -18.90 14.16 5.15
N ASN C 205 -19.04 15.48 4.90
CA ASN C 205 -20.26 16.04 4.32
C ASN C 205 -20.15 16.51 2.88
N GLN C 206 -19.12 17.32 2.54
CA GLN C 206 -19.00 17.88 1.19
C GLN C 206 -18.22 17.00 0.22
N GLY C 207 -17.22 16.23 0.66
CA GLY C 207 -16.70 15.23 -0.26
C GLY C 207 -15.21 15.23 -0.51
N LEU C 208 -14.46 15.93 0.33
CA LEU C 208 -13.01 15.93 0.24
C LEU C 208 -12.55 14.54 0.67
N PRO C 209 -11.64 13.89 -0.08
CA PRO C 209 -11.23 12.53 0.28
C PRO C 209 -10.35 12.57 1.53
N SER C 210 -10.50 11.57 2.39
CA SER C 210 -9.68 11.57 3.60
C SER C 210 -8.23 11.17 3.32
N SER C 211 -7.99 10.45 2.21
CA SER C 211 -6.66 10.04 1.76
C SER C 211 -5.84 11.19 1.19
N GLN C 212 -6.41 12.39 1.12
CA GLN C 212 -5.66 13.57 0.70
C GLN C 212 -4.66 13.94 1.78
N TYR C 213 -3.45 14.36 1.36
CA TYR C 213 -2.45 14.81 2.32
C TYR C 213 -2.58 16.30 2.48
N LEU C 214 -2.69 16.76 3.71
CA LEU C 214 -2.59 18.19 3.97
C LEU C 214 -1.17 18.63 3.68
N ILE C 215 -1.00 19.55 2.73
CA ILE C 215 0.32 19.98 2.29
C ILE C 215 0.71 21.31 2.88
N THR C 216 -0.17 22.30 2.82
CA THR C 216 0.30 23.62 3.25
C THR C 216 -0.71 24.26 4.19
N LEU C 217 -0.21 24.90 5.24
CA LEU C 217 -1.00 25.69 6.18
C LEU C 217 -0.40 27.07 6.32
N GLU C 218 -1.18 28.10 6.01
CA GLU C 218 -0.67 29.47 5.94
C GLU C 218 -1.72 30.38 6.56
N ALA C 219 -1.28 31.56 7.00
CA ALA C 219 -2.23 32.52 7.55
C ALA C 219 -1.82 33.93 7.17
N GLY C 220 -2.72 34.70 6.56
CA GLY C 220 -2.36 36.07 6.24
C GLY C 220 -3.49 37.04 5.91
N THR C 221 -3.16 38.06 5.11
CA THR C 221 -4.12 39.06 4.63
C THR C 221 -3.99 39.11 3.11
N GLU C 222 -5.13 39.13 2.41
CA GLU C 222 -5.11 39.28 0.95
C GLU C 222 -5.68 40.65 0.62
N PRO C 223 -4.86 41.58 0.15
CA PRO C 223 -5.36 42.89 -0.29
C PRO C 223 -5.82 42.97 -1.75
N PHE C 224 -6.86 43.81 -1.95
CA PHE C 224 -7.34 44.22 -3.25
C PHE C 224 -6.96 45.67 -3.54
N VAL C 225 -7.39 46.62 -2.67
CA VAL C 225 -6.97 48.02 -2.73
C VAL C 225 -6.91 48.54 -1.30
N GLY C 226 -6.16 49.62 -1.09
CA GLY C 226 -6.03 50.25 0.20
C GLY C 226 -4.85 51.19 0.20
N THR C 227 -4.73 51.95 1.29
CA THR C 227 -3.60 52.86 1.47
C THR C 227 -3.13 52.81 2.92
N ASN C 228 -1.81 52.74 3.10
CA ASN C 228 -1.17 52.83 4.42
C ASN C 228 -1.79 51.84 5.43
N ALA C 229 -1.78 50.56 5.03
CA ALA C 229 -2.31 49.46 5.83
C ALA C 229 -1.22 48.81 6.65
N LYS C 230 -1.61 48.24 7.81
CA LYS C 230 -0.63 47.51 8.63
C LYS C 230 -1.35 46.58 9.59
N MET C 231 -1.08 45.28 9.48
CA MET C 231 -1.63 44.31 10.42
C MET C 231 -0.58 44.03 11.48
N THR C 232 -1.00 43.98 12.73
CA THR C 232 -0.13 43.60 13.82
C THR C 232 -0.65 42.27 14.32
N VAL C 233 0.16 41.23 14.22
CA VAL C 233 -0.24 39.89 14.63
C VAL C 233 0.28 39.69 16.05
N SER C 234 -0.58 39.84 17.06
CA SER C 234 -0.14 39.73 18.44
C SER C 234 0.32 38.31 18.77
N SER C 235 -0.21 37.33 18.07
CA SER C 235 0.10 35.94 18.34
C SER C 235 -0.27 35.19 17.07
N PHE C 236 0.53 34.17 16.70
CA PHE C 236 0.08 33.26 15.66
C PHE C 236 0.62 31.85 15.92
N SER C 237 0.08 31.20 16.93
CA SER C 237 0.43 29.82 17.18
C SER C 237 -0.19 28.95 16.08
N ALA C 238 0.48 27.87 15.71
CA ALA C 238 -0.04 26.93 14.71
C ALA C 238 0.77 25.65 14.73
N ALA C 239 0.09 24.50 14.59
CA ALA C 239 0.75 23.20 14.64
C ALA C 239 -0.13 22.16 13.97
N VAL C 240 0.49 21.06 13.53
CA VAL C 240 -0.22 19.90 12.96
C VAL C 240 0.14 18.68 13.80
N ASN C 241 -0.85 18.15 14.53
CA ASN C 241 -0.69 17.02 15.46
C ASN C 241 -1.48 15.78 15.01
N LEU D 29 -39.84 65.67 -15.81
CA LEU D 29 -40.75 64.64 -15.34
C LEU D 29 -40.55 64.48 -13.83
N CYS D 30 -39.55 65.18 -13.29
CA CYS D 30 -39.06 64.96 -11.92
C CYS D 30 -39.73 65.86 -10.88
N ILE D 31 -40.08 65.28 -9.73
CA ILE D 31 -40.75 65.99 -8.65
C ILE D 31 -39.74 66.31 -7.55
N GLU D 32 -39.66 67.59 -7.16
CA GLU D 32 -38.55 68.12 -6.35
C GLU D 32 -38.46 67.47 -4.97
N LYS D 33 -39.59 67.26 -4.31
CA LYS D 33 -39.55 66.62 -2.99
C LYS D 33 -38.79 65.30 -3.08
N GLU D 34 -38.97 64.59 -4.20
CA GLU D 34 -38.37 63.27 -4.35
C GLU D 34 -36.88 63.33 -4.70
N ARG D 35 -36.41 64.33 -5.45
CA ARG D 35 -34.96 64.51 -5.57
C ARG D 35 -34.34 64.84 -4.24
N ASP D 36 -34.93 65.79 -3.50
CA ASP D 36 -34.37 66.11 -2.20
C ASP D 36 -34.33 64.85 -1.33
N ALA D 37 -35.36 64.02 -1.42
CA ALA D 37 -35.41 62.76 -0.69
C ALA D 37 -34.29 61.83 -1.11
N LEU D 38 -34.11 61.66 -2.42
CA LEU D 38 -33.06 60.75 -2.90
C LEU D 38 -31.68 61.25 -2.49
N LEU D 39 -31.46 62.56 -2.51
CA LEU D 39 -30.16 63.09 -2.12
C LEU D 39 -29.94 62.94 -0.63
N GLU D 40 -30.99 63.09 0.18
CA GLU D 40 -30.89 62.84 1.61
C GLU D 40 -30.55 61.37 1.83
N PHE D 41 -31.02 60.50 0.94
CA PHE D 41 -30.62 59.10 0.98
C PHE D 41 -29.15 58.92 0.64
N LYS D 42 -28.70 59.55 -0.45
CA LYS D 42 -27.31 59.39 -0.87
C LYS D 42 -26.30 59.95 0.13
N ARG D 43 -26.65 61.06 0.82
CA ARG D 43 -25.67 61.67 1.72
C ARG D 43 -25.24 60.67 2.80
N GLY D 44 -26.10 59.69 3.12
CA GLY D 44 -25.75 58.70 4.13
C GLY D 44 -24.75 57.66 3.66
N LEU D 45 -24.70 57.41 2.36
CA LEU D 45 -23.91 56.37 1.70
C LEU D 45 -22.50 56.82 1.29
N SER D 46 -21.61 55.82 1.16
CA SER D 46 -20.24 56.00 0.65
C SER D 46 -20.06 55.13 -0.60
N ASP D 47 -20.32 55.71 -1.78
CA ASP D 47 -20.39 54.91 -3.01
C ASP D 47 -19.02 54.44 -3.49
N ASN D 48 -18.00 55.32 -3.43
CA ASN D 48 -16.59 54.93 -3.64
C ASN D 48 -16.24 54.57 -5.08
N PHE D 49 -17.04 53.71 -5.73
CA PHE D 49 -16.75 53.29 -7.09
C PHE D 49 -17.64 53.93 -8.15
N GLY D 50 -18.54 54.86 -7.78
CA GLY D 50 -19.48 55.43 -8.70
C GLY D 50 -20.91 55.07 -8.32
N GLN D 51 -21.71 54.71 -9.32
CA GLN D 51 -23.08 54.23 -9.13
C GLN D 51 -24.02 55.30 -8.62
N LEU D 52 -23.64 55.95 -7.52
CA LEU D 52 -24.43 57.06 -7.01
C LEU D 52 -23.92 58.36 -7.58
N SER D 53 -22.94 58.26 -8.48
CA SER D 53 -22.58 59.34 -9.39
C SER D 53 -23.72 59.55 -10.36
N THR D 54 -23.75 60.73 -10.97
CA THR D 54 -24.85 61.22 -11.80
C THR D 54 -25.99 61.71 -10.91
N TRP D 55 -25.83 61.65 -9.59
CA TRP D 55 -26.78 62.21 -8.63
C TRP D 55 -26.17 63.44 -8.00
N GLY D 56 -26.97 64.49 -7.90
CA GLY D 56 -26.54 65.72 -7.28
C GLY D 56 -27.68 66.71 -7.27
N ASP D 57 -27.48 67.78 -6.51
CA ASP D 57 -28.41 68.91 -6.53
C ASP D 57 -27.96 69.97 -7.53
N GLU D 58 -27.01 69.60 -8.38
CA GLU D 58 -26.36 70.49 -9.33
C GLU D 58 -27.38 70.84 -10.42
N GLU D 59 -27.22 72.02 -11.04
CA GLU D 59 -28.19 72.39 -12.07
C GLU D 59 -28.14 71.44 -13.25
N ASP D 60 -26.94 71.02 -13.63
CA ASP D 60 -26.85 70.12 -14.77
C ASP D 60 -27.49 68.75 -14.48
N LYS D 61 -27.47 68.26 -13.24
CA LYS D 61 -28.06 66.95 -12.93
C LYS D 61 -29.46 67.02 -12.32
N LYS D 62 -30.29 67.99 -12.65
CA LYS D 62 -31.46 68.15 -11.80
C LYS D 62 -32.66 67.37 -12.29
N GLU D 63 -32.58 66.74 -13.46
CA GLU D 63 -33.66 65.85 -13.89
C GLU D 63 -33.35 64.48 -13.32
N CYS D 64 -34.15 64.03 -12.36
CA CYS D 64 -33.85 62.83 -11.61
C CYS D 64 -34.24 61.55 -12.32
N CYS D 65 -35.02 61.63 -13.39
CA CYS D 65 -35.48 60.41 -14.03
C CYS D 65 -34.51 59.90 -15.08
N LYS D 66 -33.47 60.69 -15.38
CA LYS D 66 -32.35 60.27 -16.19
C LYS D 66 -31.20 59.69 -15.37
N TRP D 67 -31.39 59.51 -14.07
CA TRP D 67 -30.33 59.08 -13.17
C TRP D 67 -30.12 57.56 -13.18
N LYS D 68 -28.95 57.14 -12.69
CA LYS D 68 -28.57 55.75 -12.68
C LYS D 68 -29.42 55.04 -11.65
N GLY D 69 -30.15 54.01 -12.08
CA GLY D 69 -30.95 53.25 -11.13
C GLY D 69 -32.27 53.88 -10.74
N ILE D 70 -32.70 54.94 -11.45
CA ILE D 70 -33.98 55.61 -11.21
C ILE D 70 -34.82 55.51 -12.48
N GLU D 71 -36.11 55.21 -12.29
CA GLU D 71 -37.10 55.28 -13.36
C GLU D 71 -38.35 55.98 -12.84
N CYS D 72 -39.00 56.75 -13.71
CA CYS D 72 -40.18 57.50 -13.32
C CYS D 72 -41.37 57.08 -14.17
N ASN D 73 -42.57 57.21 -13.60
CA ASN D 73 -43.79 57.05 -14.40
C ASN D 73 -43.90 58.16 -15.43
N LYS D 74 -44.29 57.81 -16.65
CA LYS D 74 -44.27 58.78 -17.75
C LYS D 74 -45.33 59.87 -17.55
N THR D 75 -46.50 59.49 -17.03
CA THR D 75 -47.61 60.42 -16.86
C THR D 75 -47.60 61.13 -15.50
N THR D 76 -47.41 60.42 -14.38
CA THR D 76 -47.10 61.02 -13.08
C THR D 76 -45.59 61.09 -12.88
N GLY D 77 -45.10 62.21 -12.32
CA GLY D 77 -43.65 62.35 -12.18
C GLY D 77 -42.97 61.56 -11.07
N HIS D 78 -43.73 60.88 -10.20
CA HIS D 78 -43.13 60.18 -9.04
C HIS D 78 -42.15 59.10 -9.48
N VAL D 79 -41.04 58.98 -8.74
CA VAL D 79 -40.07 57.89 -8.97
C VAL D 79 -40.74 56.56 -8.63
N ILE D 80 -40.61 55.57 -9.50
CA ILE D 80 -41.25 54.29 -9.28
C ILE D 80 -40.28 53.12 -9.16
N VAL D 81 -39.07 53.21 -9.74
CA VAL D 81 -38.09 52.14 -9.75
C VAL D 81 -36.79 52.66 -9.17
N LEU D 82 -36.28 51.97 -8.15
CA LEU D 82 -34.95 52.22 -7.58
C LEU D 82 -34.25 50.88 -7.39
N ASP D 83 -33.16 50.61 -8.14
CA ASP D 83 -32.34 49.43 -7.84
C ASP D 83 -30.86 49.77 -7.84
N LEU D 84 -30.25 49.56 -6.67
CA LEU D 84 -28.82 49.69 -6.49
C LEU D 84 -28.14 48.33 -6.43
N HIS D 85 -28.65 47.35 -7.17
CA HIS D 85 -28.06 46.01 -7.19
C HIS D 85 -26.69 46.10 -7.81
N ASN D 86 -25.78 45.28 -7.30
CA ASN D 86 -24.40 45.20 -7.76
C ASN D 86 -24.08 43.73 -7.95
N ALA D 87 -23.58 43.36 -9.10
CA ALA D 87 -23.16 41.97 -9.21
C ALA D 87 -21.69 41.91 -8.84
N PHE D 88 -21.15 40.70 -8.83
CA PHE D 88 -19.77 40.58 -8.43
C PHE D 88 -19.02 39.57 -9.29
N THR D 89 -17.79 39.97 -9.59
CA THR D 89 -16.89 39.28 -10.51
C THR D 89 -15.73 38.66 -9.72
N CYS D 90 -15.48 37.37 -9.88
CA CYS D 90 -14.54 36.67 -8.95
C CYS D 90 -13.06 36.69 -9.37
N SER D 91 -12.73 36.63 -10.66
CA SER D 91 -11.31 36.46 -11.04
C SER D 91 -10.80 35.15 -10.43
N ALA D 92 -9.64 35.15 -9.78
CA ALA D 92 -9.13 33.85 -9.29
C ALA D 92 -8.93 33.81 -7.77
N SER D 93 -9.53 32.83 -7.10
CA SER D 93 -9.36 32.64 -5.63
C SER D 93 -9.91 33.88 -4.94
N ALA D 94 -10.82 34.59 -5.61
CA ALA D 94 -11.34 35.85 -5.06
C ALA D 94 -12.67 36.14 -5.73
N CYS D 95 -13.43 37.08 -5.19
CA CYS D 95 -14.65 37.53 -5.87
C CYS D 95 -14.99 38.89 -5.25
N PHE D 96 -15.27 39.89 -6.07
CA PHE D 96 -15.48 41.24 -5.57
C PHE D 96 -16.80 41.87 -5.99
N ALA D 97 -17.45 42.54 -5.04
CA ALA D 97 -18.77 43.19 -5.19
C ALA D 97 -18.70 44.61 -4.64
N PRO D 98 -19.00 45.61 -5.44
CA PRO D 98 -18.87 47.00 -4.95
C PRO D 98 -20.01 47.46 -4.03
N ARG D 99 -19.87 47.15 -2.75
CA ARG D 99 -20.93 47.40 -1.76
C ARG D 99 -20.95 48.84 -1.26
N LEU D 100 -22.14 49.29 -0.80
CA LEU D 100 -22.41 50.70 -0.46
C LEU D 100 -22.09 51.17 0.98
N THR D 101 -21.90 50.30 1.97
CA THR D 101 -21.32 50.66 3.28
C THR D 101 -21.82 52.02 3.83
N GLY D 102 -23.14 52.13 3.94
CA GLY D 102 -23.72 53.33 4.51
C GLY D 102 -24.97 53.04 5.33
N LYS D 103 -25.58 54.10 5.84
CA LYS D 103 -26.89 54.00 6.48
C LYS D 103 -27.97 54.57 5.56
N LEU D 104 -29.09 53.85 5.47
CA LEU D 104 -30.19 54.18 4.55
C LEU D 104 -31.21 55.11 5.23
N SER D 105 -31.39 56.31 4.66
CA SER D 105 -32.18 57.33 5.33
C SER D 105 -33.66 57.11 5.01
N PRO D 106 -34.55 57.13 6.02
CA PRO D 106 -35.98 56.81 5.76
C PRO D 106 -36.74 57.82 4.89
N SER D 107 -36.08 58.85 4.38
CA SER D 107 -36.72 59.82 3.50
C SER D 107 -37.24 59.19 2.21
N LEU D 108 -36.92 57.93 1.97
CA LEU D 108 -37.34 57.31 0.69
C LEU D 108 -38.84 57.04 0.73
N LEU D 109 -39.46 57.29 1.88
CA LEU D 109 -40.93 57.13 2.01
C LEU D 109 -41.58 58.16 1.10
N GLU D 110 -40.87 59.25 0.81
CA GLU D 110 -41.49 60.37 0.08
C GLU D 110 -42.00 59.91 -1.28
N LEU D 111 -41.29 59.01 -1.96
CA LEU D 111 -41.79 58.72 -3.31
C LEU D 111 -43.20 58.16 -3.20
N GLU D 112 -43.46 57.21 -2.32
CA GLU D 112 -44.84 56.78 -1.96
C GLU D 112 -45.37 55.91 -3.08
N TYR D 113 -44.64 55.87 -4.18
CA TYR D 113 -45.17 55.13 -5.35
C TYR D 113 -44.19 54.09 -5.84
N LEU D 114 -43.16 53.82 -5.05
CA LEU D 114 -42.14 52.92 -5.60
C LEU D 114 -42.85 51.61 -5.86
N ASN D 115 -42.58 51.01 -7.01
CA ASN D 115 -43.14 49.68 -7.31
C ASN D 115 -41.93 48.79 -7.47
N PHE D 116 -40.72 49.29 -7.24
CA PHE D 116 -39.57 48.39 -7.47
C PHE D 116 -38.36 48.83 -6.67
N LEU D 117 -37.99 48.05 -5.65
CA LEU D 117 -36.73 48.36 -4.94
C LEU D 117 -35.79 47.17 -5.02
N ASP D 118 -34.57 47.37 -5.52
CA ASP D 118 -33.56 46.29 -5.44
C ASP D 118 -32.36 46.91 -4.74
N LEU D 119 -31.96 46.38 -3.61
CA LEU D 119 -30.73 46.82 -2.93
C LEU D 119 -30.02 45.53 -2.61
N SER D 120 -29.50 44.87 -3.62
CA SER D 120 -28.96 43.51 -3.40
C SER D 120 -27.45 43.55 -3.56
N VAL D 121 -26.78 42.59 -2.92
CA VAL D 121 -25.32 42.52 -3.14
C VAL D 121 -24.78 43.89 -2.76
N ASN D 122 -25.30 44.44 -1.67
CA ASN D 122 -24.78 45.71 -1.14
C ASN D 122 -24.61 45.51 0.36
N GLU D 123 -23.69 46.21 1.00
CA GLU D 123 -23.59 46.11 2.48
C GLU D 123 -23.87 47.48 3.07
N PHE D 124 -24.74 47.53 4.05
CA PHE D 124 -25.01 48.80 4.75
C PHE D 124 -24.81 48.46 6.21
N GLU D 125 -25.32 49.30 7.12
CA GLU D 125 -25.24 48.87 8.50
C GLU D 125 -25.88 47.49 8.59
N ARG D 126 -25.15 46.49 9.11
CA ARG D 126 -25.62 45.11 9.00
C ARG D 126 -26.71 44.86 10.03
N SER D 127 -27.85 45.50 9.81
CA SER D 127 -28.81 45.79 10.86
C SER D 127 -30.19 45.38 10.40
N GLU D 128 -31.20 45.63 11.23
CA GLU D 128 -32.56 45.27 10.86
C GLU D 128 -32.91 45.89 9.52
N ILE D 129 -33.80 45.21 8.80
CA ILE D 129 -34.46 45.86 7.69
C ILE D 129 -35.31 46.98 8.26
N PRO D 130 -35.16 48.21 7.79
CA PRO D 130 -35.90 49.31 8.42
C PRO D 130 -37.41 49.17 8.22
N ARG D 131 -38.17 49.64 9.21
CA ARG D 131 -39.62 49.46 9.15
C ARG D 131 -40.28 50.37 8.11
N PHE D 132 -39.59 51.46 7.70
CA PHE D 132 -40.21 52.32 6.69
C PHE D 132 -40.40 51.57 5.39
N ILE D 133 -39.64 50.50 5.18
CA ILE D 133 -39.90 49.57 4.10
C ILE D 133 -41.29 48.96 4.25
N CYS D 134 -41.72 48.72 5.50
CA CYS D 134 -43.06 48.19 5.75
C CYS D 134 -44.14 49.22 5.47
N SER D 135 -43.79 50.51 5.54
CA SER D 135 -44.76 51.58 5.31
C SER D 135 -44.78 52.13 3.87
N PHE D 136 -44.53 51.32 2.84
CA PHE D 136 -44.63 51.85 1.47
C PHE D 136 -46.03 51.69 0.87
N LYS D 137 -46.62 50.50 0.97
CA LYS D 137 -47.99 50.14 0.58
C LYS D 137 -48.23 50.22 -0.93
N ARG D 138 -47.22 50.58 -1.71
CA ARG D 138 -47.34 50.52 -3.16
C ARG D 138 -46.16 49.80 -3.79
N LEU D 139 -45.23 49.30 -2.98
CA LEU D 139 -44.21 48.41 -3.48
C LEU D 139 -44.90 47.21 -4.11
N GLU D 140 -44.34 46.71 -5.18
CA GLU D 140 -44.77 45.41 -5.67
C GLU D 140 -43.65 44.39 -5.77
N TYR D 141 -42.40 44.86 -5.75
CA TYR D 141 -41.20 44.04 -5.86
C TYR D 141 -40.21 44.57 -4.86
N LEU D 142 -39.86 43.74 -3.88
CA LEU D 142 -38.80 44.08 -2.94
C LEU D 142 -37.73 43.00 -2.97
N ASN D 143 -36.50 43.40 -3.31
CA ASN D 143 -35.35 42.50 -3.34
C ASN D 143 -34.24 43.10 -2.50
N LEU D 144 -33.97 42.48 -1.36
CA LEU D 144 -32.91 42.93 -0.47
C LEU D 144 -31.85 41.86 -0.26
N SER D 145 -31.77 40.87 -1.16
CA SER D 145 -31.01 39.65 -0.89
C SER D 145 -29.53 39.95 -0.85
N SER D 146 -28.79 39.00 -0.31
CA SER D 146 -27.34 39.03 -0.43
C SER D 146 -26.79 40.37 0.03
N SER D 147 -27.51 41.04 0.91
CA SER D 147 -26.88 42.06 1.72
C SER D 147 -26.55 41.45 3.09
N PHE D 148 -26.31 42.29 4.10
CA PHE D 148 -25.94 41.75 5.39
C PHE D 148 -26.98 42.08 6.44
N PHE D 149 -28.23 42.25 6.00
CA PHE D 149 -29.29 42.59 6.94
C PHE D 149 -29.36 41.47 7.98
N SER D 150 -29.36 41.87 9.25
CA SER D 150 -29.37 40.91 10.33
C SER D 150 -30.66 41.15 11.11
N GLY D 151 -30.73 40.66 12.35
CA GLY D 151 -31.98 40.78 13.09
C GLY D 151 -33.05 39.93 12.43
N LEU D 152 -34.28 40.46 12.40
CA LEU D 152 -35.42 39.71 11.92
C LEU D 152 -36.45 40.62 11.26
N ILE D 153 -37.35 39.98 10.51
CA ILE D 153 -38.37 40.70 9.70
C ILE D 153 -39.34 41.47 10.58
N PRO D 154 -39.73 42.71 10.22
CA PRO D 154 -40.72 43.43 11.00
C PRO D 154 -42.15 42.93 10.78
N THR D 155 -42.98 43.00 11.81
CA THR D 155 -44.41 42.59 11.75
C THR D 155 -45.08 43.52 10.76
N GLN D 156 -44.59 44.75 10.66
CA GLN D 156 -45.23 45.81 9.86
C GLN D 156 -45.21 45.39 8.40
N PHE D 157 -44.43 44.38 8.07
CA PHE D 157 -44.25 43.97 6.66
C PHE D 157 -45.61 43.62 6.09
N LYS D 158 -46.50 43.09 6.94
CA LYS D 158 -47.86 42.69 6.50
C LYS D 158 -48.59 43.90 5.95
N ASN D 159 -48.08 45.07 6.26
CA ASN D 159 -48.68 46.32 5.71
C ASN D 159 -48.50 46.24 4.20
N LEU D 160 -47.39 45.67 3.75
CA LEU D 160 -47.12 45.70 2.29
C LEU D 160 -47.93 44.59 1.64
N THR D 161 -49.23 44.80 1.57
CA THR D 161 -50.14 43.88 0.85
C THR D 161 -49.76 43.91 -0.61
N SER D 162 -49.33 45.06 -1.12
CA SER D 162 -49.06 45.25 -2.57
C SER D 162 -47.98 44.33 -3.13
N LEU D 163 -46.94 43.98 -2.37
CA LEU D 163 -45.79 43.23 -2.95
C LEU D 163 -46.21 41.89 -3.55
N ARG D 164 -45.65 41.55 -4.71
CA ARG D 164 -45.96 40.27 -5.39
C ARG D 164 -44.68 39.46 -5.47
N ILE D 165 -43.53 40.12 -5.35
CA ILE D 165 -42.24 39.37 -5.26
C ILE D 165 -41.36 39.82 -4.11
N LEU D 166 -40.94 38.88 -3.24
CA LEU D 166 -39.99 39.19 -2.13
C LEU D 166 -38.71 38.37 -2.28
N ASP D 167 -37.53 39.01 -2.23
CA ASP D 167 -36.22 38.29 -2.31
C ASP D 167 -35.29 38.78 -1.19
N LEU D 168 -35.51 38.31 0.03
CA LEU D 168 -34.68 38.72 1.19
C LEU D 168 -33.57 37.71 1.41
N GLY D 169 -33.43 36.71 0.56
CA GLY D 169 -32.48 35.62 0.80
C GLY D 169 -31.01 35.92 1.02
N TYR D 170 -30.30 34.99 1.65
CA TYR D 170 -28.85 35.04 1.82
C TYR D 170 -28.41 36.32 2.53
N ASN D 171 -29.14 36.67 3.60
CA ASN D 171 -28.77 37.61 4.64
C ASN D 171 -28.50 36.83 5.92
N ASN D 172 -28.34 37.55 7.04
CA ASN D 172 -28.05 36.96 8.35
C ASN D 172 -29.19 37.09 9.35
N LEU D 173 -30.42 36.96 8.87
CA LEU D 173 -31.63 37.24 9.66
C LEU D 173 -32.34 35.94 10.04
N ILE D 174 -33.05 35.98 11.15
CA ILE D 174 -33.73 34.80 11.70
C ILE D 174 -35.24 34.87 11.44
N VAL D 175 -35.80 33.72 11.10
CA VAL D 175 -37.20 33.57 10.68
C VAL D 175 -37.83 32.57 11.64
N LYS D 176 -38.70 33.06 12.52
CA LYS D 176 -39.27 32.26 13.60
C LYS D 176 -40.77 32.08 13.44
N ASP D 177 -41.53 33.17 13.42
CA ASP D 177 -42.93 33.13 13.04
C ASP D 177 -43.02 33.38 11.55
N LEU D 178 -43.99 32.76 10.91
CA LEU D 178 -44.18 32.99 9.50
C LEU D 178 -45.61 33.45 9.29
N THR D 179 -46.08 34.24 10.24
CA THR D 179 -47.47 34.66 10.24
C THR D 179 -47.76 35.69 9.14
N TRP D 180 -46.94 36.76 9.07
CA TRP D 180 -47.14 37.89 8.16
C TRP D 180 -47.27 37.47 6.69
N LEU D 181 -46.76 36.29 6.30
CA LEU D 181 -46.93 35.86 4.93
C LEU D 181 -48.36 35.87 4.47
N SER D 182 -49.31 35.53 5.34
CA SER D 182 -50.70 35.46 4.89
C SER D 182 -51.16 36.79 4.29
N HIS D 183 -50.65 37.92 4.80
CA HIS D 183 -51.13 39.24 4.36
C HIS D 183 -50.65 39.59 2.96
N LEU D 184 -49.54 39.03 2.53
CA LEU D 184 -49.12 39.21 1.14
C LEU D 184 -49.76 38.14 0.26
N SER D 185 -51.10 38.04 0.38
CA SER D 185 -51.92 37.16 -0.47
C SER D 185 -51.67 37.44 -1.93
N SER D 186 -51.20 38.65 -2.22
CA SER D 186 -50.83 39.12 -3.53
C SER D 186 -49.50 38.53 -4.08
N LEU D 187 -48.67 37.86 -3.25
CA LEU D 187 -47.34 37.39 -3.68
C LEU D 187 -47.39 36.33 -4.78
N GLU D 188 -46.34 36.31 -5.60
CA GLU D 188 -46.15 35.30 -6.64
C GLU D 188 -44.79 34.62 -6.55
N LEU D 189 -43.91 35.04 -5.64
CA LEU D 189 -42.52 34.58 -5.52
C LEU D 189 -41.88 35.00 -4.20
N LEU D 190 -41.40 34.04 -3.43
CA LEU D 190 -40.77 34.39 -2.18
C LEU D 190 -39.48 33.59 -1.99
N SER D 191 -38.37 34.32 -1.76
CA SER D 191 -37.14 33.70 -1.30
C SER D 191 -36.95 34.06 0.16
N LEU D 192 -36.89 33.03 1.00
CA LEU D 192 -36.44 33.16 2.38
C LEU D 192 -35.25 32.23 2.61
N GLY D 193 -34.48 32.02 1.53
CA GLY D 193 -33.29 31.19 1.61
C GLY D 193 -32.21 31.82 2.44
N GLY D 194 -31.30 30.98 2.93
CA GLY D 194 -30.15 31.48 3.68
C GLY D 194 -30.57 32.20 4.93
N SER D 195 -31.51 31.64 5.67
CA SER D 195 -31.94 32.16 6.95
C SER D 195 -31.81 31.10 8.04
N ASP D 196 -31.78 31.54 9.31
CA ASP D 196 -31.92 30.62 10.44
C ASP D 196 -33.40 30.29 10.56
N PHE D 197 -33.84 29.41 9.68
CA PHE D 197 -35.25 29.07 9.51
C PHE D 197 -35.69 28.01 10.52
N GLN D 198 -36.80 28.28 11.22
CA GLN D 198 -37.20 27.47 12.38
C GLN D 198 -38.71 27.27 12.48
N VAL D 199 -39.44 27.35 11.36
CA VAL D 199 -40.90 27.37 11.40
C VAL D 199 -41.40 25.93 11.32
N LYS D 200 -41.73 25.34 12.48
CA LYS D 200 -42.05 23.91 12.55
C LYS D 200 -43.11 23.53 11.53
N ASN D 201 -43.98 24.48 11.15
CA ASN D 201 -45.09 24.26 10.22
C ASN D 201 -45.10 25.39 9.17
N TRP D 202 -44.00 25.48 8.40
CA TRP D 202 -43.94 26.49 7.35
C TRP D 202 -44.87 26.16 6.19
N PHE D 203 -45.24 24.89 6.04
CA PHE D 203 -46.06 24.47 4.91
C PHE D 203 -47.46 25.11 4.97
N GLN D 204 -48.09 25.10 6.15
CA GLN D 204 -49.37 25.79 6.30
C GLN D 204 -49.24 27.24 5.91
N GLU D 205 -48.20 27.89 6.41
CA GLU D 205 -48.10 29.34 6.23
C GLU D 205 -47.75 29.73 4.79
N ILE D 206 -47.11 28.85 4.03
CA ILE D 206 -46.81 29.17 2.64
C ILE D 206 -47.94 28.77 1.73
N THR D 207 -48.64 27.68 2.03
CA THR D 207 -49.84 27.38 1.26
C THR D 207 -50.96 28.39 1.51
N LYS D 208 -50.82 29.29 2.50
CA LYS D 208 -51.76 30.38 2.67
C LYS D 208 -51.74 31.35 1.49
N LEU D 209 -50.72 31.26 0.62
CA LEU D 209 -50.53 32.22 -0.46
C LEU D 209 -51.25 31.70 -1.69
N PRO D 210 -52.34 32.34 -2.12
CA PRO D 210 -53.13 31.76 -3.21
C PRO D 210 -52.28 31.56 -4.43
N LEU D 211 -51.49 32.59 -4.65
CA LEU D 211 -50.60 32.75 -5.76
C LEU D 211 -49.21 32.45 -5.21
N LEU D 212 -48.48 31.53 -5.82
CA LEU D 212 -47.10 31.39 -5.40
C LEU D 212 -46.49 30.50 -6.45
N LYS D 213 -45.54 31.02 -7.20
CA LYS D 213 -44.92 30.24 -8.24
C LYS D 213 -43.49 29.81 -7.92
N GLU D 214 -42.73 30.62 -7.19
CA GLU D 214 -41.32 30.34 -6.95
C GLU D 214 -41.05 30.46 -5.46
N LEU D 215 -40.64 29.35 -4.85
CA LEU D 215 -40.29 29.27 -3.44
C LEU D 215 -38.80 29.02 -3.34
N ASP D 216 -38.11 29.83 -2.56
CA ASP D 216 -36.68 29.60 -2.37
C ASP D 216 -36.48 29.32 -0.88
N LEU D 217 -36.17 28.07 -0.58
CA LEU D 217 -35.90 27.67 0.78
C LEU D 217 -34.55 26.98 0.86
N SER D 218 -33.62 27.45 0.03
CA SER D 218 -32.24 26.97 0.06
C SER D 218 -31.58 27.42 1.36
N LEU D 219 -30.72 26.58 1.91
CA LEU D 219 -29.98 26.93 3.13
C LEU D 219 -30.91 27.39 4.25
N CYS D 220 -32.01 26.64 4.44
CA CYS D 220 -32.95 26.91 5.52
C CYS D 220 -33.06 25.78 6.53
N GLY D 221 -32.09 24.88 6.61
CA GLY D 221 -32.23 23.79 7.57
C GLY D 221 -33.54 23.04 7.45
N LEU D 222 -34.04 22.80 6.25
CA LEU D 222 -35.36 22.20 6.18
C LEU D 222 -35.33 20.70 6.46
N SER D 223 -34.14 20.16 6.75
CA SER D 223 -34.06 18.78 7.20
C SER D 223 -34.69 18.62 8.58
N LYS D 224 -34.56 19.65 9.42
CA LYS D 224 -35.18 19.63 10.75
C LYS D 224 -36.71 19.76 10.68
N LEU D 225 -37.20 20.54 9.73
CA LEU D 225 -38.61 20.92 9.67
C LEU D 225 -39.24 20.10 8.55
N VAL D 226 -39.64 18.88 8.84
CA VAL D 226 -40.10 17.96 7.79
C VAL D 226 -41.62 17.98 7.84
N PRO D 227 -42.29 18.42 6.78
CA PRO D 227 -43.76 18.54 6.83
C PRO D 227 -44.43 17.19 7.03
N SER D 228 -45.33 17.16 8.02
CA SER D 228 -46.13 15.97 8.26
C SER D 228 -47.05 15.70 7.07
N PRO D 229 -47.43 14.44 6.83
CA PRO D 229 -48.49 14.21 5.83
C PRO D 229 -49.79 14.87 6.25
N ALA D 230 -50.01 15.00 7.56
CA ALA D 230 -51.19 15.69 8.07
C ALA D 230 -51.14 17.17 7.76
N GLU D 231 -49.99 17.81 7.96
CA GLU D 231 -49.86 19.24 7.69
C GLU D 231 -50.12 19.56 6.22
N ILE D 232 -49.81 18.61 5.33
CA ILE D 232 -50.06 18.72 3.89
C ILE D 232 -51.51 18.37 3.53
N ALA D 233 -52.17 17.54 4.33
CA ALA D 233 -53.59 17.34 4.11
C ALA D 233 -54.35 18.65 4.32
N ASN D 234 -53.99 19.39 5.38
CA ASN D 234 -54.53 20.73 5.67
C ASN D 234 -53.61 21.78 4.99
N SER D 235 -53.77 21.90 3.67
CA SER D 235 -52.94 22.76 2.83
C SER D 235 -53.79 23.26 1.68
N SER D 236 -53.20 24.08 0.79
CA SER D 236 -53.96 24.72 -0.28
C SER D 236 -53.71 24.16 -1.68
N LEU D 237 -52.75 23.24 -1.83
CA LEU D 237 -52.32 22.65 -3.12
C LEU D 237 -52.08 23.72 -4.19
N ILE D 238 -51.10 24.58 -3.94
CA ILE D 238 -50.74 25.69 -4.89
C ILE D 238 -49.85 25.17 -6.02
N SER D 239 -49.73 25.91 -7.12
CA SER D 239 -48.91 25.48 -8.29
C SER D 239 -47.42 25.36 -7.96
N LEU D 240 -46.85 26.33 -7.26
CA LEU D 240 -45.45 26.17 -6.81
C LEU D 240 -44.56 25.74 -7.98
N SER D 241 -44.57 26.44 -9.10
CA SER D 241 -43.81 25.97 -10.29
C SER D 241 -42.31 25.85 -10.03
N VAL D 242 -41.69 26.78 -9.33
CA VAL D 242 -40.20 26.74 -9.16
C VAL D 242 -39.85 26.52 -7.69
N LEU D 243 -38.96 25.56 -7.42
CA LEU D 243 -38.57 25.25 -6.04
C LEU D 243 -37.05 25.28 -5.91
N HIS D 244 -36.54 26.13 -5.02
CA HIS D 244 -35.12 26.28 -4.77
C HIS D 244 -34.86 25.69 -3.39
N LEU D 245 -34.56 24.40 -3.37
CA LEU D 245 -34.42 23.65 -2.13
C LEU D 245 -32.96 23.26 -1.92
N CYS D 246 -32.06 24.14 -2.31
CA CYS D 246 -30.67 23.81 -2.17
C CYS D 246 -30.31 23.68 -0.70
N CYS D 247 -29.19 23.00 -0.44
CA CYS D 247 -28.38 23.22 0.75
C CYS D 247 -29.16 23.00 2.06
N ASN D 248 -30.20 22.19 2.02
CA ASN D 248 -30.92 21.73 3.21
C ASN D 248 -30.49 20.28 3.36
N GLU D 249 -30.09 19.87 4.56
CA GLU D 249 -29.37 18.60 4.68
C GLU D 249 -30.32 17.41 4.62
N PHE D 250 -30.87 17.20 3.41
CA PHE D 250 -31.90 16.20 3.23
C PHE D 250 -31.34 14.80 3.43
N SER D 251 -30.40 14.41 2.58
CA SER D 251 -29.79 13.07 2.60
C SER D 251 -30.76 11.93 2.32
N SER D 252 -32.03 12.23 2.07
CA SER D 252 -32.96 11.13 1.94
C SER D 252 -34.18 11.59 1.18
N SER D 253 -34.83 10.63 0.52
CA SER D 253 -36.09 10.93 -0.14
C SER D 253 -37.12 11.43 0.86
N ALA D 254 -37.01 11.01 2.12
CA ALA D 254 -37.99 11.38 3.13
C ALA D 254 -38.10 12.89 3.27
N LYS D 255 -37.04 13.54 3.71
CA LYS D 255 -37.14 14.93 4.12
C LYS D 255 -37.45 15.92 2.97
N TYR D 256 -37.53 15.46 1.71
CA TYR D 256 -37.96 16.30 0.60
C TYR D 256 -39.14 15.71 -0.18
N SER D 257 -39.74 14.63 0.32
CA SER D 257 -40.85 13.98 -0.38
C SER D 257 -42.05 14.91 -0.54
N TRP D 258 -42.19 15.90 0.35
CA TRP D 258 -43.26 16.88 0.20
C TRP D 258 -43.25 17.53 -1.18
N LEU D 259 -42.07 17.64 -1.79
CA LEU D 259 -41.97 18.20 -3.14
C LEU D 259 -42.98 17.58 -4.10
N PHE D 260 -43.14 16.26 -4.05
CA PHE D 260 -43.91 15.63 -5.12
C PHE D 260 -45.40 15.87 -5.02
N ASN D 261 -45.86 16.61 -4.00
CA ASN D 261 -47.26 16.97 -3.95
C ASN D 261 -47.62 18.06 -4.94
N PHE D 262 -46.63 18.70 -5.59
CA PHE D 262 -46.94 19.56 -6.73
C PHE D 262 -46.66 18.87 -8.06
N SER D 263 -46.85 17.56 -8.12
CA SER D 263 -46.55 16.80 -9.32
C SER D 263 -47.24 17.35 -10.57
N THR D 264 -48.38 18.04 -10.42
CA THR D 264 -49.14 18.51 -11.57
C THR D 264 -48.37 19.52 -12.41
N SER D 265 -47.52 20.32 -11.76
CA SER D 265 -47.05 21.57 -12.32
C SER D 265 -45.74 22.07 -11.69
N LEU D 266 -44.66 21.30 -11.77
CA LEU D 266 -43.33 21.73 -11.33
C LEU D 266 -42.45 22.01 -12.55
N THR D 267 -41.52 22.94 -12.42
CA THR D 267 -40.65 23.23 -13.56
C THR D 267 -39.15 23.21 -13.20
N SER D 268 -38.77 23.89 -12.12
CA SER D 268 -37.41 23.83 -11.60
C SER D 268 -37.43 23.23 -10.22
N ILE D 269 -36.44 22.36 -10.01
CA ILE D 269 -36.17 21.74 -8.73
C ILE D 269 -34.65 21.84 -8.58
N ASP D 270 -34.18 22.60 -7.57
CA ASP D 270 -32.73 22.74 -7.34
C ASP D 270 -32.47 22.01 -6.02
N LEU D 271 -32.12 20.73 -6.09
CA LEU D 271 -31.87 19.95 -4.87
C LEU D 271 -30.38 19.75 -4.66
N SER D 272 -29.59 20.74 -5.02
CA SER D 272 -28.14 20.66 -4.96
C SER D 272 -27.61 20.72 -3.53
N ASN D 273 -26.43 20.11 -3.35
CA ASN D 273 -25.65 20.13 -2.09
C ASN D 273 -26.49 19.64 -0.90
N ASN D 274 -27.10 18.47 -1.05
CA ASN D 274 -27.94 17.94 0.02
C ASN D 274 -27.41 16.64 0.61
N GLN D 275 -26.19 16.24 0.31
CA GLN D 275 -25.63 14.99 0.83
C GLN D 275 -26.55 13.80 0.54
N LEU D 276 -27.15 13.79 -0.63
CA LEU D 276 -28.16 12.78 -0.92
C LEU D 276 -27.47 11.44 -1.10
N ASP D 277 -27.66 10.55 -0.11
CA ASP D 277 -27.24 9.15 -0.17
C ASP D 277 -28.48 8.29 -0.43
N GLY D 278 -28.66 7.91 -1.67
CA GLY D 278 -29.76 7.03 -2.00
C GLY D 278 -29.89 6.90 -3.49
N GLN D 279 -30.78 6.02 -3.87
CA GLN D 279 -31.21 6.00 -5.26
C GLN D 279 -32.13 7.20 -5.47
N ILE D 280 -31.91 7.95 -6.56
CA ILE D 280 -32.67 9.16 -6.77
C ILE D 280 -34.12 8.78 -6.94
N ASP D 281 -35.00 9.64 -6.42
CA ASP D 281 -36.40 9.25 -6.28
C ASP D 281 -36.97 8.91 -7.64
N ASP D 282 -37.65 7.77 -7.68
CA ASP D 282 -38.13 7.28 -8.94
C ASP D 282 -39.21 8.21 -9.52
N ARG D 283 -39.99 8.87 -8.66
CA ARG D 283 -41.11 9.69 -9.09
C ARG D 283 -40.71 10.84 -10.04
N PHE D 284 -39.44 11.27 -10.03
CA PHE D 284 -39.02 12.47 -10.78
C PHE D 284 -39.44 12.44 -12.24
N GLY D 285 -39.40 11.27 -12.87
CA GLY D 285 -39.73 11.20 -14.28
C GLY D 285 -41.19 11.46 -14.60
N ASN D 286 -42.07 11.13 -13.66
CA ASN D 286 -43.49 11.28 -13.91
C ASN D 286 -44.01 12.65 -13.46
N LEU D 287 -43.11 13.61 -13.22
CA LEU D 287 -43.52 15.01 -13.20
C LEU D 287 -43.84 15.41 -14.63
N MET D 288 -45.14 15.61 -14.90
CA MET D 288 -45.64 15.64 -16.27
C MET D 288 -44.75 16.49 -17.16
N TYR D 289 -44.35 17.68 -16.69
CA TYR D 289 -43.53 18.56 -17.48
C TYR D 289 -42.65 19.51 -16.65
N LEU D 290 -41.49 19.04 -16.21
CA LEU D 290 -40.50 19.92 -15.64
C LEU D 290 -39.35 20.05 -16.62
N GLU D 291 -38.69 21.19 -16.62
CA GLU D 291 -37.60 21.38 -17.54
C GLU D 291 -36.25 21.69 -16.89
N HIS D 292 -36.15 21.69 -15.56
CA HIS D 292 -34.90 22.02 -14.87
C HIS D 292 -34.73 21.16 -13.61
N LEU D 293 -33.62 20.43 -13.55
CA LEU D 293 -33.34 19.54 -12.42
C LEU D 293 -31.85 19.65 -12.07
N ASN D 294 -31.57 20.24 -10.89
CA ASN D 294 -30.23 20.34 -10.35
C ASN D 294 -30.09 19.38 -9.16
N LEU D 295 -29.34 18.30 -9.37
CA LEU D 295 -29.03 17.34 -8.31
C LEU D 295 -27.53 17.28 -8.02
N ALA D 296 -26.81 18.38 -8.24
CA ALA D 296 -25.34 18.41 -8.20
C ALA D 296 -24.79 18.34 -6.78
N ASN D 297 -23.53 17.96 -6.66
CA ASN D 297 -22.86 17.94 -5.37
C ASN D 297 -23.66 17.15 -4.34
N GLU D 298 -24.00 15.94 -4.66
CA GLU D 298 -24.64 15.11 -3.64
C GLU D 298 -23.61 14.14 -3.03
N LEU D 299 -24.09 13.24 -2.18
CA LEU D 299 -23.20 12.29 -1.52
C LEU D 299 -23.06 11.00 -2.34
N ASN D 300 -24.17 10.35 -2.66
CA ASN D 300 -24.11 9.10 -3.41
C ASN D 300 -25.48 8.85 -4.04
N LEU D 301 -25.59 9.16 -5.33
CA LEU D 301 -26.78 8.79 -6.09
C LEU D 301 -26.55 7.43 -6.75
N LYS D 302 -26.30 6.41 -5.91
CA LYS D 302 -25.90 5.09 -6.41
C LYS D 302 -26.86 4.62 -7.51
N GLY D 303 -26.28 4.02 -8.55
CA GLY D 303 -27.00 3.79 -9.80
C GLY D 303 -26.94 5.04 -10.66
N GLY D 304 -28.07 5.44 -11.25
CA GLY D 304 -28.16 6.72 -11.94
C GLY D 304 -29.58 7.23 -12.13
N ILE D 305 -29.92 7.78 -13.29
CA ILE D 305 -31.31 8.18 -13.52
C ILE D 305 -32.13 6.92 -13.79
N PRO D 306 -33.29 6.76 -13.17
CA PRO D 306 -34.00 5.49 -13.33
C PRO D 306 -34.66 5.36 -14.69
N SER D 307 -35.65 4.47 -14.79
CA SER D 307 -36.37 4.29 -16.04
C SER D 307 -37.45 5.34 -16.25
N SER D 308 -37.86 6.02 -15.19
CA SER D 308 -38.86 7.08 -15.32
C SER D 308 -38.38 8.25 -16.17
N PHE D 309 -37.07 8.44 -16.33
CA PHE D 309 -36.59 9.59 -17.09
C PHE D 309 -36.88 9.48 -18.59
N GLY D 310 -37.09 8.27 -19.12
CA GLY D 310 -37.53 8.20 -20.50
C GLY D 310 -38.92 8.79 -20.73
N ASN D 311 -39.68 9.02 -19.66
CA ASN D 311 -41.00 9.63 -19.77
C ASN D 311 -40.98 11.13 -19.56
N LEU D 312 -39.80 11.76 -19.45
CA LEU D 312 -39.78 13.18 -19.09
C LEU D 312 -40.25 14.07 -20.22
N THR D 313 -39.93 13.71 -21.46
CA THR D 313 -40.28 14.49 -22.66
C THR D 313 -39.65 15.88 -22.49
N ARG D 314 -40.44 16.96 -22.49
CA ARG D 314 -39.93 18.32 -22.38
C ARG D 314 -39.09 18.54 -21.11
N LEU D 315 -37.79 18.82 -21.31
CA LEU D 315 -36.77 18.95 -20.27
C LEU D 315 -35.59 19.72 -20.85
N ARG D 316 -35.01 20.61 -20.04
CA ARG D 316 -34.01 21.51 -20.61
C ARG D 316 -32.64 21.45 -19.98
N TYR D 317 -32.53 21.38 -18.66
CA TYR D 317 -31.24 21.51 -17.97
C TYR D 317 -31.14 20.44 -16.89
N LEU D 318 -30.09 19.61 -16.97
CA LEU D 318 -29.86 18.58 -15.95
C LEU D 318 -28.41 18.57 -15.48
N ASP D 319 -28.22 18.54 -14.15
CA ASP D 319 -26.89 18.61 -13.55
C ASP D 319 -26.75 17.53 -12.48
N MET D 320 -26.04 16.46 -12.81
CA MET D 320 -25.61 15.50 -11.80
C MET D 320 -24.08 15.57 -11.61
N SER D 321 -23.51 16.75 -11.50
CA SER D 321 -22.07 16.78 -11.34
C SER D 321 -21.72 16.44 -9.90
N ASN D 322 -20.70 15.61 -9.73
CA ASN D 322 -20.14 15.31 -8.43
C ASN D 322 -21.16 14.59 -7.54
N THR D 323 -21.75 13.52 -8.07
CA THR D 323 -22.71 12.74 -7.30
C THR D 323 -22.31 11.29 -7.15
N ARG D 324 -21.19 10.88 -7.75
CA ARG D 324 -20.64 9.54 -7.55
C ARG D 324 -21.59 8.47 -8.07
N THR D 325 -22.20 8.70 -9.24
CA THR D 325 -23.10 7.72 -9.86
C THR D 325 -22.27 6.80 -10.77
N TYR D 326 -22.50 5.49 -10.67
CA TYR D 326 -21.88 4.50 -11.56
C TYR D 326 -22.99 4.10 -12.52
N GLN D 327 -23.04 4.77 -13.68
CA GLN D 327 -24.05 4.51 -14.70
C GLN D 327 -23.39 4.47 -16.07
N TRP D 328 -23.77 3.46 -16.85
CA TRP D 328 -23.30 3.33 -18.22
C TRP D 328 -23.91 4.45 -19.06
N LEU D 329 -23.05 5.22 -19.72
CA LEU D 329 -23.54 6.46 -20.32
C LEU D 329 -24.61 6.21 -21.36
N PRO D 330 -24.40 5.35 -22.37
CA PRO D 330 -25.43 5.20 -23.41
C PRO D 330 -26.81 4.80 -22.90
N GLU D 331 -26.93 4.24 -21.69
CA GLU D 331 -28.30 4.07 -21.18
C GLU D 331 -28.83 5.36 -20.60
N LEU D 332 -27.96 6.23 -20.09
CA LEU D 332 -28.43 7.55 -19.71
C LEU D 332 -29.01 8.24 -20.93
N PHE D 333 -28.33 8.07 -22.05
CA PHE D 333 -28.83 8.68 -23.29
C PHE D 333 -30.16 8.05 -23.71
N VAL D 334 -30.27 6.73 -23.62
CA VAL D 334 -31.56 6.08 -23.89
C VAL D 334 -32.64 6.63 -22.97
N ARG D 335 -32.31 6.87 -21.70
CA ARG D 335 -33.28 7.29 -20.71
C ARG D 335 -33.57 8.78 -20.78
N LEU D 336 -32.79 9.54 -21.53
CA LEU D 336 -33.16 10.91 -21.83
C LEU D 336 -33.61 11.11 -23.27
N SER D 337 -33.64 10.03 -24.06
CA SER D 337 -34.16 10.12 -25.42
C SER D 337 -35.57 10.70 -25.45
N GLY D 338 -36.30 10.64 -24.33
CA GLY D 338 -37.55 11.36 -24.24
C GLY D 338 -37.38 12.85 -24.43
N SER D 339 -36.17 13.32 -24.26
CA SER D 339 -35.90 14.74 -24.27
C SER D 339 -34.79 15.08 -25.27
N ARG D 340 -34.63 14.27 -26.33
CA ARG D 340 -33.63 14.56 -27.35
C ARG D 340 -33.74 15.99 -27.83
N LYS D 341 -34.98 16.43 -28.06
CA LYS D 341 -35.28 17.62 -28.83
C LYS D 341 -35.38 18.86 -27.95
N THR D 342 -35.43 18.70 -26.63
CA THR D 342 -35.58 19.83 -25.73
C THR D 342 -34.39 20.06 -24.84
N LEU D 343 -33.53 19.05 -24.64
CA LEU D 343 -32.47 19.10 -23.64
C LEU D 343 -31.36 20.03 -24.09
N GLU D 344 -31.04 21.00 -23.24
CA GLU D 344 -30.13 22.10 -23.60
C GLU D 344 -28.72 21.88 -23.04
N VAL D 345 -28.61 21.67 -21.72
CA VAL D 345 -27.34 21.62 -21.00
C VAL D 345 -27.32 20.37 -20.14
N LEU D 346 -26.31 19.54 -20.31
CA LEU D 346 -26.19 18.30 -19.55
C LEU D 346 -24.79 18.21 -18.93
N GLY D 347 -24.76 18.26 -17.59
CA GLY D 347 -23.54 18.31 -16.82
C GLY D 347 -23.35 17.05 -16.00
N LEU D 348 -22.46 16.17 -16.47
CA LEU D 348 -22.21 14.90 -15.83
C LEU D 348 -20.76 14.73 -15.37
N ASN D 349 -20.03 15.82 -15.22
CA ASN D 349 -18.64 15.80 -14.74
C ASN D 349 -18.49 15.37 -13.28
N ASP D 350 -17.21 15.12 -12.94
CA ASP D 350 -16.71 14.75 -11.62
C ASP D 350 -17.55 13.63 -10.99
N ASN D 351 -17.71 12.57 -11.75
CA ASN D 351 -18.64 11.51 -11.40
C ASN D 351 -18.03 10.24 -12.01
N SER D 352 -18.50 9.05 -11.63
CA SER D 352 -17.83 7.83 -12.13
C SER D 352 -18.57 7.14 -13.26
N MET D 353 -18.98 7.84 -14.32
CA MET D 353 -19.80 7.24 -15.36
C MET D 353 -18.93 6.54 -16.39
N PHE D 354 -19.16 5.25 -16.62
CA PHE D 354 -18.37 4.44 -17.53
C PHE D 354 -19.13 4.17 -18.83
N GLY D 355 -18.38 3.71 -19.85
CA GLY D 355 -18.96 3.30 -21.12
C GLY D 355 -18.33 4.03 -22.30
N SER D 356 -19.15 4.22 -23.36
CA SER D 356 -18.72 4.88 -24.59
C SER D 356 -19.69 5.98 -24.96
N LEU D 357 -19.21 6.94 -25.76
CA LEU D 357 -20.05 8.06 -26.18
C LEU D 357 -20.37 7.96 -27.67
N VAL D 358 -21.57 7.43 -27.95
CA VAL D 358 -22.10 7.21 -29.29
C VAL D 358 -23.45 7.88 -29.37
N ASP D 359 -23.80 8.35 -30.58
CA ASP D 359 -25.07 9.06 -30.84
C ASP D 359 -25.25 10.22 -29.89
N VAL D 360 -24.19 11.05 -29.84
CA VAL D 360 -24.25 12.29 -29.09
C VAL D 360 -25.23 13.21 -29.74
N THR D 361 -25.34 13.04 -31.04
CA THR D 361 -26.07 13.91 -31.94
C THR D 361 -27.59 13.73 -31.87
N ARG D 362 -28.08 12.53 -31.52
CA ARG D 362 -29.50 12.28 -31.39
C ARG D 362 -30.20 13.31 -30.51
N PHE D 363 -29.45 14.00 -29.64
CA PHE D 363 -29.95 15.07 -28.79
C PHE D 363 -29.77 16.40 -29.50
N SER D 364 -30.86 16.91 -30.11
CA SER D 364 -30.75 17.95 -31.14
C SER D 364 -30.52 19.33 -30.56
N ALA D 365 -30.98 19.59 -29.34
CA ALA D 365 -30.84 20.90 -28.73
C ALA D 365 -29.68 20.96 -27.74
N LEU D 366 -28.87 19.90 -27.69
CA LEU D 366 -27.74 19.86 -26.77
C LEU D 366 -26.70 20.90 -27.18
N LYS D 367 -26.44 21.85 -26.29
CA LYS D 367 -25.45 22.90 -26.47
C LYS D 367 -24.25 22.73 -25.56
N ARG D 368 -24.48 22.29 -24.32
CA ARG D 368 -23.39 22.08 -23.37
C ARG D 368 -23.36 20.63 -22.93
N LEU D 369 -22.17 20.01 -23.00
CA LEU D 369 -21.99 18.68 -22.44
C LEU D 369 -20.69 18.60 -21.64
N TYR D 370 -20.84 18.34 -20.33
CA TYR D 370 -19.73 18.27 -19.38
C TYR D 370 -19.60 16.85 -18.84
N LEU D 371 -18.62 16.08 -19.37
CA LEU D 371 -18.36 14.73 -18.91
C LEU D 371 -16.97 14.53 -18.30
N GLN D 372 -16.29 15.59 -17.87
CA GLN D 372 -14.89 15.36 -17.52
C GLN D 372 -14.75 14.66 -16.17
N LYS D 373 -13.54 14.18 -15.91
CA LYS D 373 -13.16 13.54 -14.66
C LYS D 373 -14.09 12.36 -14.35
N ASN D 374 -14.74 11.85 -15.38
CA ASN D 374 -15.50 10.61 -15.16
C ASN D 374 -14.56 9.47 -15.53
N VAL D 375 -15.03 8.24 -15.51
CA VAL D 375 -14.16 7.13 -15.97
C VAL D 375 -14.79 6.59 -17.24
N LEU D 376 -14.06 6.59 -18.33
CA LEU D 376 -14.70 6.19 -19.59
C LEU D 376 -13.75 5.31 -20.38
N ASN D 377 -14.32 4.43 -21.20
CA ASN D 377 -13.48 3.58 -22.05
C ASN D 377 -14.06 3.72 -23.44
N GLY D 378 -13.76 2.78 -24.33
CA GLY D 378 -14.46 2.89 -25.59
C GLY D 378 -14.27 4.19 -26.37
N PHE D 379 -15.17 4.40 -27.32
CA PHE D 379 -14.82 5.24 -28.45
C PHE D 379 -15.69 6.49 -28.40
N PHE D 380 -15.16 7.61 -28.88
CA PHE D 380 -16.00 8.79 -29.05
C PHE D 380 -16.32 8.86 -30.54
N MET D 381 -17.30 8.05 -30.93
CA MET D 381 -17.61 7.84 -32.33
C MET D 381 -19.03 8.30 -32.61
N GLU D 382 -19.26 8.65 -33.89
CA GLU D 382 -20.59 8.98 -34.42
C GLU D 382 -20.79 8.39 -35.80
N ARG D 383 -21.85 7.57 -35.96
CA ARG D 383 -22.17 7.01 -37.26
C ARG D 383 -23.68 7.07 -37.54
N PHE D 384 -24.45 7.77 -36.68
CA PHE D 384 -25.88 8.02 -36.97
C PHE D 384 -25.99 8.71 -38.33
N GLY D 385 -24.97 9.49 -38.70
CA GLY D 385 -24.93 10.30 -39.90
C GLY D 385 -25.58 11.66 -39.75
N GLN D 386 -25.84 12.07 -38.51
CA GLN D 386 -26.57 13.28 -38.16
C GLN D 386 -25.56 14.32 -37.67
N VAL D 387 -26.01 15.57 -37.47
CA VAL D 387 -25.12 16.65 -37.05
C VAL D 387 -25.66 17.32 -35.80
N SER D 388 -24.77 17.59 -34.84
CA SER D 388 -25.17 18.23 -33.59
C SER D 388 -24.77 19.69 -33.60
N SER D 389 -25.33 20.43 -32.64
CA SER D 389 -25.02 21.83 -32.45
C SER D 389 -24.37 22.10 -31.09
N LEU D 390 -23.68 21.11 -30.54
CA LEU D 390 -23.03 21.34 -29.26
C LEU D 390 -22.04 22.48 -29.38
N GLU D 391 -22.19 23.48 -28.51
CA GLU D 391 -21.21 24.55 -28.50
C GLU D 391 -20.04 24.27 -27.56
N TYR D 392 -20.29 23.66 -26.41
CA TYR D 392 -19.26 23.38 -25.43
C TYR D 392 -19.23 21.90 -25.16
N LEU D 393 -18.05 21.29 -25.31
CA LEU D 393 -17.90 19.85 -25.08
C LEU D 393 -16.61 19.61 -24.31
N ASP D 394 -16.71 18.94 -23.17
CA ASP D 394 -15.54 18.74 -22.32
C ASP D 394 -15.53 17.31 -21.81
N LEU D 395 -14.58 16.51 -22.30
CA LEU D 395 -14.40 15.10 -21.97
C LEU D 395 -12.97 14.86 -21.49
N SER D 396 -12.52 15.62 -20.51
CA SER D 396 -11.13 15.50 -20.08
C SER D 396 -11.01 14.42 -19.02
N ASP D 397 -9.80 13.88 -18.89
CA ASP D 397 -9.44 12.92 -17.85
C ASP D 397 -10.36 11.69 -17.89
N ASN D 398 -10.58 11.12 -19.08
CA ASN D 398 -11.47 9.96 -19.18
C ASN D 398 -10.95 8.63 -19.74
N GLN D 399 -9.71 8.49 -20.18
CA GLN D 399 -9.22 7.19 -20.68
C GLN D 399 -10.01 6.61 -21.89
N MET D 400 -10.61 7.46 -22.73
CA MET D 400 -11.32 6.96 -23.89
C MET D 400 -10.32 6.57 -24.98
N ARG D 401 -10.72 5.67 -25.88
CA ARG D 401 -9.82 5.22 -26.95
C ARG D 401 -10.55 5.27 -28.30
N GLY D 402 -9.84 4.83 -29.35
CA GLY D 402 -10.40 4.90 -30.67
C GLY D 402 -10.19 6.26 -31.31
N PRO D 403 -10.44 6.35 -32.62
CA PRO D 403 -10.24 7.62 -33.32
C PRO D 403 -11.35 8.61 -33.01
N LEU D 404 -11.07 9.87 -33.30
CA LEU D 404 -12.06 10.91 -33.16
C LEU D 404 -13.11 10.72 -34.24
N PRO D 405 -14.27 11.29 -34.08
CA PRO D 405 -15.22 11.31 -35.20
C PRO D 405 -14.89 12.53 -36.05
N ASP D 406 -15.56 12.69 -37.19
CA ASP D 406 -15.37 13.90 -37.99
C ASP D 406 -15.80 15.10 -37.18
N LEU D 407 -14.86 16.02 -36.98
CA LEU D 407 -15.16 17.19 -36.18
C LEU D 407 -15.91 18.25 -36.98
N ALA D 408 -16.13 17.99 -38.26
CA ALA D 408 -17.04 18.80 -39.07
C ALA D 408 -18.51 18.60 -38.67
N LEU D 409 -18.85 17.45 -38.08
CA LEU D 409 -20.23 17.21 -37.65
C LEU D 409 -20.65 18.06 -36.46
N PHE D 410 -19.69 18.69 -35.77
CA PHE D 410 -19.93 19.54 -34.61
C PHE D 410 -19.50 20.96 -34.95
N PRO D 411 -20.19 21.65 -35.88
CA PRO D 411 -19.62 22.90 -36.44
C PRO D 411 -19.59 24.08 -35.48
N SER D 412 -20.42 24.06 -34.43
CA SER D 412 -20.62 25.20 -33.55
C SER D 412 -19.71 25.18 -32.33
N LEU D 413 -18.84 24.18 -32.23
CA LEU D 413 -17.95 24.05 -31.08
C LEU D 413 -17.13 25.31 -30.90
N ARG D 414 -17.19 25.83 -29.69
CA ARG D 414 -16.44 26.98 -29.28
C ARG D 414 -15.29 26.62 -28.37
N GLU D 415 -15.47 25.53 -27.61
CA GLU D 415 -14.51 25.01 -26.66
C GLU D 415 -14.61 23.49 -26.72
N LEU D 416 -13.50 22.84 -27.05
CA LEU D 416 -13.44 21.39 -27.21
C LEU D 416 -12.28 20.87 -26.36
N HIS D 417 -12.61 20.29 -25.20
CA HIS D 417 -11.58 19.71 -24.33
C HIS D 417 -11.66 18.20 -24.40
N LEU D 418 -10.56 17.59 -24.81
CA LEU D 418 -10.47 16.15 -24.99
C LEU D 418 -9.18 15.62 -24.38
N GLY D 419 -8.46 16.43 -23.60
CA GLY D 419 -7.16 16.05 -23.17
C GLY D 419 -7.21 14.85 -22.25
N SER D 420 -6.02 14.32 -21.95
CA SER D 420 -5.85 13.28 -20.94
C SER D 420 -6.72 12.05 -21.23
N ASN D 421 -6.68 11.60 -22.48
CA ASN D 421 -7.32 10.37 -22.92
C ASN D 421 -6.36 9.42 -23.64
N HIS D 422 -6.93 8.49 -24.43
CA HIS D 422 -6.22 7.47 -25.20
C HIS D 422 -6.71 7.46 -26.64
N PHE D 423 -7.09 8.63 -27.14
CA PHE D 423 -7.47 8.74 -28.54
C PHE D 423 -6.23 8.56 -29.41
N ASN D 424 -6.48 8.23 -30.68
CA ASN D 424 -5.39 7.82 -31.54
C ASN D 424 -5.66 8.34 -32.94
N GLY D 425 -4.68 8.09 -33.82
CA GLY D 425 -4.75 8.58 -35.19
C GLY D 425 -4.36 10.03 -35.32
N ARG D 426 -4.44 10.51 -36.55
CA ARG D 426 -4.34 11.92 -36.87
C ARG D 426 -5.65 12.64 -36.53
N ILE D 427 -5.54 13.94 -36.30
CA ILE D 427 -6.76 14.72 -36.09
C ILE D 427 -7.55 14.74 -37.39
N PRO D 428 -8.86 14.50 -37.35
CA PRO D 428 -9.65 14.43 -38.59
C PRO D 428 -9.64 15.74 -39.35
N GLN D 429 -9.57 15.63 -40.67
CA GLN D 429 -9.44 16.77 -41.56
C GLN D 429 -10.63 17.72 -41.50
N GLY D 430 -11.77 17.29 -40.91
CA GLY D 430 -12.93 18.16 -40.74
C GLY D 430 -12.83 19.17 -39.62
N ILE D 431 -11.73 19.16 -38.86
CA ILE D 431 -11.53 20.13 -37.79
C ILE D 431 -11.32 21.54 -38.32
N GLY D 432 -11.05 21.65 -39.62
CA GLY D 432 -10.99 22.94 -40.26
C GLY D 432 -12.35 23.62 -40.41
N LYS D 433 -13.43 22.93 -40.09
CA LYS D 433 -14.75 23.51 -40.29
C LYS D 433 -15.30 24.22 -39.05
N LEU D 434 -14.46 24.44 -38.02
CA LEU D 434 -14.89 25.07 -36.76
C LEU D 434 -14.48 26.54 -36.69
N SER D 435 -15.38 27.43 -37.12
CA SER D 435 -15.06 28.85 -37.23
C SER D 435 -15.13 29.57 -35.89
N GLN D 436 -16.14 29.26 -35.09
CA GLN D 436 -16.34 29.91 -33.80
C GLN D 436 -15.48 29.31 -32.69
N LEU D 437 -14.65 28.31 -33.00
CA LEU D 437 -13.88 27.62 -31.97
C LEU D 437 -12.89 28.58 -31.32
N LYS D 438 -12.90 28.64 -29.99
CA LYS D 438 -11.94 29.46 -29.28
C LYS D 438 -10.87 28.64 -28.57
N ILE D 439 -11.22 27.49 -27.98
CA ILE D 439 -10.29 26.74 -27.15
C ILE D 439 -10.26 25.28 -27.62
N LEU D 440 -9.06 24.76 -27.90
CA LEU D 440 -8.90 23.36 -28.29
C LEU D 440 -7.82 22.73 -27.42
N ASP D 441 -8.19 21.65 -26.71
CA ASP D 441 -7.32 20.97 -25.75
C ASP D 441 -7.30 19.47 -25.97
N VAL D 442 -6.19 18.95 -26.45
CA VAL D 442 -6.05 17.51 -26.63
C VAL D 442 -4.67 17.08 -26.12
N SER D 443 -4.23 17.67 -25.02
CA SER D 443 -2.91 17.31 -24.51
C SER D 443 -2.92 15.88 -23.96
N SER D 444 -1.73 15.26 -23.96
CA SER D 444 -1.43 13.92 -23.40
C SER D 444 -2.42 12.86 -23.91
N ASN D 445 -2.80 12.98 -25.17
CA ASN D 445 -3.44 11.89 -25.89
C ASN D 445 -2.39 11.28 -26.81
N ARG D 446 -2.76 10.19 -27.46
CA ARG D 446 -1.83 9.52 -28.36
C ARG D 446 -2.17 9.87 -29.81
N LEU D 447 -2.05 11.16 -30.15
CA LEU D 447 -2.36 11.58 -31.51
C LEU D 447 -1.11 11.55 -32.37
N GLU D 448 -1.32 11.36 -33.68
CA GLU D 448 -0.25 10.94 -34.59
C GLU D 448 -0.02 11.88 -35.76
N GLY D 449 -0.58 13.07 -35.74
CA GLY D 449 -0.37 14.01 -36.83
C GLY D 449 -1.51 15.01 -36.92
N LEU D 450 -1.21 16.13 -37.58
CA LEU D 450 -2.08 17.27 -37.71
C LEU D 450 -2.39 17.55 -39.19
N PRO D 451 -3.66 17.85 -39.50
CA PRO D 451 -4.01 18.24 -40.88
C PRO D 451 -3.77 19.74 -41.12
N GLU D 452 -3.55 20.09 -42.38
CA GLU D 452 -3.31 21.51 -42.69
C GLU D 452 -4.55 22.39 -42.48
N SER D 453 -5.76 21.82 -42.60
CA SER D 453 -6.98 22.63 -42.73
C SER D 453 -7.26 23.48 -41.49
N MET D 454 -6.61 23.21 -40.41
CA MET D 454 -6.78 24.10 -39.28
C MET D 454 -6.12 25.46 -39.46
N GLY D 455 -5.59 25.77 -40.64
CA GLY D 455 -5.32 27.16 -40.91
C GLY D 455 -6.59 27.91 -41.32
N GLN D 456 -7.75 27.39 -40.94
CA GLN D 456 -9.02 28.02 -41.29
C GLN D 456 -9.80 28.46 -40.06
N LEU D 457 -9.21 28.39 -38.87
CA LEU D 457 -9.95 28.66 -37.64
C LEU D 457 -10.10 30.16 -37.35
N SER D 458 -8.99 30.88 -37.21
CA SER D 458 -8.96 32.34 -37.13
C SER D 458 -9.56 32.88 -35.82
N ASN D 459 -10.22 32.01 -35.06
CA ASN D 459 -10.79 32.38 -33.78
C ASN D 459 -10.22 31.54 -32.66
N LEU D 460 -9.34 30.60 -32.97
CA LEU D 460 -8.85 29.64 -31.98
C LEU D 460 -7.81 30.32 -31.09
N GLU D 461 -8.23 30.77 -29.90
CA GLU D 461 -7.33 31.50 -29.02
C GLU D 461 -6.27 30.59 -28.40
N SER D 462 -6.66 29.38 -27.98
CA SER D 462 -5.78 28.50 -27.23
C SER D 462 -5.75 27.12 -27.89
N PHE D 463 -4.54 26.64 -28.21
CA PHE D 463 -4.37 25.31 -28.80
C PHE D 463 -3.28 24.54 -28.07
N ASP D 464 -3.69 23.42 -27.44
CA ASP D 464 -2.80 22.59 -26.63
C ASP D 464 -2.81 21.18 -27.22
N ALA D 465 -1.66 20.75 -27.75
CA ALA D 465 -1.47 19.37 -28.19
C ALA D 465 -0.19 18.80 -27.60
N SER D 466 0.07 19.14 -26.36
CA SER D 466 1.30 18.73 -25.71
C SER D 466 1.24 17.25 -25.30
N TYR D 467 2.41 16.63 -25.17
CA TYR D 467 2.53 15.28 -24.64
C TYR D 467 1.76 14.25 -25.46
N ASN D 468 1.57 14.50 -26.74
CA ASN D 468 1.02 13.47 -27.60
C ASN D 468 2.15 12.69 -28.26
N VAL D 469 1.83 11.89 -29.27
CA VAL D 469 2.84 11.18 -30.04
C VAL D 469 2.83 11.80 -31.43
N LEU D 470 2.63 13.12 -31.51
CA LEU D 470 2.54 13.77 -32.81
C LEU D 470 3.80 13.57 -33.61
N LYS D 471 3.61 13.20 -34.87
CA LYS D 471 4.69 12.96 -35.79
C LYS D 471 4.41 13.72 -37.07
N GLY D 472 5.48 14.08 -37.76
CA GLY D 472 5.37 14.67 -39.07
C GLY D 472 5.95 16.07 -39.07
N THR D 473 6.09 16.60 -40.27
CA THR D 473 6.56 17.96 -40.44
C THR D 473 5.33 18.81 -40.70
N ILE D 474 5.23 19.92 -39.99
CA ILE D 474 4.06 20.79 -40.01
C ILE D 474 4.43 22.11 -40.67
N THR D 475 3.59 22.54 -41.62
CA THR D 475 3.91 23.67 -42.48
C THR D 475 3.36 24.99 -41.94
N GLU D 476 3.92 26.06 -42.50
CA GLU D 476 3.39 27.41 -42.38
C GLU D 476 1.95 27.52 -42.87
N SER D 477 1.56 26.68 -43.84
CA SER D 477 0.19 26.70 -44.36
C SER D 477 -0.78 26.16 -43.33
N HIS D 478 -0.33 25.13 -42.63
CA HIS D 478 -1.03 24.50 -41.52
C HIS D 478 -1.64 25.53 -40.58
N LEU D 479 -0.92 26.63 -40.35
CA LEU D 479 -1.22 27.67 -39.38
C LEU D 479 -1.31 29.06 -40.03
N SER D 480 -1.96 29.12 -41.19
CA SER D 480 -2.40 30.36 -41.84
C SER D 480 -3.70 30.88 -41.23
N ASN D 481 -3.98 32.16 -41.49
CA ASN D 481 -5.30 32.76 -41.29
C ASN D 481 -5.84 32.36 -39.90
N LEU D 482 -4.96 32.50 -38.90
CA LEU D 482 -5.23 32.26 -37.48
C LEU D 482 -4.87 33.52 -36.70
N SER D 483 -5.64 34.58 -36.94
CA SER D 483 -5.33 35.87 -36.35
C SER D 483 -5.50 35.84 -34.83
N SER D 484 -6.52 35.12 -34.35
CA SER D 484 -6.87 35.11 -32.92
C SER D 484 -6.20 33.92 -32.21
N LEU D 485 -4.88 33.93 -32.15
CA LEU D 485 -4.15 32.88 -31.44
C LEU D 485 -3.18 33.52 -30.46
N VAL D 486 -3.25 33.10 -29.19
CA VAL D 486 -2.37 33.62 -28.15
C VAL D 486 -1.67 32.52 -27.36
N ASP D 487 -2.20 31.30 -27.35
CA ASP D 487 -1.67 30.17 -26.58
C ASP D 487 -1.33 29.01 -27.51
N LEU D 488 -0.06 28.65 -27.62
CA LEU D 488 0.33 27.50 -28.44
C LEU D 488 1.20 26.56 -27.64
N ASP D 489 0.84 25.27 -27.67
CA ASP D 489 1.47 24.27 -26.83
C ASP D 489 1.61 22.98 -27.63
N LEU D 490 2.83 22.64 -28.04
CA LEU D 490 3.10 21.38 -28.75
C LEU D 490 4.25 20.60 -28.13
N SER D 491 4.29 20.58 -26.81
CA SER D 491 5.46 20.11 -26.07
C SER D 491 5.72 18.60 -26.28
N PHE D 492 7.00 18.23 -26.29
CA PHE D 492 7.48 16.83 -26.21
C PHE D 492 6.77 15.89 -27.19
N ASN D 493 6.86 16.27 -28.48
CA ASN D 493 6.31 15.60 -29.64
C ASN D 493 7.43 15.34 -30.67
N SER D 494 7.15 14.47 -31.64
CA SER D 494 8.07 14.13 -32.73
C SER D 494 7.77 14.96 -33.98
N LEU D 495 7.74 16.28 -33.86
CA LEU D 495 7.13 17.17 -34.82
C LEU D 495 8.17 18.18 -35.32
N ALA D 496 7.87 18.83 -36.46
CA ALA D 496 8.74 19.84 -37.08
C ALA D 496 7.92 21.03 -37.54
N LEU D 497 8.45 22.26 -37.32
CA LEU D 497 7.70 23.48 -37.64
C LEU D 497 8.62 24.51 -38.33
N LYS D 498 8.63 24.49 -39.68
CA LYS D 498 9.44 25.37 -40.52
C LYS D 498 8.50 26.19 -41.40
N THR D 499 8.63 27.52 -41.34
CA THR D 499 7.87 28.46 -42.16
C THR D 499 8.68 29.02 -43.34
N SER D 500 8.01 29.80 -44.19
CA SER D 500 8.69 30.56 -45.23
C SER D 500 9.43 31.75 -44.64
N ILE D 501 10.50 32.13 -45.33
CA ILE D 501 11.33 33.25 -44.92
C ILE D 501 10.49 34.52 -44.97
N ASP D 502 9.78 34.69 -46.09
CA ASP D 502 8.92 35.82 -46.34
C ASP D 502 7.47 35.47 -46.00
N TRP D 503 7.29 34.72 -44.91
CA TRP D 503 6.00 34.43 -44.31
C TRP D 503 5.87 35.26 -43.04
N LEU D 504 4.69 35.87 -42.86
CA LEU D 504 4.42 36.73 -41.72
C LEU D 504 3.30 36.14 -40.87
N PRO D 505 3.45 36.16 -39.54
CA PRO D 505 2.46 35.50 -38.69
C PRO D 505 1.18 36.31 -38.61
N PRO D 506 0.01 35.65 -38.51
CA PRO D 506 -1.23 36.39 -38.30
C PRO D 506 -1.42 36.83 -36.86
N PHE D 507 -0.53 36.44 -35.96
CA PHE D 507 -0.76 36.53 -34.53
C PHE D 507 0.42 37.17 -33.81
N GLN D 508 0.13 37.73 -32.64
CA GLN D 508 1.12 38.19 -31.67
C GLN D 508 0.86 37.39 -30.41
N LEU D 509 1.47 36.21 -30.30
CA LEU D 509 1.00 35.25 -29.31
C LEU D 509 1.83 35.39 -28.03
N GLN D 510 1.19 35.07 -26.89
CA GLN D 510 1.67 35.43 -25.55
C GLN D 510 2.30 34.26 -24.78
N VAL D 511 1.92 33.02 -25.11
CA VAL D 511 2.47 31.82 -24.51
C VAL D 511 2.83 30.82 -25.61
N ILE D 512 4.12 30.44 -25.67
CA ILE D 512 4.72 29.64 -26.74
C ILE D 512 5.53 28.53 -26.10
N ASN D 513 4.98 27.29 -26.09
CA ASN D 513 5.68 26.12 -25.58
C ASN D 513 5.94 25.19 -26.76
N LEU D 514 7.21 25.17 -27.22
CA LEU D 514 7.64 24.27 -28.31
C LEU D 514 8.87 23.46 -27.95
N PRO D 515 8.86 22.75 -26.80
CA PRO D 515 9.97 21.83 -26.51
C PRO D 515 9.91 20.66 -27.46
N SER D 516 11.07 20.09 -27.76
CA SER D 516 11.16 18.89 -28.59
C SER D 516 10.45 19.07 -29.94
N CYS D 517 10.64 20.23 -30.56
CA CYS D 517 10.27 20.47 -31.95
C CYS D 517 11.50 21.08 -32.62
N ASN D 518 12.00 20.47 -33.70
CA ASN D 518 13.12 21.13 -34.37
C ASN D 518 12.53 22.31 -35.15
N LEU D 519 12.93 23.50 -34.74
CA LEU D 519 12.35 24.74 -35.24
C LEU D 519 12.89 25.09 -36.61
N GLY D 520 13.79 24.26 -37.13
CA GLY D 520 14.57 24.49 -38.31
C GLY D 520 16.00 24.51 -37.79
N PRO D 521 16.96 23.91 -38.49
CA PRO D 521 18.35 24.05 -38.03
C PRO D 521 18.80 25.49 -37.87
N SER D 522 18.24 26.41 -38.65
CA SER D 522 18.44 27.83 -38.38
C SER D 522 17.44 28.31 -37.34
N PHE D 523 17.86 29.28 -36.56
CA PHE D 523 16.96 29.90 -35.58
C PHE D 523 15.74 30.47 -36.28
N PRO D 524 14.52 30.02 -35.95
CA PRO D 524 13.31 30.49 -36.65
C PRO D 524 13.19 32.02 -36.77
N LYS D 525 12.93 32.46 -38.01
CA LYS D 525 12.89 33.90 -38.31
C LYS D 525 11.67 34.58 -37.71
N TRP D 526 10.53 33.89 -37.65
CA TRP D 526 9.26 34.51 -37.30
C TRP D 526 9.19 35.08 -35.88
N LEU D 527 10.07 34.66 -34.97
CA LEU D 527 10.05 35.22 -33.62
C LEU D 527 10.41 36.70 -33.60
N GLN D 528 10.81 37.26 -34.74
CA GLN D 528 11.06 38.69 -34.86
C GLN D 528 9.79 39.48 -34.65
N SER D 529 8.66 38.90 -35.08
CA SER D 529 7.41 39.61 -35.19
C SER D 529 6.53 39.55 -33.94
N GLN D 530 6.77 38.64 -33.02
CA GLN D 530 5.98 38.59 -31.81
C GLN D 530 6.76 39.29 -30.70
N ASN D 531 6.12 40.28 -30.09
CA ASN D 531 6.73 41.01 -29.00
C ASN D 531 5.83 41.00 -27.78
N ASN D 532 4.72 40.23 -27.80
CA ASN D 532 3.77 40.25 -26.71
C ASN D 532 3.90 39.05 -25.79
N TYR D 533 4.79 38.11 -26.07
CA TYR D 533 4.84 36.90 -25.27
C TYR D 533 5.53 37.14 -23.93
N THR D 534 5.11 36.33 -22.94
CA THR D 534 5.66 36.33 -21.59
C THR D 534 6.20 34.95 -21.19
N VAL D 535 6.13 33.98 -22.10
CA VAL D 535 6.69 32.65 -21.87
C VAL D 535 7.08 31.96 -23.18
N LEU D 536 8.40 31.75 -23.32
CA LEU D 536 9.07 31.24 -24.52
C LEU D 536 9.82 29.97 -24.18
N ASP D 537 9.41 28.85 -24.79
CA ASP D 537 10.05 27.56 -24.59
C ASP D 537 10.45 27.05 -25.96
N ILE D 538 11.68 27.38 -26.35
CA ILE D 538 12.32 26.77 -27.51
C ILE D 538 13.58 26.04 -27.05
N SER D 539 13.41 24.87 -26.47
CA SER D 539 14.50 23.98 -26.14
C SER D 539 14.35 22.68 -26.91
N LEU D 540 15.45 21.93 -26.99
CA LEU D 540 15.44 20.62 -27.62
C LEU D 540 15.02 20.69 -29.08
N ALA D 541 15.22 21.83 -29.72
CA ALA D 541 15.13 21.90 -31.18
C ALA D 541 16.38 21.29 -31.80
N ASN D 542 16.51 21.47 -33.11
CA ASN D 542 17.79 21.17 -33.71
C ASN D 542 18.31 22.49 -34.28
N ILE D 543 18.27 23.52 -33.43
CA ILE D 543 18.79 24.86 -33.71
C ILE D 543 20.30 24.85 -33.57
N SER D 544 21.01 25.49 -34.52
CA SER D 544 22.46 25.33 -34.56
C SER D 544 23.25 26.60 -34.90
N ASP D 545 22.62 27.75 -35.16
CA ASP D 545 23.41 28.91 -35.51
C ASP D 545 23.67 29.76 -34.26
N ALA D 546 24.28 30.92 -34.47
CA ALA D 546 24.49 31.93 -33.45
C ALA D 546 23.34 32.94 -33.41
N LEU D 547 23.26 33.64 -32.29
CA LEU D 547 22.19 34.60 -31.99
C LEU D 547 22.16 35.78 -32.96
N PRO D 548 21.10 35.96 -33.75
CA PRO D 548 20.97 37.23 -34.49
C PRO D 548 20.70 38.37 -33.53
N SER D 549 21.15 39.57 -33.92
CA SER D 549 21.06 40.73 -33.04
C SER D 549 19.62 41.23 -32.87
N TRP D 550 18.69 40.87 -33.79
CA TRP D 550 17.29 41.26 -33.65
C TRP D 550 16.62 40.62 -32.44
N PHE D 551 17.15 39.47 -31.99
CA PHE D 551 16.70 38.79 -30.78
C PHE D 551 17.04 39.58 -29.52
N SER D 552 17.96 40.55 -29.61
CA SER D 552 18.40 41.33 -28.45
C SER D 552 17.29 42.17 -27.86
N GLY D 553 16.27 42.48 -28.66
CA GLY D 553 15.11 43.27 -28.29
C GLY D 553 14.02 42.39 -27.71
N LEU D 554 14.36 41.72 -26.61
CA LEU D 554 13.47 40.72 -26.02
C LEU D 554 12.26 41.36 -25.34
N PRO D 555 11.11 40.68 -25.40
CA PRO D 555 9.82 41.29 -25.08
C PRO D 555 9.80 41.97 -23.73
N PRO D 556 8.84 42.87 -23.50
CA PRO D 556 8.92 43.76 -22.33
C PRO D 556 8.57 43.09 -21.03
N ASP D 557 7.93 41.93 -21.07
CA ASP D 557 7.46 41.22 -19.89
C ASP D 557 7.67 39.71 -20.09
N ILE D 558 8.92 39.24 -20.13
CA ILE D 558 9.06 37.79 -20.09
C ILE D 558 9.27 37.32 -18.66
N LYS D 559 8.63 36.17 -18.39
CA LYS D 559 8.58 35.43 -17.16
C LYS D 559 9.37 34.14 -17.23
N ILE D 560 9.45 33.52 -18.41
CA ILE D 560 10.07 32.22 -18.60
C ILE D 560 10.76 32.19 -19.97
N LEU D 561 12.08 32.10 -19.96
CA LEU D 561 12.93 32.01 -21.15
C LEU D 561 13.67 30.68 -21.16
N ASN D 562 13.26 29.76 -22.03
CA ASN D 562 13.95 28.44 -22.13
C ASN D 562 14.46 28.23 -23.55
N LEU D 563 15.75 28.51 -23.71
CA LEU D 563 16.52 28.24 -24.92
C LEU D 563 17.50 27.08 -24.76
N SER D 564 17.42 26.36 -23.66
CA SER D 564 18.43 25.36 -23.36
C SER D 564 18.33 24.18 -24.33
N ASN D 565 19.32 23.30 -24.27
CA ASN D 565 19.36 22.07 -25.06
C ASN D 565 19.14 22.32 -26.56
N ASN D 566 20.07 23.06 -27.14
CA ASN D 566 20.20 23.23 -28.60
C ASN D 566 21.69 23.25 -28.91
N GLN D 567 22.08 23.83 -30.05
CA GLN D 567 23.46 24.22 -30.33
C GLN D 567 23.52 25.68 -30.73
N ILE D 568 22.93 26.54 -29.94
CA ILE D 568 22.97 27.96 -30.22
C ILE D 568 24.32 28.50 -29.75
N SER D 569 24.86 29.44 -30.50
CA SER D 569 26.14 30.04 -30.14
C SER D 569 25.96 31.55 -30.07
N GLY D 570 27.03 32.21 -29.63
CA GLY D 570 26.94 33.66 -29.41
C GLY D 570 27.23 33.95 -27.95
N ARG D 571 27.35 35.22 -27.58
CA ARG D 571 27.53 35.52 -26.14
C ARG D 571 26.30 36.26 -25.66
N VAL D 572 25.63 35.73 -24.64
CA VAL D 572 24.38 36.39 -24.20
C VAL D 572 24.77 37.77 -23.71
N SER D 573 25.87 37.85 -22.97
CA SER D 573 26.35 39.20 -22.62
C SER D 573 25.20 39.94 -21.96
N ASP D 574 24.95 41.17 -22.42
CA ASP D 574 23.82 41.99 -21.90
C ASP D 574 22.63 41.79 -22.82
N LEU D 575 22.75 40.87 -23.79
CA LEU D 575 21.64 40.71 -24.75
C LEU D 575 20.43 40.31 -23.92
N ILE D 576 20.62 39.44 -22.93
CA ILE D 576 19.48 39.20 -22.01
C ILE D 576 19.26 40.51 -21.27
N GLU D 577 18.01 40.88 -21.03
CA GLU D 577 17.72 42.16 -20.34
C GLU D 577 17.99 41.97 -18.86
N ASN D 578 17.65 42.98 -18.05
CA ASN D 578 17.96 42.89 -16.63
C ASN D 578 16.81 43.31 -15.74
N ALA D 579 16.41 44.57 -15.79
CA ALA D 579 15.39 45.05 -14.86
C ALA D 579 13.98 44.75 -15.39
N TYR D 580 13.72 43.49 -15.69
CA TYR D 580 12.40 42.97 -16.01
C TYR D 580 11.86 42.09 -14.89
N ASP D 581 10.55 41.81 -14.94
CA ASP D 581 9.92 40.92 -13.95
C ASP D 581 9.95 39.50 -14.48
N TYR D 582 11.14 38.89 -14.40
CA TYR D 582 11.38 37.50 -14.74
C TYR D 582 11.10 36.57 -13.57
N MET D 583 11.14 35.27 -13.88
CA MET D 583 11.33 34.21 -12.88
C MET D 583 12.20 33.05 -13.36
N VAL D 584 12.28 32.76 -14.66
CA VAL D 584 12.96 31.56 -15.15
C VAL D 584 13.81 31.90 -16.36
N ILE D 585 15.13 31.69 -16.25
CA ILE D 585 16.09 31.82 -17.36
C ILE D 585 16.87 30.51 -17.42
N ASP D 586 16.82 29.77 -18.53
CA ASP D 586 17.79 28.67 -18.66
C ASP D 586 18.39 28.59 -20.05
N LEU D 587 19.71 28.70 -20.12
CA LEU D 587 20.49 28.70 -21.36
C LEU D 587 21.47 27.53 -21.43
N SER D 588 21.16 26.42 -20.78
CA SER D 588 22.09 25.31 -20.64
C SER D 588 22.17 24.44 -21.90
N SER D 589 23.18 23.57 -21.93
CA SER D 589 23.39 22.55 -22.98
C SER D 589 23.56 23.16 -24.36
N ASN D 590 24.52 24.07 -24.50
CA ASN D 590 24.68 24.83 -25.74
C ASN D 590 26.16 25.04 -26.05
N ASN D 591 26.43 25.91 -27.03
CA ASN D 591 27.75 26.32 -27.47
C ASN D 591 27.96 27.84 -27.32
N PHE D 592 27.45 28.45 -26.23
CA PHE D 592 27.63 29.86 -25.88
C PHE D 592 29.00 30.17 -25.27
N SER D 593 29.36 31.47 -25.25
CA SER D 593 30.59 31.93 -24.61
C SER D 593 30.39 33.32 -24.01
N GLY D 594 31.48 33.87 -23.45
CA GLY D 594 31.52 35.25 -22.99
C GLY D 594 31.64 35.46 -21.48
N PRO D 595 31.52 36.72 -21.05
CA PRO D 595 31.51 37.07 -19.62
C PRO D 595 30.14 36.87 -18.98
N LEU D 596 30.08 37.10 -17.66
CA LEU D 596 28.86 36.75 -16.91
C LEU D 596 27.70 37.60 -17.42
N PRO D 597 26.57 37.01 -17.77
CA PRO D 597 25.38 37.80 -18.07
C PRO D 597 24.79 38.40 -16.79
N LEU D 598 24.36 39.65 -16.87
CA LEU D 598 23.80 40.33 -15.72
C LEU D 598 22.47 39.67 -15.33
N VAL D 599 22.35 39.32 -14.06
CA VAL D 599 21.20 38.56 -13.56
C VAL D 599 20.04 39.51 -13.25
N PRO D 600 18.82 39.22 -13.70
CA PRO D 600 17.67 40.09 -13.37
C PRO D 600 17.44 40.18 -11.87
N THR D 601 16.76 41.26 -11.47
CA THR D 601 16.77 41.60 -10.04
C THR D 601 15.79 40.72 -9.27
N ASN D 602 14.69 40.33 -9.90
CA ASN D 602 13.66 39.50 -9.28
C ASN D 602 13.59 38.12 -9.93
N VAL D 603 14.59 37.74 -10.73
CA VAL D 603 14.60 36.40 -11.31
C VAL D 603 14.93 35.38 -10.23
N GLN D 604 14.44 34.15 -10.41
CA GLN D 604 14.53 33.11 -9.39
C GLN D 604 15.36 31.90 -9.77
N ILE D 605 15.25 31.38 -11.00
CA ILE D 605 16.15 30.31 -11.44
C ILE D 605 16.91 30.75 -12.69
N PHE D 606 18.23 30.50 -12.68
CA PHE D 606 19.21 31.06 -13.62
C PHE D 606 20.18 29.93 -14.02
N TYR D 607 19.92 29.30 -15.17
CA TYR D 607 20.65 28.09 -15.57
C TYR D 607 21.54 28.36 -16.79
N LEU D 608 22.86 28.26 -16.56
CA LEU D 608 23.90 28.49 -17.56
C LEU D 608 24.85 27.29 -17.69
N HIS D 609 24.46 26.10 -17.24
CA HIS D 609 25.41 24.99 -17.23
C HIS D 609 25.57 24.41 -18.65
N LYS D 610 26.64 23.64 -18.85
CA LYS D 610 26.98 23.04 -20.15
C LYS D 610 27.29 24.13 -21.18
N ASN D 611 28.20 25.04 -20.85
CA ASN D 611 28.55 26.12 -21.78
C ASN D 611 30.07 26.34 -21.82
N GLN D 612 30.44 27.43 -22.48
CA GLN D 612 31.80 27.86 -22.77
C GLN D 612 31.96 29.33 -22.39
N PHE D 613 31.36 29.71 -21.26
CA PHE D 613 31.53 31.01 -20.63
C PHE D 613 32.94 31.10 -20.06
N PHE D 614 33.31 32.30 -19.60
CA PHE D 614 34.60 32.47 -18.93
C PHE D 614 34.67 33.87 -18.31
N GLY D 615 35.64 34.04 -17.42
CA GLY D 615 35.85 35.30 -16.75
C GLY D 615 35.37 35.27 -15.31
N SER D 616 35.48 36.43 -14.67
CA SER D 616 35.07 36.56 -13.29
C SER D 616 33.55 36.40 -13.17
N ILE D 617 33.10 36.13 -11.96
CA ILE D 617 31.69 36.14 -11.60
C ILE D 617 31.47 37.10 -10.45
N SER D 618 32.15 38.24 -10.51
CA SER D 618 32.09 39.27 -9.48
C SER D 618 30.91 40.23 -9.62
N SER D 619 30.21 40.22 -10.75
CA SER D 619 29.13 41.20 -10.96
C SER D 619 27.78 40.76 -10.39
N ILE D 620 27.58 39.46 -10.16
CA ILE D 620 26.30 38.97 -9.67
C ILE D 620 26.00 39.48 -8.26
N CYS D 621 26.98 39.35 -7.37
CA CYS D 621 26.74 39.63 -5.92
C CYS D 621 26.40 41.08 -5.57
N LYS D 622 27.19 42.04 -6.03
CA LYS D 622 26.95 43.42 -5.54
C LYS D 622 25.55 43.82 -5.96
N SER D 623 25.16 43.47 -7.17
CA SER D 623 23.74 43.73 -7.53
C SER D 623 22.87 42.83 -6.66
N THR D 624 21.66 43.22 -6.25
CA THR D 624 20.87 42.34 -5.34
C THR D 624 19.93 41.41 -6.12
N THR D 625 20.42 40.29 -6.66
CA THR D 625 19.59 39.38 -7.52
C THR D 625 18.39 38.65 -6.91
N GLY D 626 18.46 38.10 -5.70
CA GLY D 626 17.26 37.50 -5.10
C GLY D 626 16.88 36.12 -5.65
N ALA D 627 17.69 35.54 -6.53
CA ALA D 627 17.43 34.20 -7.12
C ALA D 627 17.74 33.07 -6.13
N THR D 628 17.17 31.87 -6.35
CA THR D 628 17.44 30.72 -5.45
C THR D 628 18.22 29.59 -6.14
N SER D 629 18.04 29.34 -7.44
CA SER D 629 18.86 28.34 -8.16
C SER D 629 19.72 28.92 -9.28
N LEU D 630 21.04 28.70 -9.25
CA LEU D 630 21.94 29.09 -10.37
C LEU D 630 22.83 27.89 -10.72
N ASP D 631 23.00 27.56 -12.01
CA ASP D 631 23.96 26.47 -12.34
C ASP D 631 25.06 26.99 -13.26
N LEU D 632 26.32 26.85 -12.85
CA LEU D 632 27.49 27.28 -13.67
C LEU D 632 28.29 26.05 -14.09
N SER D 633 27.73 24.86 -13.94
CA SER D 633 28.51 23.61 -14.20
C SER D 633 28.86 23.47 -15.67
N HIS D 634 29.95 22.77 -15.97
CA HIS D 634 30.29 22.51 -17.38
C HIS D 634 30.42 23.85 -18.09
N ASN D 635 31.07 24.82 -17.44
CA ASN D 635 31.31 26.14 -18.06
C ASN D 635 32.81 26.41 -17.98
N GLN D 636 33.35 27.25 -18.86
CA GLN D 636 34.81 27.51 -18.92
C GLN D 636 35.15 28.71 -18.04
N PHE D 637 34.18 29.24 -17.30
CA PHE D 637 34.42 30.46 -16.51
C PHE D 637 35.53 30.23 -15.50
N SER D 638 36.41 31.22 -15.33
CA SER D 638 37.46 31.13 -14.29
C SER D 638 37.33 32.34 -13.38
N GLY D 639 37.26 32.15 -12.07
CA GLY D 639 37.03 33.32 -11.20
C GLY D 639 37.41 33.13 -9.75
N GLU D 640 37.51 34.23 -9.00
CA GLU D 640 37.66 34.10 -7.54
C GLU D 640 36.33 34.62 -6.99
N LEU D 641 35.63 33.84 -6.17
CA LEU D 641 34.26 34.24 -5.76
C LEU D 641 34.29 35.53 -4.96
N PRO D 642 33.40 36.50 -5.22
CA PRO D 642 33.38 37.70 -4.39
C PRO D 642 32.58 37.49 -3.11
N ASP D 643 33.00 38.12 -2.01
CA ASP D 643 32.21 38.01 -0.75
C ASP D 643 31.09 39.04 -0.72
N CYS D 644 30.16 38.98 -1.67
CA CYS D 644 28.95 39.86 -1.62
C CYS D 644 27.76 38.92 -1.62
N TRP D 645 27.96 37.70 -1.16
CA TRP D 645 26.92 36.65 -1.24
C TRP D 645 25.70 37.13 -0.46
N MET D 646 25.95 37.96 0.54
CA MET D 646 24.86 38.45 1.43
C MET D 646 23.80 39.15 0.60
N ASN D 647 24.20 39.73 -0.53
CA ASN D 647 23.24 40.51 -1.35
C ASN D 647 22.18 39.52 -1.86
N ALA D 648 22.54 38.23 -1.97
CA ALA D 648 21.50 37.27 -2.37
C ALA D 648 21.43 36.13 -1.37
N THR D 649 20.90 36.40 -0.18
CA THR D 649 20.69 35.37 0.85
C THR D 649 19.69 34.34 0.35
N ASN D 650 18.66 34.77 -0.37
CA ASN D 650 17.58 33.81 -0.70
C ASN D 650 18.00 32.99 -1.90
N LEU D 651 19.06 32.20 -1.74
CA LEU D 651 19.49 31.29 -2.81
C LEU D 651 19.60 29.91 -2.16
N ALA D 652 19.03 28.87 -2.77
CA ALA D 652 19.06 27.58 -2.05
C ALA D 652 19.84 26.55 -2.85
N VAL D 653 20.20 26.88 -4.08
CA VAL D 653 20.91 25.86 -4.92
C VAL D 653 22.05 26.54 -5.67
N LEU D 654 23.27 26.10 -5.39
CA LEU D 654 24.47 26.67 -6.01
C LEU D 654 25.27 25.55 -6.67
N ASN D 655 25.57 25.70 -7.96
CA ASN D 655 26.22 24.64 -8.72
C ASN D 655 27.36 25.30 -9.46
N LEU D 656 28.52 25.41 -8.81
CA LEU D 656 29.73 25.94 -9.42
C LEU D 656 30.71 24.85 -9.85
N ALA D 657 30.32 23.57 -9.78
CA ALA D 657 31.22 22.47 -10.07
C ALA D 657 31.70 22.53 -11.51
N TYR D 658 32.86 21.91 -11.75
CA TYR D 658 33.42 21.77 -13.10
C TYR D 658 33.84 23.14 -13.64
N ASN D 659 34.56 23.89 -12.80
CA ASN D 659 35.11 25.19 -13.17
C ASN D 659 36.55 25.33 -12.67
N ASN D 660 37.32 26.20 -13.34
CA ASN D 660 38.60 26.78 -12.84
C ASN D 660 38.50 27.96 -11.89
N PHE D 661 37.76 27.78 -10.80
CA PHE D 661 37.64 28.85 -9.77
C PHE D 661 38.82 28.77 -8.79
N SER D 662 39.82 29.62 -8.98
CA SER D 662 41.01 29.69 -8.09
C SER D 662 40.74 30.12 -6.65
N GLY D 663 39.84 31.05 -6.41
CA GLY D 663 39.73 31.73 -5.10
C GLY D 663 39.41 30.97 -3.83
N LYS D 664 39.95 31.46 -2.71
CA LYS D 664 39.68 30.88 -1.39
C LYS D 664 38.20 31.08 -1.09
N LEU D 665 37.57 30.14 -0.40
CA LEU D 665 36.10 30.23 -0.26
C LEU D 665 35.67 31.47 0.51
N PRO D 666 34.61 32.15 0.03
CA PRO D 666 34.08 33.35 0.68
C PRO D 666 33.30 33.25 2.00
N GLN D 667 33.50 34.20 2.92
CA GLN D 667 32.71 34.27 4.17
C GLN D 667 31.24 34.51 3.86
N SER D 668 30.96 35.36 2.87
CA SER D 668 29.57 35.80 2.57
C SER D 668 28.72 34.59 2.21
N LEU D 669 29.31 33.56 1.63
CA LEU D 669 28.50 32.43 1.16
C LEU D 669 27.78 31.93 2.41
N GLY D 670 28.46 31.96 3.54
CA GLY D 670 27.83 31.44 4.77
C GLY D 670 26.57 32.24 5.05
N SER D 671 26.61 33.55 4.85
CA SER D 671 25.40 34.39 5.04
C SER D 671 24.19 33.76 4.34
N LEU D 672 24.42 32.95 3.31
CA LEU D 672 23.26 32.40 2.57
C LEU D 672 22.68 31.31 3.44
N THR D 673 21.90 31.73 4.44
CA THR D 673 21.35 30.78 5.44
C THR D 673 20.43 29.75 4.82
N ASN D 674 19.56 30.15 3.90
CA ASN D 674 18.70 29.14 3.26
C ASN D 674 19.39 28.51 2.07
N LEU D 675 20.37 27.62 2.29
CA LEU D 675 20.91 26.92 1.09
C LEU D 675 20.73 25.43 1.25
N GLU D 676 19.93 24.79 0.41
CA GLU D 676 19.87 23.31 0.40
C GLU D 676 21.16 22.70 -0.13
N ALA D 677 21.74 23.29 -1.19
CA ALA D 677 22.91 22.63 -1.83
C ALA D 677 24.05 23.54 -2.26
N LEU D 678 25.31 23.06 -2.13
CA LEU D 678 26.49 23.79 -2.67
C LEU D 678 27.26 22.84 -3.57
N TYR D 679 27.58 23.24 -4.81
CA TYR D 679 28.45 22.37 -5.64
C TYR D 679 29.72 23.13 -6.00
N MET D 680 30.88 22.62 -5.56
CA MET D 680 32.19 23.24 -5.87
C MET D 680 33.14 22.22 -6.51
N ARG D 681 32.64 21.12 -7.04
CA ARG D 681 33.54 20.03 -7.50
C ARG D 681 34.43 20.42 -8.67
N GLN D 682 35.61 19.81 -8.75
CA GLN D 682 36.50 20.05 -9.91
C GLN D 682 36.75 21.55 -10.03
N ASN D 683 36.99 22.17 -8.89
CA ASN D 683 37.28 23.62 -8.85
C ASN D 683 38.63 23.75 -8.17
N SER D 684 39.32 24.87 -8.36
CA SER D 684 40.72 25.03 -7.87
C SER D 684 40.72 25.74 -6.53
N PHE D 685 39.57 25.81 -5.86
CA PHE D 685 39.51 26.63 -4.63
C PHE D 685 40.51 26.15 -3.60
N SER D 686 41.14 27.10 -2.91
CA SER D 686 42.21 26.79 -1.93
C SER D 686 41.95 27.54 -0.63
N GLY D 687 42.52 27.07 0.47
CA GLY D 687 42.39 27.78 1.75
C GLY D 687 41.38 27.16 2.70
N MET D 688 41.46 27.53 3.98
CA MET D 688 40.59 26.92 5.01
C MET D 688 39.13 27.25 4.75
N LEU D 689 38.24 26.33 5.06
CA LEU D 689 36.79 26.49 4.76
C LEU D 689 36.17 27.66 5.53
N PRO D 690 35.26 28.43 4.89
CA PRO D 690 34.54 29.49 5.57
C PRO D 690 33.47 28.87 6.47
N SER D 691 33.07 29.52 7.56
CA SER D 691 32.01 28.89 8.35
C SER D 691 30.74 28.81 7.53
N LEU D 692 30.07 27.67 7.52
CA LEU D 692 28.76 27.52 6.85
C LEU D 692 27.80 27.22 7.99
N SER D 693 28.17 27.58 9.20
CA SER D 693 27.38 27.16 10.39
C SER D 693 25.96 27.69 10.33
N GLN D 694 25.81 28.95 9.92
CA GLN D 694 24.47 29.56 9.85
C GLN D 694 23.65 28.82 8.78
N CYS D 695 24.32 28.20 7.82
CA CYS D 695 23.54 27.56 6.72
C CYS D 695 23.13 26.19 7.23
N GLN D 696 22.25 26.16 8.23
CA GLN D 696 21.86 24.89 8.87
C GLN D 696 21.14 23.97 7.90
N SER D 697 20.31 24.51 7.03
CA SER D 697 19.46 23.64 6.18
C SER D 697 20.14 23.03 4.95
N LEU D 698 21.46 23.10 4.79
CA LEU D 698 22.00 22.42 3.59
C LEU D 698 21.86 20.91 3.74
N GLN D 699 21.40 20.25 2.69
CA GLN D 699 21.27 18.77 2.72
C GLN D 699 22.33 18.12 1.84
N ILE D 700 22.97 18.90 0.97
CA ILE D 700 23.96 18.33 0.01
C ILE D 700 25.15 19.29 -0.05
N LEU D 701 26.35 18.74 0.05
CA LEU D 701 27.56 19.57 0.09
C LEU D 701 28.70 18.72 -0.46
N ASP D 702 29.13 18.95 -1.72
CA ASP D 702 30.36 18.28 -2.18
C ASP D 702 31.43 19.27 -2.63
N LEU D 703 32.66 18.96 -2.27
CA LEU D 703 33.84 19.76 -2.54
C LEU D 703 34.88 18.92 -3.28
N GLY D 704 34.42 17.94 -4.06
CA GLY D 704 35.34 16.95 -4.60
C GLY D 704 36.33 17.55 -5.58
N GLY D 705 37.57 17.07 -5.53
CA GLY D 705 38.54 17.44 -6.53
C GLY D 705 39.16 18.83 -6.45
N ASN D 706 39.23 19.41 -5.26
CA ASN D 706 39.75 20.76 -5.08
C ASN D 706 41.12 20.70 -4.41
N LYS D 707 41.50 21.78 -3.74
CA LYS D 707 42.72 21.84 -2.97
C LYS D 707 42.45 22.55 -1.64
N LEU D 708 41.43 22.09 -0.92
CA LEU D 708 41.12 22.77 0.33
C LEU D 708 41.99 22.21 1.43
N THR D 709 42.27 23.04 2.42
CA THR D 709 43.16 22.71 3.50
C THR D 709 42.53 22.97 4.86
N GLY D 710 43.19 22.49 5.88
CA GLY D 710 42.68 22.57 7.23
C GLY D 710 42.13 21.25 7.68
N ARG D 711 41.89 21.15 8.99
CA ARG D 711 41.24 19.99 9.55
C ARG D 711 39.74 20.09 9.24
N ILE D 712 39.11 18.94 9.00
CA ILE D 712 37.64 18.89 8.84
C ILE D 712 37.02 19.39 10.14
N PRO D 713 36.26 20.47 10.10
CA PRO D 713 35.95 21.21 11.33
C PRO D 713 34.90 20.47 12.12
N ALA D 714 34.72 20.91 13.35
CA ALA D 714 33.64 20.35 14.14
C ALA D 714 32.29 20.75 13.55
N TRP D 715 32.17 22.00 13.05
CA TRP D 715 30.85 22.51 12.68
C TRP D 715 30.13 21.69 11.62
N ILE D 716 30.80 20.82 10.87
CA ILE D 716 30.04 19.91 10.01
C ILE D 716 29.26 18.90 10.84
N GLY D 717 29.87 18.33 11.87
CA GLY D 717 29.08 17.42 12.68
C GLY D 717 28.31 18.16 13.77
N THR D 718 28.77 19.35 14.13
CA THR D 718 28.27 20.08 15.29
C THR D 718 27.09 20.95 14.93
N ASP D 719 27.13 21.61 13.77
CA ASP D 719 26.04 22.59 13.50
C ASP D 719 25.06 22.16 12.41
N LEU D 720 25.51 21.82 11.21
CA LEU D 720 24.47 21.64 10.17
C LEU D 720 23.50 20.50 10.46
N LEU D 721 23.95 19.30 10.78
CA LEU D 721 23.07 18.23 11.32
C LEU D 721 22.03 17.78 10.29
N ASN D 722 22.11 18.23 9.04
CA ASN D 722 21.01 17.88 8.10
C ASN D 722 21.54 17.22 6.85
N LEU D 723 22.84 17.02 6.78
CA LEU D 723 23.43 16.55 5.50
C LEU D 723 22.83 15.23 5.08
N ARG D 724 22.46 15.14 3.81
CA ARG D 724 22.07 13.86 3.27
C ARG D 724 23.17 13.28 2.43
N ILE D 725 23.99 14.16 1.82
CA ILE D 725 25.17 13.82 1.03
C ILE D 725 26.29 14.80 1.39
N LEU D 726 27.49 14.28 1.68
CA LEU D 726 28.68 15.07 2.02
C LEU D 726 29.90 14.46 1.35
N SER D 727 30.52 15.18 0.39
CA SER D 727 31.69 14.67 -0.34
C SER D 727 32.83 15.68 -0.27
N LEU D 728 33.95 15.28 0.33
CA LEU D 728 35.12 16.16 0.44
C LEU D 728 36.36 15.48 -0.13
N ARG D 729 36.18 14.73 -1.20
CA ARG D 729 37.21 13.88 -1.79
C ARG D 729 38.26 14.67 -2.55
N PHE D 730 39.41 14.02 -2.73
CA PHE D 730 40.55 14.49 -3.54
C PHE D 730 40.90 15.92 -3.20
N ASN D 731 41.19 16.12 -1.91
CA ASN D 731 41.68 17.40 -1.40
C ASN D 731 42.91 17.19 -0.54
N LYS D 732 43.29 18.22 0.19
CA LYS D 732 44.39 18.15 1.14
C LYS D 732 43.85 18.48 2.53
N PHE D 733 42.99 17.59 3.02
CA PHE D 733 42.40 17.69 4.33
C PHE D 733 43.27 16.91 5.30
N TYR D 734 43.93 17.61 6.22
CA TYR D 734 44.66 16.91 7.25
C TYR D 734 43.82 16.82 8.51
N GLY D 735 44.47 16.57 9.66
CA GLY D 735 43.80 16.43 10.92
C GLY D 735 43.16 15.07 11.14
N SER D 736 42.40 15.01 12.22
CA SER D 736 41.59 13.86 12.59
C SER D 736 40.14 14.04 12.16
N ILE D 737 39.41 12.92 12.17
CA ILE D 737 37.97 12.93 11.90
C ILE D 737 37.20 12.88 13.21
N SER D 738 36.27 13.82 13.36
CA SER D 738 35.30 13.76 14.43
C SER D 738 34.41 12.54 14.23
N PRO D 739 34.14 11.75 15.29
CA PRO D 739 33.20 10.62 15.13
C PRO D 739 31.76 11.06 14.96
N ILE D 740 31.44 12.31 15.34
CA ILE D 740 30.08 12.83 15.23
C ILE D 740 29.61 12.94 13.78
N ILE D 741 30.52 12.94 12.80
CA ILE D 741 30.09 12.93 11.39
C ILE D 741 29.38 11.62 11.04
N CYS D 742 29.64 10.54 11.78
CA CYS D 742 28.89 9.30 11.58
C CYS D 742 27.54 9.33 12.27
N GLN D 743 27.28 10.36 13.06
CA GLN D 743 26.06 10.48 13.83
C GLN D 743 25.04 11.44 13.20
N LEU D 744 25.32 11.93 11.97
CA LEU D 744 24.46 12.90 11.30
C LEU D 744 23.04 12.39 11.11
N GLN D 745 22.87 11.08 10.94
CA GLN D 745 21.62 10.41 11.24
C GLN D 745 20.65 10.62 10.08
N PHE D 746 21.00 11.50 9.12
CA PHE D 746 20.32 11.58 7.83
C PHE D 746 21.24 11.41 6.66
N LEU D 747 22.54 11.49 6.88
CA LEU D 747 23.51 11.30 5.83
C LEU D 747 23.36 9.93 5.19
N GLN D 748 23.16 9.91 3.88
CA GLN D 748 23.07 8.63 3.19
C GLN D 748 24.36 8.28 2.46
N ILE D 749 25.10 9.30 2.01
CA ILE D 749 26.32 9.12 1.26
C ILE D 749 27.44 9.90 1.96
N LEU D 750 28.54 9.23 2.23
CA LEU D 750 29.69 9.86 2.84
C LEU D 750 30.91 9.46 2.02
N ASP D 751 31.68 10.45 1.55
CA ASP D 751 32.89 10.21 0.77
C ASP D 751 34.00 11.15 1.22
N LEU D 752 35.09 10.58 1.76
CA LEU D 752 36.29 11.32 2.14
C LEU D 752 37.57 10.64 1.62
N SER D 753 37.54 10.07 0.42
CA SER D 753 38.71 9.32 -0.01
C SER D 753 39.85 10.27 -0.36
N ALA D 754 41.08 9.76 -0.19
CA ALA D 754 42.30 10.40 -0.69
C ALA D 754 42.46 11.83 -0.19
N ASN D 755 42.60 11.99 1.12
CA ASN D 755 42.82 13.32 1.67
C ASN D 755 44.01 13.44 2.60
N GLY D 756 44.61 12.34 3.03
CA GLY D 756 45.70 12.48 3.97
C GLY D 756 45.21 12.92 5.32
N LEU D 757 44.27 12.16 5.87
CA LEU D 757 43.81 12.37 7.23
C LEU D 757 44.62 11.54 8.24
N PRO D 780 13.14 13.05 -3.49
CA PRO D 780 12.62 13.68 -2.29
C PRO D 780 13.32 15.01 -1.98
N MET D 781 14.12 15.52 -2.92
CA MET D 781 14.66 16.87 -2.85
C MET D 781 13.91 17.77 -3.81
N GLU D 782 13.65 19.00 -3.36
CA GLU D 782 13.04 19.99 -4.24
C GLU D 782 13.22 21.38 -3.64
N PHE D 783 12.95 22.40 -4.48
CA PHE D 783 12.90 23.81 -4.15
C PHE D 783 11.63 24.38 -4.79
N LEU D 784 11.25 25.62 -4.43
CA LEU D 784 9.99 26.17 -4.90
C LEU D 784 10.22 27.49 -5.61
N VAL D 785 9.44 27.71 -6.67
CA VAL D 785 9.40 28.95 -7.43
C VAL D 785 8.07 29.65 -7.15
N GLN D 786 8.15 30.84 -6.53
CA GLN D 786 7.00 31.54 -5.95
C GLN D 786 6.24 32.27 -7.06
N GLY D 787 4.95 32.00 -7.19
CA GLY D 787 4.14 32.68 -8.19
C GLY D 787 4.14 32.10 -9.58
N PHE D 788 4.62 30.87 -9.77
CA PHE D 788 4.63 30.28 -11.11
C PHE D 788 3.23 30.30 -11.71
N TYR D 789 2.26 29.81 -10.96
CA TYR D 789 0.88 29.67 -11.41
C TYR D 789 0.01 30.76 -10.84
N GLY D 790 0.55 31.97 -10.73
CA GLY D 790 -0.18 33.04 -10.09
C GLY D 790 -0.07 32.94 -8.59
N LYS D 791 -1.15 32.56 -7.93
CA LYS D 791 -1.13 32.47 -6.46
C LYS D 791 -0.28 31.30 -5.98
N TYR D 792 -0.35 30.17 -6.70
CA TYR D 792 0.17 28.87 -6.30
C TYR D 792 1.63 28.77 -6.68
N PRO D 793 2.53 28.40 -5.77
CA PRO D 793 3.91 28.17 -6.16
C PRO D 793 4.03 26.89 -6.97
N ARG D 794 5.25 26.64 -7.49
CA ARG D 794 5.58 25.38 -8.16
C ARG D 794 6.80 24.72 -7.54
N HIS D 795 6.77 23.39 -7.44
CA HIS D 795 7.84 22.61 -6.84
C HIS D 795 8.73 22.00 -7.92
N TYR D 796 10.03 22.30 -7.83
CA TYR D 796 11.00 21.76 -8.80
C TYR D 796 11.97 20.83 -8.07
N SER D 797 12.29 19.69 -8.67
CA SER D 797 13.19 18.70 -8.03
C SER D 797 14.61 18.86 -8.58
N TYR D 798 15.60 18.26 -7.92
CA TYR D 798 16.99 18.45 -8.35
C TYR D 798 17.85 17.29 -7.86
N LEU D 799 18.16 16.33 -8.75
CA LEU D 799 19.01 15.18 -8.38
C LEU D 799 19.30 14.32 -9.61
N GLY D 800 20.38 13.53 -9.56
CA GLY D 800 20.73 12.64 -10.69
C GLY D 800 21.92 11.74 -10.38
N ASN D 801 21.97 10.55 -10.98
CA ASN D 801 23.12 9.64 -10.81
C ASN D 801 23.49 9.56 -9.33
N LEU D 802 22.48 9.48 -8.47
CA LEU D 802 22.75 9.49 -7.01
C LEU D 802 21.50 9.01 -6.27
#